data_1SQL
#
_entry.id   1SQL
#
_cell.length_a   63.55
_cell.length_b   84.22
_cell.length_c   89.05
_cell.angle_alpha   90.14
_cell.angle_beta   89.99
_cell.angle_gamma   76.17
#
_symmetry.space_group_name_H-M   'P 1'
#
loop_
_entity.id
_entity.type
_entity.pdbx_description
1 polymer 'dihydroneopterin aldolase'
2 non-polymer GUANINE
3 water water
#
_entity_poly.entity_id   1
_entity_poly.type   'polypeptide(L)'
_entity_poly.pdbx_seq_one_letter_code
;MHSSLETTAPATLERRESNLGDKLILKGLKFYGFHGAIAEERTLGQMFLVDIDAWVSLKKAGESDNLEDTISYVDIFSLA
KEIVEGSPRNLLETVAELIASKTLEKFHQINAVRVKLSKPNVALIKSTIDYLGVDIFRQRNTSSKN
;
_entity_poly.pdbx_strand_id   A,B,C,D,E,F,G,H,I,J,K,L,M,N,O,P
#
loop_
_chem_comp.id
_chem_comp.type
_chem_comp.name
_chem_comp.formula
GUN non-polymer GUANINE 'C5 H5 N5 O'
#
# COMPACT_ATOMS: atom_id res chain seq x y z
N GLY A 21 -23.37 -21.73 -26.06
CA GLY A 21 -22.49 -22.78 -25.48
C GLY A 21 -21.39 -23.22 -26.43
N ASP A 22 -21.59 -24.38 -27.07
CA ASP A 22 -20.60 -24.90 -28.00
C ASP A 22 -20.45 -24.03 -29.24
N LYS A 23 -19.31 -24.12 -29.88
CA LYS A 23 -19.10 -23.37 -31.10
C LYS A 23 -17.97 -23.95 -31.91
N LEU A 24 -18.03 -23.71 -33.21
CA LEU A 24 -17.01 -24.16 -34.12
C LEU A 24 -16.11 -22.95 -34.27
N ILE A 25 -14.80 -23.18 -34.28
CA ILE A 25 -13.87 -22.07 -34.37
C ILE A 25 -13.00 -22.12 -35.60
N LEU A 26 -12.91 -20.97 -36.28
CA LEU A 26 -12.05 -20.84 -37.42
C LEU A 26 -11.19 -19.64 -37.01
N LYS A 27 -9.93 -19.92 -36.71
CA LYS A 27 -9.00 -18.90 -36.24
C LYS A 27 -7.90 -18.51 -37.20
N GLY A 28 -7.62 -17.21 -37.24
CA GLY A 28 -6.57 -16.68 -38.09
C GLY A 28 -6.61 -17.04 -39.56
N LEU A 29 -7.78 -16.95 -40.18
CA LEU A 29 -7.86 -17.25 -41.60
C LEU A 29 -7.24 -16.07 -42.35
N LYS A 30 -6.30 -16.35 -43.26
CA LYS A 30 -5.65 -15.31 -44.08
C LYS A 30 -6.17 -15.45 -45.51
N PHE A 31 -6.81 -14.41 -46.02
CA PHE A 31 -7.35 -14.41 -47.38
C PHE A 31 -6.86 -13.16 -48.09
N TYR A 32 -6.62 -13.26 -49.39
CA TYR A 32 -6.18 -12.09 -50.14
C TYR A 32 -7.46 -11.48 -50.75
N GLY A 33 -7.67 -10.19 -50.54
CA GLY A 33 -8.86 -9.55 -51.04
C GLY A 33 -8.61 -8.13 -51.51
N PHE A 34 -9.65 -7.49 -52.03
CA PHE A 34 -9.47 -6.14 -52.56
C PHE A 34 -10.40 -5.08 -51.99
N HIS A 35 -10.73 -5.20 -50.71
CA HIS A 35 -11.62 -4.22 -50.08
C HIS A 35 -10.89 -2.96 -49.61
N GLY A 36 -11.58 -1.83 -49.60
CA GLY A 36 -10.94 -0.60 -49.15
C GLY A 36 -11.60 0.61 -49.75
N ALA A 37 -11.37 1.77 -49.14
CA ALA A 37 -11.93 3.03 -49.60
C ALA A 37 -11.05 3.67 -50.66
N ILE A 38 -9.73 3.53 -50.49
CA ILE A 38 -8.80 4.11 -51.46
C ILE A 38 -8.80 3.29 -52.75
N ALA A 39 -8.86 3.99 -53.87
CA ALA A 39 -8.87 3.34 -55.18
C ALA A 39 -7.70 2.38 -55.38
N GLU A 40 -6.50 2.81 -55.03
CA GLU A 40 -5.33 1.95 -55.18
C GLU A 40 -5.47 0.65 -54.39
N GLU A 41 -6.22 0.70 -53.29
CA GLU A 41 -6.38 -0.50 -52.48
C GLU A 41 -7.19 -1.53 -53.25
N ARG A 42 -8.15 -1.06 -54.03
CA ARG A 42 -8.98 -1.98 -54.80
C ARG A 42 -8.28 -2.61 -55.98
N THR A 43 -7.28 -1.94 -56.54
CA THR A 43 -6.58 -2.51 -57.66
C THR A 43 -5.44 -3.39 -57.16
N LEU A 44 -4.80 -2.99 -56.07
CA LEU A 44 -3.67 -3.75 -55.53
C LEU A 44 -4.06 -4.91 -54.63
N GLY A 45 -5.02 -4.70 -53.74
CA GLY A 45 -5.44 -5.76 -52.84
C GLY A 45 -4.51 -5.87 -51.64
N GLN A 46 -4.87 -6.72 -50.68
CA GLN A 46 -4.07 -6.93 -49.46
C GLN A 46 -4.55 -8.19 -48.74
N MET A 47 -3.83 -8.57 -47.69
CA MET A 47 -4.21 -9.74 -46.91
C MET A 47 -5.22 -9.34 -45.86
N PHE A 48 -6.13 -10.25 -45.54
CA PHE A 48 -7.14 -10.00 -44.52
C PHE A 48 -7.13 -11.17 -43.53
N LEU A 49 -7.34 -10.87 -42.26
CA LEU A 49 -7.33 -11.88 -41.22
C LEU A 49 -8.74 -12.02 -40.69
N VAL A 50 -9.25 -13.26 -40.69
CA VAL A 50 -10.61 -13.51 -40.23
C VAL A 50 -10.73 -14.55 -39.12
N ASP A 51 -11.47 -14.21 -38.07
CA ASP A 51 -11.75 -15.16 -36.98
C ASP A 51 -13.26 -15.34 -37.04
N ILE A 52 -13.71 -16.57 -36.91
CA ILE A 52 -15.12 -16.88 -36.94
C ILE A 52 -15.44 -17.88 -35.84
N ASP A 53 -16.44 -17.56 -35.03
CA ASP A 53 -16.91 -18.44 -33.97
C ASP A 53 -18.36 -18.70 -34.31
N ALA A 54 -18.71 -19.94 -34.62
CA ALA A 54 -20.10 -20.23 -34.96
C ALA A 54 -20.73 -21.07 -33.86
N TRP A 55 -21.74 -20.51 -33.22
CA TRP A 55 -22.48 -21.15 -32.14
C TRP A 55 -23.45 -22.20 -32.69
N VAL A 56 -23.33 -23.42 -32.18
CA VAL A 56 -24.18 -24.54 -32.59
C VAL A 56 -23.98 -25.73 -31.65
N SER A 57 -25.08 -26.32 -31.16
CA SER A 57 -24.94 -27.46 -30.24
C SER A 57 -24.20 -28.60 -30.92
N LEU A 58 -23.10 -29.03 -30.31
CA LEU A 58 -22.29 -30.10 -30.88
C LEU A 58 -22.48 -31.39 -30.08
N LYS A 59 -23.44 -31.39 -29.16
CA LYS A 59 -23.69 -32.54 -28.30
C LYS A 59 -24.11 -33.77 -29.11
N LYS A 60 -25.04 -33.60 -30.03
CA LYS A 60 -25.50 -34.73 -30.82
C LYS A 60 -24.33 -35.34 -31.62
N ALA A 61 -23.68 -34.51 -32.45
CA ALA A 61 -22.56 -34.99 -33.27
C ALA A 61 -21.45 -35.58 -32.41
N GLY A 62 -21.26 -35.02 -31.22
CA GLY A 62 -20.23 -35.53 -30.32
C GLY A 62 -20.53 -36.94 -29.84
N GLU A 63 -21.81 -37.29 -29.79
CA GLU A 63 -22.17 -38.63 -29.34
C GLU A 63 -22.38 -39.60 -30.48
N SER A 64 -22.67 -39.10 -31.67
CA SER A 64 -22.89 -39.96 -32.82
C SER A 64 -21.66 -40.15 -33.72
N ASP A 65 -20.76 -39.17 -33.72
CA ASP A 65 -19.56 -39.17 -34.56
C ASP A 65 -19.94 -39.18 -36.02
N ASN A 66 -21.07 -38.57 -36.34
CA ASN A 66 -21.57 -38.50 -37.71
C ASN A 66 -21.51 -37.05 -38.18
N LEU A 67 -20.79 -36.80 -39.28
CA LEU A 67 -20.63 -35.45 -39.82
C LEU A 67 -21.98 -34.76 -40.06
N GLU A 68 -22.98 -35.54 -40.47
CA GLU A 68 -24.30 -35.00 -40.76
C GLU A 68 -24.94 -34.33 -39.54
N ASP A 69 -24.53 -34.72 -38.34
CA ASP A 69 -25.10 -34.11 -37.14
C ASP A 69 -24.48 -32.77 -36.79
N THR A 70 -23.53 -32.33 -37.60
CA THR A 70 -22.86 -31.06 -37.36
C THR A 70 -22.71 -30.32 -38.70
N ILE A 71 -21.96 -29.22 -38.69
CA ILE A 71 -21.69 -28.44 -39.89
C ILE A 71 -20.19 -28.59 -40.14
N SER A 72 -19.80 -28.84 -41.37
CA SER A 72 -18.37 -28.99 -41.66
C SER A 72 -17.72 -27.61 -41.60
N TYR A 73 -16.67 -27.47 -40.80
CA TYR A 73 -16.00 -26.17 -40.73
C TYR A 73 -15.29 -25.87 -42.05
N VAL A 74 -15.13 -26.89 -42.89
CA VAL A 74 -14.49 -26.68 -44.17
C VAL A 74 -15.44 -25.87 -45.05
N ASP A 75 -16.74 -26.12 -44.91
CA ASP A 75 -17.70 -25.37 -45.72
C ASP A 75 -17.75 -23.93 -45.21
N ILE A 76 -17.76 -23.75 -43.89
CA ILE A 76 -17.77 -22.42 -43.33
C ILE A 76 -16.52 -21.68 -43.88
N PHE A 77 -15.37 -22.33 -43.83
CA PHE A 77 -14.13 -21.77 -44.34
C PHE A 77 -14.30 -21.36 -45.81
N SER A 78 -14.90 -22.25 -46.60
CA SER A 78 -15.13 -22.01 -48.03
C SER A 78 -16.00 -20.80 -48.31
N LEU A 79 -17.07 -20.66 -47.54
CA LEU A 79 -18.00 -19.54 -47.66
C LEU A 79 -17.25 -18.24 -47.41
N ALA A 80 -16.60 -18.16 -46.25
CA ALA A 80 -15.83 -16.98 -45.86
C ALA A 80 -14.83 -16.62 -46.93
N LYS A 81 -14.13 -17.62 -47.47
CA LYS A 81 -13.15 -17.37 -48.51
C LYS A 81 -13.79 -16.72 -49.73
N GLU A 82 -14.90 -17.30 -50.16
CA GLU A 82 -15.62 -16.79 -51.31
C GLU A 82 -15.96 -15.32 -51.12
N ILE A 83 -16.46 -14.98 -49.94
CA ILE A 83 -16.83 -13.62 -49.65
C ILE A 83 -15.67 -12.65 -49.54
N VAL A 84 -14.61 -13.00 -48.81
CA VAL A 84 -13.47 -12.10 -48.69
C VAL A 84 -12.72 -11.84 -49.99
N GLU A 85 -12.69 -12.83 -50.89
CA GLU A 85 -11.98 -12.69 -52.16
C GLU A 85 -12.91 -12.24 -53.29
N GLY A 86 -14.19 -12.05 -52.95
CA GLY A 86 -15.14 -11.64 -53.97
C GLY A 86 -15.14 -10.16 -54.24
N SER A 87 -16.17 -9.68 -54.94
CA SER A 87 -16.30 -8.27 -55.28
C SER A 87 -15.95 -7.32 -54.12
N PRO A 88 -15.07 -6.36 -54.38
CA PRO A 88 -14.66 -5.41 -53.34
C PRO A 88 -15.78 -4.60 -52.70
N ARG A 89 -15.61 -4.38 -51.40
CA ARG A 89 -16.53 -3.61 -50.58
C ARG A 89 -15.70 -2.45 -50.02
N ASN A 90 -16.35 -1.36 -49.66
CA ASN A 90 -15.65 -0.21 -49.11
C ASN A 90 -15.13 -0.52 -47.72
N LEU A 91 -16.00 -1.07 -46.88
CA LEU A 91 -15.65 -1.32 -45.49
C LEU A 91 -15.56 -2.76 -45.02
N LEU A 92 -14.74 -2.95 -43.98
CA LEU A 92 -14.58 -4.26 -43.39
C LEU A 92 -15.93 -4.65 -42.80
N GLU A 93 -16.65 -3.67 -42.24
CA GLU A 93 -17.96 -3.93 -41.64
C GLU A 93 -18.88 -4.66 -42.63
N THR A 94 -18.87 -4.23 -43.88
CA THR A 94 -19.71 -4.82 -44.91
C THR A 94 -19.31 -6.27 -45.21
N VAL A 95 -18.01 -6.53 -45.29
CA VAL A 95 -17.55 -7.88 -45.56
C VAL A 95 -17.91 -8.81 -44.39
N ALA A 96 -17.69 -8.33 -43.17
CA ALA A 96 -17.99 -9.14 -41.98
C ALA A 96 -19.51 -9.36 -41.87
N GLU A 97 -20.28 -8.37 -42.29
CA GLU A 97 -21.73 -8.46 -42.26
C GLU A 97 -22.19 -9.57 -43.20
N LEU A 98 -21.61 -9.61 -44.40
CA LEU A 98 -21.97 -10.63 -45.39
C LEU A 98 -21.54 -12.00 -44.90
N ILE A 99 -20.34 -12.09 -44.35
CA ILE A 99 -19.84 -13.36 -43.84
C ILE A 99 -20.85 -13.94 -42.85
N ALA A 100 -21.28 -13.09 -41.91
CA ALA A 100 -22.21 -13.52 -40.89
C ALA A 100 -23.57 -13.86 -41.49
N SER A 101 -24.09 -12.91 -42.26
CA SER A 101 -25.39 -13.06 -42.90
C SER A 101 -25.48 -14.29 -43.80
N LYS A 102 -24.42 -14.55 -44.56
CA LYS A 102 -24.43 -15.69 -45.46
C LYS A 102 -24.26 -17.02 -44.71
N THR A 103 -23.49 -17.01 -43.62
CA THR A 103 -23.28 -18.22 -42.85
C THR A 103 -24.60 -18.62 -42.16
N LEU A 104 -25.31 -17.63 -41.62
CA LEU A 104 -26.59 -17.93 -40.95
C LEU A 104 -27.60 -18.44 -41.96
N GLU A 105 -27.55 -17.89 -43.16
CA GLU A 105 -28.47 -18.31 -44.22
C GLU A 105 -28.17 -19.67 -44.83
N LYS A 106 -26.90 -20.03 -44.96
CA LYS A 106 -26.57 -21.31 -45.58
C LYS A 106 -26.59 -22.48 -44.59
N PHE A 107 -26.35 -22.18 -43.31
CA PHE A 107 -26.33 -23.24 -42.29
C PHE A 107 -27.39 -22.97 -41.21
N HIS A 108 -28.56 -23.59 -41.36
CA HIS A 108 -29.63 -23.36 -40.40
C HIS A 108 -29.29 -23.79 -38.97
N GLN A 109 -28.31 -24.67 -38.80
CA GLN A 109 -27.95 -25.12 -37.46
C GLN A 109 -27.23 -24.05 -36.64
N ILE A 110 -26.51 -23.16 -37.30
CA ILE A 110 -25.79 -22.11 -36.57
C ILE A 110 -26.82 -21.15 -35.97
N ASN A 111 -26.69 -20.86 -34.67
CA ASN A 111 -27.62 -19.95 -34.00
C ASN A 111 -27.07 -18.55 -33.92
N ALA A 112 -25.75 -18.45 -33.97
CA ALA A 112 -25.12 -17.14 -33.88
C ALA A 112 -23.70 -17.19 -34.40
N VAL A 113 -23.22 -16.06 -34.90
CA VAL A 113 -21.89 -15.98 -35.46
C VAL A 113 -21.19 -14.71 -35.01
N ARG A 114 -19.93 -14.85 -34.64
CA ARG A 114 -19.12 -13.70 -34.25
C ARG A 114 -18.03 -13.66 -35.32
N VAL A 115 -17.91 -12.52 -35.98
CA VAL A 115 -16.93 -12.36 -37.05
C VAL A 115 -15.96 -11.24 -36.72
N LYS A 116 -14.67 -11.56 -36.77
CA LYS A 116 -13.61 -10.59 -36.53
C LYS A 116 -12.88 -10.53 -37.87
N LEU A 117 -12.87 -9.36 -38.49
CA LEU A 117 -12.24 -9.15 -39.78
C LEU A 117 -11.25 -8.01 -39.60
N SER A 118 -10.00 -8.24 -39.95
CA SER A 118 -9.00 -7.21 -39.76
C SER A 118 -7.98 -7.13 -40.88
N LYS A 119 -7.29 -6.00 -40.92
CA LYS A 119 -6.24 -5.72 -41.89
C LYS A 119 -4.90 -5.65 -41.14
N PRO A 120 -4.02 -6.64 -41.34
CA PRO A 120 -2.75 -6.52 -40.61
C PRO A 120 -1.82 -5.48 -41.23
N ASN A 121 -2.11 -5.10 -42.48
CA ASN A 121 -1.30 -4.11 -43.17
C ASN A 121 -2.17 -2.97 -43.66
N VAL A 122 -2.26 -1.91 -42.86
CA VAL A 122 -3.06 -0.76 -43.22
C VAL A 122 -2.20 0.24 -43.99
N ALA A 123 -2.62 0.55 -45.20
CA ALA A 123 -1.89 1.49 -46.07
C ALA A 123 -1.63 2.86 -45.43
N LEU A 124 -0.39 3.34 -45.59
CA LEU A 124 0.04 4.63 -45.06
C LEU A 124 0.30 4.72 -43.56
N ILE A 125 0.07 3.63 -42.82
CA ILE A 125 0.37 3.64 -41.39
C ILE A 125 1.78 3.08 -41.27
N LYS A 126 2.70 3.89 -40.77
CA LYS A 126 4.08 3.43 -40.65
C LYS A 126 4.62 3.23 -39.24
N SER A 127 3.74 2.93 -38.29
CA SER A 127 4.13 2.76 -36.88
C SER A 127 4.24 1.35 -36.31
N THR A 128 3.80 0.34 -37.07
CA THR A 128 3.79 -1.06 -36.60
C THR A 128 2.62 -1.29 -35.65
N ILE A 129 1.72 -2.19 -36.03
CA ILE A 129 0.55 -2.51 -35.22
C ILE A 129 0.40 -4.00 -35.42
N ASP A 130 -0.60 -4.61 -34.76
CA ASP A 130 -0.85 -6.02 -35.00
C ASP A 130 -1.87 -6.01 -36.15
N TYR A 131 -2.93 -5.23 -35.97
CA TYR A 131 -3.98 -5.11 -36.98
C TYR A 131 -5.08 -4.13 -36.54
N LEU A 132 -5.87 -3.69 -37.51
CA LEU A 132 -6.99 -2.80 -37.25
C LEU A 132 -8.14 -3.58 -37.86
N GLY A 133 -9.32 -3.56 -37.26
CA GLY A 133 -10.42 -4.31 -37.84
C GLY A 133 -11.73 -4.13 -37.10
N VAL A 134 -12.70 -4.98 -37.43
CA VAL A 134 -14.02 -4.92 -36.78
C VAL A 134 -14.31 -6.24 -36.06
N ASP A 135 -15.34 -6.23 -35.22
CA ASP A 135 -15.71 -7.40 -34.45
C ASP A 135 -17.21 -7.31 -34.18
N ILE A 136 -17.99 -8.11 -34.91
CA ILE A 136 -19.46 -8.10 -34.76
C ILE A 136 -20.01 -9.44 -34.34
N PHE A 137 -21.21 -9.41 -33.75
CA PHE A 137 -21.89 -10.62 -33.30
C PHE A 137 -23.30 -10.62 -33.89
N ARG A 138 -23.63 -11.68 -34.61
CA ARG A 138 -24.93 -11.78 -35.24
C ARG A 138 -25.65 -13.07 -34.85
N GLN A 139 -26.83 -12.90 -34.26
CA GLN A 139 -27.65 -14.00 -33.80
C GLN A 139 -28.78 -14.28 -34.79
N ARG A 140 -29.25 -15.51 -34.82
CA ARG A 140 -30.35 -15.91 -35.70
C ARG A 140 -31.54 -14.99 -35.43
N GLY B 21 -21.46 -7.90 -28.83
CA GLY B 21 -21.12 -6.44 -28.81
C GLY B 21 -20.27 -6.08 -30.02
N ASP B 22 -20.78 -5.19 -30.87
CA ASP B 22 -20.08 -4.75 -32.07
C ASP B 22 -18.99 -3.75 -31.69
N LYS B 23 -17.82 -3.87 -32.29
CA LYS B 23 -16.78 -2.92 -31.98
C LYS B 23 -15.68 -2.82 -33.01
N LEU B 24 -14.98 -1.69 -32.98
CA LEU B 24 -13.85 -1.44 -33.87
C LEU B 24 -12.64 -1.86 -33.03
N ILE B 25 -11.69 -2.55 -33.66
CA ILE B 25 -10.52 -3.06 -32.95
C ILE B 25 -9.16 -2.55 -33.42
N LEU B 26 -8.40 -1.93 -32.52
CA LEU B 26 -7.06 -1.49 -32.85
C LEU B 26 -6.20 -2.31 -31.88
N LYS B 27 -5.48 -3.28 -32.44
CA LYS B 27 -4.66 -4.19 -31.66
C LYS B 27 -3.14 -4.04 -31.80
N GLY B 28 -2.46 -3.92 -30.66
CA GLY B 28 -1.01 -3.82 -30.63
C GLY B 28 -0.34 -2.62 -31.26
N LEU B 29 -0.89 -1.43 -31.05
CA LEU B 29 -0.30 -0.24 -31.60
C LEU B 29 1.00 0.05 -30.85
N LYS B 30 2.09 0.18 -31.59
CA LYS B 30 3.40 0.48 -31.01
C LYS B 30 3.75 1.92 -31.35
N PHE B 31 4.04 2.70 -30.31
CA PHE B 31 4.38 4.11 -30.42
C PHE B 31 5.54 4.46 -29.48
N TYR B 32 6.47 5.29 -29.95
CA TYR B 32 7.57 5.68 -29.09
C TYR B 32 7.15 6.96 -28.38
N GLY B 33 7.40 7.03 -27.07
CA GLY B 33 7.02 8.19 -26.29
C GLY B 33 7.94 8.44 -25.11
N PHE B 34 7.61 9.42 -24.25
CA PHE B 34 8.48 9.73 -23.13
C PHE B 34 7.84 9.81 -21.73
N HIS B 35 6.73 9.12 -21.55
CA HIS B 35 6.04 9.11 -20.26
C HIS B 35 6.82 8.35 -19.18
N GLY B 36 6.48 8.60 -17.93
CA GLY B 36 7.14 7.93 -16.82
C GLY B 36 7.60 8.86 -15.70
N ALA B 37 7.82 8.29 -14.52
CA ALA B 37 8.27 9.07 -13.36
C ALA B 37 9.78 9.25 -13.33
N ILE B 38 10.52 8.19 -13.64
CA ILE B 38 11.99 8.28 -13.63
C ILE B 38 12.47 9.33 -14.62
N ALA B 39 13.47 10.10 -14.22
CA ALA B 39 14.01 11.17 -15.06
C ALA B 39 14.66 10.63 -16.32
N GLU B 40 15.32 9.49 -16.20
CA GLU B 40 15.97 8.87 -17.35
C GLU B 40 14.94 8.43 -18.39
N GLU B 41 13.76 8.04 -17.92
CA GLU B 41 12.69 7.59 -18.82
C GLU B 41 12.20 8.79 -19.61
N ARG B 42 12.04 9.90 -18.90
CA ARG B 42 11.57 11.13 -19.51
C ARG B 42 12.53 11.56 -20.58
N THR B 43 13.82 11.35 -20.34
CA THR B 43 14.86 11.74 -21.28
C THR B 43 15.03 10.78 -22.44
N LEU B 44 15.19 9.50 -22.13
CA LEU B 44 15.41 8.47 -23.15
C LEU B 44 14.19 8.04 -23.93
N GLY B 45 13.05 7.99 -23.26
CA GLY B 45 11.83 7.56 -23.92
C GLY B 45 11.82 6.04 -23.93
N GLN B 46 10.81 5.46 -24.59
CA GLN B 46 10.66 4.00 -24.70
C GLN B 46 9.44 3.68 -25.59
N MET B 47 9.24 2.40 -25.84
CA MET B 47 8.10 1.95 -26.65
C MET B 47 6.89 1.73 -25.75
N PHE B 48 5.71 2.08 -26.28
CA PHE B 48 4.45 1.89 -25.56
C PHE B 48 3.58 1.03 -26.46
N LEU B 49 2.73 0.21 -25.86
CA LEU B 49 1.81 -0.67 -26.57
C LEU B 49 0.39 -0.26 -26.20
N VAL B 50 -0.48 -0.13 -27.20
CA VAL B 50 -1.87 0.26 -26.95
C VAL B 50 -2.88 -0.61 -27.70
N ASP B 51 -3.90 -1.08 -26.98
CA ASP B 51 -5.00 -1.84 -27.58
C ASP B 51 -6.24 -0.97 -27.28
N ILE B 52 -7.05 -0.68 -28.30
CA ILE B 52 -8.26 0.11 -28.11
C ILE B 52 -9.47 -0.59 -28.72
N ASP B 53 -10.52 -0.74 -27.92
CA ASP B 53 -11.77 -1.36 -28.38
C ASP B 53 -12.84 -0.27 -28.34
N ALA B 54 -13.45 0.00 -29.48
CA ALA B 54 -14.47 1.04 -29.55
C ALA B 54 -15.83 0.46 -29.87
N TRP B 55 -16.68 0.37 -28.85
CA TRP B 55 -18.03 -0.15 -29.00
C TRP B 55 -18.93 0.82 -29.76
N VAL B 56 -19.47 0.36 -30.89
CA VAL B 56 -20.39 1.14 -31.73
C VAL B 56 -21.19 0.13 -32.55
N SER B 57 -22.42 0.48 -32.88
CA SER B 57 -23.24 -0.42 -33.67
C SER B 57 -22.71 -0.30 -35.08
N LEU B 58 -22.41 -1.44 -35.69
CA LEU B 58 -21.87 -1.44 -37.05
C LEU B 58 -22.83 -2.05 -38.08
N LYS B 59 -24.05 -2.35 -37.65
CA LYS B 59 -25.07 -2.94 -38.52
C LYS B 59 -25.40 -2.03 -39.70
N LYS B 60 -25.65 -0.75 -39.42
CA LYS B 60 -25.98 0.20 -40.48
C LYS B 60 -24.88 0.27 -41.53
N ALA B 61 -23.65 0.50 -41.07
CA ALA B 61 -22.50 0.55 -41.96
C ALA B 61 -22.28 -0.81 -42.65
N GLY B 62 -22.50 -1.89 -41.93
CA GLY B 62 -22.34 -3.22 -42.52
C GLY B 62 -23.28 -3.47 -43.68
N GLU B 63 -24.41 -2.77 -43.69
CA GLU B 63 -25.41 -2.92 -44.75
C GLU B 63 -25.39 -1.80 -45.78
N SER B 64 -24.83 -0.65 -45.41
CA SER B 64 -24.77 0.49 -46.32
C SER B 64 -23.41 0.62 -47.01
N ASP B 65 -22.36 0.13 -46.36
CA ASP B 65 -21.01 0.22 -46.90
C ASP B 65 -20.62 1.68 -47.07
N ASN B 66 -21.17 2.52 -46.21
CA ASN B 66 -20.90 3.96 -46.23
C ASN B 66 -20.01 4.26 -45.03
N LEU B 67 -18.80 4.75 -45.29
CA LEU B 67 -17.87 5.08 -44.21
C LEU B 67 -18.56 6.00 -43.20
N GLU B 68 -19.40 6.90 -43.70
CA GLU B 68 -20.12 7.83 -42.82
C GLU B 68 -20.98 7.14 -41.75
N ASP B 69 -21.36 5.90 -41.98
CA ASP B 69 -22.19 5.19 -41.00
C ASP B 69 -21.38 4.53 -39.90
N THR B 70 -20.07 4.70 -39.98
CA THR B 70 -19.18 4.12 -38.98
C THR B 70 -18.12 5.15 -38.61
N ILE B 71 -17.14 4.73 -37.82
CA ILE B 71 -16.04 5.60 -37.40
C ILE B 71 -14.80 4.99 -38.06
N SER B 72 -14.00 5.83 -38.71
CA SER B 72 -12.80 5.35 -39.35
C SER B 72 -11.75 4.95 -38.32
N TYR B 73 -11.30 3.70 -38.36
CA TYR B 73 -10.31 3.26 -37.38
C TYR B 73 -8.97 3.94 -37.59
N VAL B 74 -8.82 4.66 -38.71
CA VAL B 74 -7.58 5.37 -39.02
C VAL B 74 -7.59 6.68 -38.22
N ASP B 75 -8.76 7.29 -38.08
CA ASP B 75 -8.87 8.50 -37.28
C ASP B 75 -8.65 8.18 -35.79
N ILE B 76 -9.11 7.02 -35.34
CA ILE B 76 -8.91 6.66 -33.94
C ILE B 76 -7.43 6.32 -33.71
N PHE B 77 -6.80 5.71 -34.71
CA PHE B 77 -5.38 5.38 -34.60
C PHE B 77 -4.59 6.69 -34.53
N SER B 78 -4.86 7.56 -35.49
CA SER B 78 -4.19 8.85 -35.58
C SER B 78 -4.35 9.66 -34.29
N LEU B 79 -5.54 9.58 -33.69
CA LEU B 79 -5.77 10.29 -32.43
C LEU B 79 -4.91 9.69 -31.31
N ALA B 80 -4.85 8.36 -31.24
CA ALA B 80 -4.07 7.69 -30.21
C ALA B 80 -2.58 7.97 -30.41
N LYS B 81 -2.14 7.96 -31.66
CA LYS B 81 -0.74 8.20 -31.96
C LYS B 81 -0.29 9.57 -31.46
N GLU B 82 -1.12 10.58 -31.69
CA GLU B 82 -0.78 11.94 -31.27
C GLU B 82 -0.64 12.03 -29.76
N ILE B 83 -1.50 11.31 -29.04
CA ILE B 83 -1.46 11.32 -27.59
C ILE B 83 -0.23 10.61 -27.01
N VAL B 84 0.01 9.37 -27.44
CA VAL B 84 1.13 8.62 -26.90
C VAL B 84 2.50 9.19 -27.27
N GLU B 85 2.63 9.74 -28.47
CA GLU B 85 3.91 10.32 -28.87
C GLU B 85 3.96 11.78 -28.43
N GLY B 86 2.83 12.30 -27.96
CA GLY B 86 2.76 13.70 -27.54
C GLY B 86 3.32 14.12 -26.20
N SER B 87 2.72 15.18 -25.64
CA SER B 87 3.12 15.75 -24.36
C SER B 87 3.31 14.64 -23.32
N PRO B 88 4.52 14.57 -22.72
CA PRO B 88 4.78 13.53 -21.72
C PRO B 88 4.02 13.64 -20.42
N ARG B 89 3.65 12.50 -19.86
CA ARG B 89 2.96 12.44 -18.58
C ARG B 89 3.73 11.48 -17.69
N ASN B 90 3.43 11.51 -16.40
CA ASN B 90 4.11 10.62 -15.46
C ASN B 90 3.57 9.19 -15.53
N LEU B 91 2.25 9.09 -15.55
CA LEU B 91 1.58 7.79 -15.54
C LEU B 91 0.88 7.31 -16.81
N LEU B 92 0.84 5.99 -16.96
CA LEU B 92 0.17 5.36 -18.07
C LEU B 92 -1.32 5.65 -17.87
N GLU B 93 -1.74 5.69 -16.60
CA GLU B 93 -3.12 5.97 -16.25
C GLU B 93 -3.59 7.25 -16.94
N THR B 94 -2.74 8.26 -16.89
CA THR B 94 -3.04 9.55 -17.48
C THR B 94 -3.19 9.48 -18.99
N VAL B 95 -2.20 8.89 -19.66
CA VAL B 95 -2.21 8.76 -21.11
C VAL B 95 -3.44 8.00 -21.58
N ALA B 96 -3.72 6.86 -20.95
CA ALA B 96 -4.88 6.06 -21.30
C ALA B 96 -6.16 6.88 -21.13
N GLU B 97 -6.24 7.57 -20.00
CA GLU B 97 -7.40 8.39 -19.69
C GLU B 97 -7.59 9.44 -20.77
N LEU B 98 -6.48 10.01 -21.26
CA LEU B 98 -6.54 11.01 -22.32
C LEU B 98 -7.04 10.43 -23.63
N ILE B 99 -6.55 9.24 -23.98
CA ILE B 99 -6.98 8.58 -25.22
C ILE B 99 -8.48 8.33 -25.14
N ALA B 100 -8.92 7.80 -24.01
CA ALA B 100 -10.33 7.48 -23.82
C ALA B 100 -11.25 8.68 -23.94
N SER B 101 -11.01 9.70 -23.14
CA SER B 101 -11.86 10.89 -23.14
C SER B 101 -11.84 11.60 -24.49
N LYS B 102 -10.68 11.62 -25.14
CA LYS B 102 -10.55 12.27 -26.44
C LYS B 102 -11.29 11.52 -27.54
N THR B 103 -11.20 10.19 -27.50
CA THR B 103 -11.88 9.36 -28.49
C THR B 103 -13.39 9.54 -28.38
N LEU B 104 -13.90 9.44 -27.17
CA LEU B 104 -15.34 9.59 -26.89
C LEU B 104 -15.84 10.98 -27.21
N GLU B 105 -14.98 11.97 -26.98
CA GLU B 105 -15.32 13.36 -27.23
C GLU B 105 -15.40 13.67 -28.73
N LYS B 106 -14.44 13.14 -29.49
CA LYS B 106 -14.34 13.37 -30.92
C LYS B 106 -15.29 12.55 -31.79
N PHE B 107 -15.56 11.32 -31.39
CA PHE B 107 -16.44 10.45 -32.18
C PHE B 107 -17.69 10.10 -31.38
N HIS B 108 -18.70 10.94 -31.54
CA HIS B 108 -19.97 10.81 -30.84
C HIS B 108 -20.70 9.48 -31.03
N GLN B 109 -20.49 8.81 -32.14
CA GLN B 109 -21.15 7.53 -32.37
C GLN B 109 -20.62 6.45 -31.42
N ILE B 110 -19.39 6.63 -30.91
CA ILE B 110 -18.79 5.64 -30.00
C ILE B 110 -19.53 5.60 -28.67
N ASN B 111 -19.98 4.40 -28.30
CA ASN B 111 -20.75 4.19 -27.09
C ASN B 111 -19.89 3.96 -25.85
N ALA B 112 -18.71 3.39 -26.02
CA ALA B 112 -17.82 3.15 -24.89
C ALA B 112 -16.45 2.74 -25.41
N VAL B 113 -15.41 3.03 -24.64
CA VAL B 113 -14.07 2.68 -25.09
C VAL B 113 -13.25 1.95 -24.04
N ARG B 114 -12.46 1.00 -24.51
CA ARG B 114 -11.58 0.23 -23.65
C ARG B 114 -10.15 0.51 -24.13
N VAL B 115 -9.32 1.03 -23.23
CA VAL B 115 -7.95 1.37 -23.55
C VAL B 115 -6.97 0.57 -22.71
N LYS B 116 -6.06 -0.13 -23.37
CA LYS B 116 -5.03 -0.90 -22.67
C LYS B 116 -3.68 -0.34 -23.09
N LEU B 117 -3.09 0.44 -22.19
CA LEU B 117 -1.79 1.06 -22.44
C LEU B 117 -0.74 0.33 -21.60
N SER B 118 0.32 -0.14 -22.24
CA SER B 118 1.34 -0.88 -21.51
C SER B 118 2.76 -0.55 -21.93
N LYS B 119 3.69 -0.84 -21.02
CA LYS B 119 5.13 -0.64 -21.22
C LYS B 119 5.73 -2.03 -21.36
N PRO B 120 6.19 -2.39 -22.55
CA PRO B 120 6.78 -3.72 -22.74
C PRO B 120 8.19 -3.83 -22.15
N ASN B 121 8.84 -2.69 -21.97
CA ASN B 121 10.19 -2.67 -21.42
C ASN B 121 10.22 -1.78 -20.16
N VAL B 122 10.01 -2.41 -19.01
CA VAL B 122 9.99 -1.65 -17.77
C VAL B 122 11.41 -1.54 -17.23
N ALA B 123 11.85 -0.31 -17.07
CA ALA B 123 13.19 0.00 -16.60
C ALA B 123 13.49 -0.57 -15.21
N LEU B 124 14.71 -1.05 -15.01
CA LEU B 124 15.14 -1.60 -13.73
C LEU B 124 14.46 -2.90 -13.27
N ILE B 125 13.79 -3.59 -14.19
CA ILE B 125 13.23 -4.90 -13.86
C ILE B 125 14.23 -5.86 -14.54
N LYS B 126 14.93 -6.66 -13.74
CA LYS B 126 15.93 -7.57 -14.29
C LYS B 126 15.39 -8.85 -14.90
N SER B 127 14.17 -9.23 -14.55
CA SER B 127 13.59 -10.45 -15.10
C SER B 127 12.73 -10.16 -16.32
N THR B 128 12.39 -11.21 -17.05
CA THR B 128 11.57 -11.10 -18.26
C THR B 128 10.07 -11.02 -17.97
N ILE B 129 9.34 -10.27 -18.79
CA ILE B 129 7.88 -10.14 -18.66
C ILE B 129 7.36 -9.84 -20.06
N ASP B 130 6.05 -9.84 -20.25
CA ASP B 130 5.50 -9.47 -21.55
C ASP B 130 5.35 -7.96 -21.46
N TYR B 131 4.77 -7.50 -20.35
CA TYR B 131 4.57 -6.08 -20.11
C TYR B 131 3.73 -5.83 -18.86
N LEU B 132 3.75 -4.58 -18.41
CA LEU B 132 2.96 -4.16 -17.27
C LEU B 132 2.18 -2.98 -17.83
N GLY B 133 0.91 -2.87 -17.49
CA GLY B 133 0.14 -1.75 -18.00
C GLY B 133 -1.16 -1.50 -17.28
N VAL B 134 -2.01 -0.69 -17.91
CA VAL B 134 -3.32 -0.36 -17.37
C VAL B 134 -4.40 -0.78 -18.36
N ASP B 135 -5.58 -1.04 -17.83
CA ASP B 135 -6.69 -1.45 -18.64
C ASP B 135 -7.89 -0.68 -18.10
N ILE B 136 -8.34 0.33 -18.85
CA ILE B 136 -9.47 1.12 -18.44
C ILE B 136 -10.61 1.12 -19.46
N PHE B 137 -11.83 1.18 -18.94
CA PHE B 137 -13.07 1.16 -19.72
C PHE B 137 -13.87 2.43 -19.44
N ARG B 138 -14.29 3.13 -20.50
CA ARG B 138 -15.02 4.38 -20.33
C ARG B 138 -16.24 4.48 -21.24
N GLN B 139 -17.41 4.64 -20.64
CA GLN B 139 -18.66 4.76 -21.40
C GLN B 139 -19.00 6.23 -21.65
N ARG B 140 -19.78 6.47 -22.70
CA ARG B 140 -20.19 7.82 -23.04
C ARG B 140 -20.95 8.41 -21.87
N ASN B 141 -20.51 9.60 -21.46
CA ASN B 141 -21.11 10.34 -20.34
C ASN B 141 -20.42 9.98 -19.02
N GLY C 21 -14.63 -2.63 -13.55
CA GLY C 21 -13.78 -1.46 -13.25
C GLY C 21 -12.37 -1.56 -13.81
N ASP C 22 -11.58 -0.53 -13.61
CA ASP C 22 -10.20 -0.48 -14.10
C ASP C 22 -9.32 -1.53 -13.45
N LYS C 23 -8.11 -1.69 -13.98
CA LYS C 23 -7.17 -2.64 -13.42
C LYS C 23 -5.75 -2.50 -13.93
N LEU C 24 -4.78 -2.80 -13.07
CA LEU C 24 -3.38 -2.76 -13.45
C LEU C 24 -3.14 -4.15 -14.01
N ILE C 25 -2.30 -4.24 -15.03
CA ILE C 25 -2.02 -5.52 -15.65
C ILE C 25 -0.54 -5.91 -15.58
N LEU C 26 -0.28 -7.14 -15.17
CA LEU C 26 1.08 -7.66 -15.11
C LEU C 26 0.97 -8.93 -15.93
N LYS C 27 1.52 -8.91 -17.13
CA LYS C 27 1.42 -10.03 -18.06
C LYS C 27 2.70 -10.82 -18.32
N GLY C 28 2.61 -12.14 -18.25
CA GLY C 28 3.75 -12.99 -18.53
C GLY C 28 5.00 -12.82 -17.68
N LEU C 29 4.84 -12.54 -16.39
CA LEU C 29 5.97 -12.40 -15.49
C LEU C 29 6.66 -13.75 -15.36
N LYS C 30 7.96 -13.80 -15.66
CA LYS C 30 8.71 -15.05 -15.57
C LYS C 30 9.66 -15.03 -14.38
N PHE C 31 9.55 -16.04 -13.52
CA PHE C 31 10.41 -16.14 -12.35
C PHE C 31 10.94 -17.56 -12.17
N TYR C 32 12.11 -17.68 -11.55
CA TYR C 32 12.66 -19.01 -11.31
C TYR C 32 12.43 -19.34 -9.82
N GLY C 33 11.72 -20.44 -9.57
CA GLY C 33 11.43 -20.86 -8.21
C GLY C 33 11.61 -22.35 -7.99
N PHE C 34 11.41 -22.81 -6.76
CA PHE C 34 11.59 -24.23 -6.46
C PHE C 34 10.33 -24.91 -5.95
N HIS C 35 9.17 -24.43 -6.39
CA HIS C 35 7.93 -25.04 -5.94
C HIS C 35 7.72 -26.41 -6.59
N GLY C 36 6.87 -27.23 -5.98
CA GLY C 36 6.61 -28.55 -6.52
C GLY C 36 6.50 -29.63 -5.45
N ALA C 37 5.87 -30.75 -5.80
CA ALA C 37 5.72 -31.85 -4.86
C ALA C 37 6.93 -32.77 -4.96
N ILE C 38 7.28 -33.13 -6.21
CA ILE C 38 8.43 -33.98 -6.48
C ILE C 38 9.67 -33.40 -5.79
N ALA C 39 10.45 -34.29 -5.16
CA ALA C 39 11.66 -33.90 -4.46
C ALA C 39 12.70 -33.24 -5.37
N GLU C 40 12.93 -33.83 -6.54
CA GLU C 40 13.89 -33.27 -7.47
C GLU C 40 13.53 -31.85 -7.89
N GLU C 41 12.24 -31.55 -7.95
CA GLU C 41 11.81 -30.20 -8.33
C GLU C 41 12.22 -29.16 -7.31
N ARG C 42 12.12 -29.52 -6.03
CA ARG C 42 12.47 -28.59 -4.95
C ARG C 42 13.94 -28.20 -4.97
N THR C 43 14.79 -29.13 -5.38
CA THR C 43 16.21 -28.84 -5.45
C THR C 43 16.63 -28.18 -6.78
N LEU C 44 16.16 -28.70 -7.91
CA LEU C 44 16.53 -28.13 -9.20
C LEU C 44 15.87 -26.79 -9.48
N GLY C 45 14.59 -26.68 -9.14
CA GLY C 45 13.86 -25.44 -9.38
C GLY C 45 13.38 -25.43 -10.82
N GLN C 46 12.80 -24.33 -11.27
CA GLN C 46 12.29 -24.22 -12.63
C GLN C 46 11.61 -22.87 -12.83
N MET C 47 11.24 -22.58 -14.08
CA MET C 47 10.59 -21.31 -14.39
C MET C 47 9.08 -21.37 -14.14
N PHE C 48 8.52 -20.24 -13.73
CA PHE C 48 7.09 -20.10 -13.47
C PHE C 48 6.58 -18.88 -14.22
N LEU C 49 5.38 -19.01 -14.80
CA LEU C 49 4.76 -17.93 -15.56
C LEU C 49 3.62 -17.33 -14.74
N VAL C 50 3.57 -16.00 -14.62
CA VAL C 50 2.53 -15.36 -13.80
C VAL C 50 1.82 -14.17 -14.42
N ASP C 51 0.50 -14.25 -14.50
CA ASP C 51 -0.29 -13.13 -14.98
C ASP C 51 -0.99 -12.61 -13.73
N ILE C 52 -1.09 -11.30 -13.58
CA ILE C 52 -1.77 -10.71 -12.43
C ILE C 52 -2.65 -9.58 -12.91
N ASP C 53 -3.92 -9.62 -12.49
CA ASP C 53 -4.87 -8.56 -12.80
C ASP C 53 -5.28 -7.99 -11.45
N ALA C 54 -5.13 -6.69 -11.28
CA ALA C 54 -5.49 -6.05 -10.02
C ALA C 54 -6.58 -5.03 -10.28
N TRP C 55 -7.79 -5.35 -9.84
CA TRP C 55 -8.92 -4.45 -10.02
C TRP C 55 -8.77 -3.26 -9.07
N VAL C 56 -8.65 -2.05 -9.64
CA VAL C 56 -8.50 -0.86 -8.82
C VAL C 56 -8.84 0.38 -9.64
N SER C 57 -9.64 1.27 -9.06
CA SER C 57 -10.04 2.49 -9.75
C SER C 57 -8.84 3.34 -10.11
N LEU C 58 -8.72 3.69 -11.38
CA LEU C 58 -7.59 4.46 -11.85
C LEU C 58 -7.97 5.86 -12.29
N LYS C 59 -9.26 6.19 -12.23
CA LYS C 59 -9.71 7.51 -12.65
C LYS C 59 -8.99 8.67 -11.97
N LYS C 60 -8.80 8.57 -10.65
CA LYS C 60 -8.14 9.62 -9.90
C LYS C 60 -6.72 9.87 -10.39
N ALA C 61 -5.88 8.84 -10.30
CA ALA C 61 -4.49 8.93 -10.73
C ALA C 61 -4.40 9.41 -12.17
N GLY C 62 -5.41 9.06 -12.96
CA GLY C 62 -5.43 9.45 -14.36
C GLY C 62 -5.74 10.92 -14.54
N GLU C 63 -6.16 11.57 -13.47
CA GLU C 63 -6.50 12.98 -13.55
C GLU C 63 -5.43 13.83 -12.87
N SER C 64 -4.85 13.29 -11.81
CA SER C 64 -3.82 13.98 -11.06
C SER C 64 -2.41 13.74 -11.60
N ASP C 65 -2.25 12.70 -12.42
CA ASP C 65 -0.94 12.32 -12.97
C ASP C 65 0.07 12.19 -11.83
N ASN C 66 -0.40 11.71 -10.68
CA ASN C 66 0.45 11.54 -9.50
C ASN C 66 0.58 10.05 -9.11
N LEU C 67 1.80 9.54 -9.14
CA LEU C 67 2.07 8.14 -8.82
C LEU C 67 1.48 7.67 -7.49
N GLU C 68 1.35 8.60 -6.54
CA GLU C 68 0.80 8.27 -5.22
C GLU C 68 -0.71 8.00 -5.23
N ASP C 69 -1.40 8.44 -6.28
CA ASP C 69 -2.85 8.21 -6.36
C ASP C 69 -3.22 6.85 -6.95
N THR C 70 -2.21 6.07 -7.32
CA THR C 70 -2.44 4.74 -7.88
C THR C 70 -1.49 3.79 -7.19
N ILE C 71 -1.49 2.53 -7.61
CA ILE C 71 -0.59 1.55 -7.03
C ILE C 71 0.47 1.27 -8.09
N SER C 72 1.74 1.44 -7.73
CA SER C 72 2.79 1.19 -8.71
C SER C 72 2.87 -0.29 -9.06
N TYR C 73 2.78 -0.60 -10.34
CA TYR C 73 2.85 -1.98 -10.76
C TYR C 73 4.22 -2.58 -10.43
N VAL C 74 5.16 -1.72 -10.07
CA VAL C 74 6.48 -2.22 -9.73
C VAL C 74 6.37 -2.87 -8.35
N ASP C 75 5.59 -2.25 -7.47
CA ASP C 75 5.37 -2.77 -6.13
C ASP C 75 4.60 -4.08 -6.19
N ILE C 76 3.67 -4.18 -7.14
CA ILE C 76 2.92 -5.42 -7.26
C ILE C 76 3.87 -6.47 -7.86
N PHE C 77 4.74 -6.03 -8.77
CA PHE C 77 5.70 -6.92 -9.40
C PHE C 77 6.63 -7.51 -8.34
N SER C 78 7.20 -6.63 -7.51
CA SER C 78 8.12 -7.03 -6.44
C SER C 78 7.49 -8.00 -5.46
N LEU C 79 6.26 -7.74 -5.06
CA LEU C 79 5.57 -8.64 -4.15
C LEU C 79 5.50 -10.04 -4.77
N ALA C 80 5.11 -10.12 -6.04
CA ALA C 80 4.99 -11.41 -6.73
C ALA C 80 6.34 -12.10 -6.93
N LYS C 81 7.35 -11.33 -7.31
CA LYS C 81 8.70 -11.87 -7.51
C LYS C 81 9.22 -12.48 -6.21
N GLU C 82 8.95 -11.79 -5.11
CA GLU C 82 9.38 -12.23 -3.80
C GLU C 82 8.69 -13.54 -3.42
N ILE C 83 7.40 -13.68 -3.79
CA ILE C 83 6.65 -14.89 -3.47
C ILE C 83 7.16 -16.08 -4.30
N VAL C 84 7.09 -15.92 -5.62
CA VAL C 84 7.49 -16.98 -6.53
C VAL C 84 8.93 -17.43 -6.38
N GLU C 85 9.84 -16.50 -6.14
CA GLU C 85 11.25 -16.91 -5.98
C GLU C 85 11.55 -17.23 -4.51
N GLY C 86 10.55 -17.09 -3.65
CA GLY C 86 10.73 -17.34 -2.23
C GLY C 86 10.60 -18.76 -1.70
N SER C 87 10.16 -18.88 -0.45
CA SER C 87 10.01 -20.18 0.19
C SER C 87 9.18 -21.16 -0.63
N PRO C 88 9.75 -22.35 -0.87
CA PRO C 88 9.15 -23.43 -1.65
C PRO C 88 7.81 -23.95 -1.13
N ARG C 89 6.93 -24.27 -2.06
CA ARG C 89 5.62 -24.81 -1.77
C ARG C 89 5.40 -25.99 -2.71
N ASN C 90 4.53 -26.91 -2.31
CA ASN C 90 4.24 -28.06 -3.13
C ASN C 90 3.36 -27.74 -4.34
N LEU C 91 2.44 -26.79 -4.17
CA LEU C 91 1.50 -26.48 -5.23
C LEU C 91 1.45 -25.06 -5.74
N LEU C 92 1.09 -24.93 -7.02
CA LEU C 92 0.94 -23.63 -7.65
C LEU C 92 -0.24 -22.94 -6.97
N GLU C 93 -1.25 -23.73 -6.59
CA GLU C 93 -2.42 -23.18 -5.91
C GLU C 93 -1.99 -22.39 -4.69
N THR C 94 -1.11 -22.97 -3.89
CA THR C 94 -0.64 -22.32 -2.69
C THR C 94 0.06 -21.01 -3.03
N VAL C 95 0.94 -21.05 -4.03
CA VAL C 95 1.68 -19.86 -4.44
C VAL C 95 0.73 -18.79 -4.97
N ALA C 96 -0.23 -19.20 -5.78
CA ALA C 96 -1.20 -18.27 -6.35
C ALA C 96 -2.02 -17.64 -5.24
N GLU C 97 -2.36 -18.46 -4.24
CA GLU C 97 -3.13 -18.02 -3.09
C GLU C 97 -2.35 -16.95 -2.34
N LEU C 98 -1.07 -17.21 -2.12
CA LEU C 98 -0.21 -16.26 -1.41
C LEU C 98 -0.07 -14.93 -2.12
N ILE C 99 0.06 -14.96 -3.44
CA ILE C 99 0.20 -13.72 -4.19
C ILE C 99 -1.07 -12.89 -4.06
N ALA C 100 -2.21 -13.55 -4.26
CA ALA C 100 -3.49 -12.87 -4.16
C ALA C 100 -3.69 -12.27 -2.76
N SER C 101 -3.57 -13.11 -1.74
CA SER C 101 -3.78 -12.65 -0.37
C SER C 101 -2.80 -11.54 0.05
N LYS C 102 -1.53 -11.69 -0.33
CA LYS C 102 -0.54 -10.69 0.02
C LYS C 102 -0.76 -9.37 -0.71
N THR C 103 -1.23 -9.45 -1.95
CA THR C 103 -1.50 -8.25 -2.73
C THR C 103 -2.65 -7.47 -2.09
N LEU C 104 -3.70 -8.18 -1.69
CA LEU C 104 -4.85 -7.55 -1.06
C LEU C 104 -4.52 -7.00 0.34
N GLU C 105 -3.63 -7.68 1.04
CA GLU C 105 -3.22 -7.27 2.37
C GLU C 105 -2.33 -6.04 2.34
N LYS C 106 -1.52 -5.95 1.30
CA LYS C 106 -0.57 -4.85 1.13
C LYS C 106 -1.14 -3.53 0.59
N PHE C 107 -2.11 -3.62 -0.31
CA PHE C 107 -2.70 -2.43 -0.94
C PHE C 107 -4.20 -2.44 -0.75
N HIS C 108 -4.67 -1.72 0.25
CA HIS C 108 -6.10 -1.70 0.52
C HIS C 108 -6.99 -1.11 -0.58
N GLN C 109 -6.39 -0.44 -1.56
CA GLN C 109 -7.17 0.14 -2.65
C GLN C 109 -7.63 -0.88 -3.69
N ILE C 110 -6.90 -2.00 -3.80
CA ILE C 110 -7.24 -3.05 -4.75
C ILE C 110 -8.49 -3.76 -4.25
N ASN C 111 -9.48 -3.93 -5.13
CA ASN C 111 -10.75 -4.56 -4.73
C ASN C 111 -10.80 -6.06 -5.00
N ALA C 112 -10.01 -6.50 -5.97
CA ALA C 112 -9.98 -7.91 -6.30
C ALA C 112 -8.72 -8.13 -7.11
N VAL C 113 -8.30 -9.39 -7.19
CA VAL C 113 -7.10 -9.75 -7.93
C VAL C 113 -7.20 -11.14 -8.54
N ARG C 114 -6.82 -11.27 -9.79
CA ARG C 114 -6.84 -12.58 -10.44
C ARG C 114 -5.40 -12.97 -10.70
N VAL C 115 -5.04 -14.17 -10.25
CA VAL C 115 -3.69 -14.67 -10.43
C VAL C 115 -3.66 -15.93 -11.27
N LYS C 116 -2.80 -15.93 -12.28
CA LYS C 116 -2.65 -17.09 -13.16
C LYS C 116 -1.20 -17.52 -13.02
N LEU C 117 -0.99 -18.65 -12.35
CA LEU C 117 0.36 -19.16 -12.14
C LEU C 117 0.51 -20.48 -12.91
N SER C 118 1.51 -20.53 -13.79
CA SER C 118 1.73 -21.71 -14.61
C SER C 118 3.15 -22.24 -14.66
N LYS C 119 3.28 -23.49 -15.07
CA LYS C 119 4.58 -24.13 -15.24
C LYS C 119 4.68 -24.45 -16.73
N PRO C 120 5.55 -23.73 -17.45
CA PRO C 120 5.70 -23.99 -18.87
C PRO C 120 6.45 -25.30 -19.13
N ASN C 121 7.21 -25.75 -18.14
CA ASN C 121 7.99 -26.97 -18.26
C ASN C 121 7.65 -27.96 -17.15
N VAL C 122 6.70 -28.84 -17.45
CA VAL C 122 6.25 -29.82 -16.47
C VAL C 122 7.05 -31.12 -16.55
N ALA C 123 7.82 -31.39 -15.49
CA ALA C 123 8.63 -32.59 -15.42
C ALA C 123 7.87 -33.87 -15.75
N LEU C 124 8.51 -34.74 -16.52
CA LEU C 124 7.99 -36.05 -16.90
C LEU C 124 6.91 -36.08 -17.99
N ILE C 125 6.58 -34.92 -18.56
CA ILE C 125 5.61 -34.90 -19.65
C ILE C 125 6.44 -34.94 -20.93
N LYS C 126 6.32 -36.06 -21.66
CA LYS C 126 7.11 -36.27 -22.86
C LYS C 126 6.72 -35.49 -24.11
N SER C 127 5.49 -34.99 -24.18
CA SER C 127 5.06 -34.23 -25.35
C SER C 127 5.08 -32.72 -25.07
N THR C 128 4.92 -31.92 -26.11
CA THR C 128 4.96 -30.48 -25.93
C THR C 128 3.61 -29.88 -25.56
N ILE C 129 3.66 -28.75 -24.86
CA ILE C 129 2.47 -28.01 -24.42
C ILE C 129 2.90 -26.56 -24.24
N ASP C 130 1.94 -25.68 -23.95
CA ASP C 130 2.29 -24.29 -23.67
C ASP C 130 2.58 -24.26 -22.18
N TYR C 131 1.63 -24.74 -21.39
CA TYR C 131 1.77 -24.77 -19.94
C TYR C 131 0.56 -25.39 -19.23
N LEU C 132 0.76 -25.73 -17.96
CA LEU C 132 -0.30 -26.26 -17.10
C LEU C 132 -0.24 -25.30 -15.93
N GLY C 133 -1.37 -24.78 -15.50
CA GLY C 133 -1.35 -23.84 -14.39
C GLY C 133 -2.67 -23.73 -13.70
N VAL C 134 -2.77 -22.76 -12.81
CA VAL C 134 -3.99 -22.50 -12.06
C VAL C 134 -4.40 -21.07 -12.40
N ASP C 135 -5.68 -20.77 -12.16
CA ASP C 135 -6.22 -19.46 -12.44
C ASP C 135 -7.29 -19.22 -11.38
N ILE C 136 -6.97 -18.38 -10.41
CA ILE C 136 -7.91 -18.07 -9.34
C ILE C 136 -8.28 -16.59 -9.30
N PHE C 137 -9.50 -16.32 -8.86
CA PHE C 137 -9.98 -14.96 -8.70
C PHE C 137 -10.29 -14.80 -7.22
N ARG C 138 -9.74 -13.76 -6.61
CA ARG C 138 -9.98 -13.52 -5.19
C ARG C 138 -10.36 -12.07 -4.98
N GLN C 139 -11.46 -11.85 -4.27
CA GLN C 139 -11.93 -10.51 -3.97
C GLN C 139 -11.72 -10.23 -2.49
N ARG C 140 -11.59 -8.95 -2.14
CA ARG C 140 -11.39 -8.55 -0.76
C ARG C 140 -12.58 -8.99 0.09
N ASN C 141 -12.32 -9.86 1.06
CA ASN C 141 -13.35 -10.36 1.97
C ASN C 141 -13.01 -9.95 3.38
N THR C 142 -12.14 -8.95 3.52
CA THR C 142 -11.72 -8.47 4.81
C THR C 142 -11.14 -7.06 4.66
N GLY D 21 -15.58 -19.69 -10.89
CA GLY D 21 -14.51 -19.31 -9.93
C GLY D 21 -13.11 -19.70 -10.37
N ASP D 22 -12.49 -20.58 -9.60
CA ASP D 22 -11.13 -21.01 -9.92
C ASP D 22 -11.14 -22.10 -10.99
N LYS D 23 -9.98 -22.33 -11.60
CA LYS D 23 -9.88 -23.37 -12.57
C LYS D 23 -8.46 -23.81 -12.84
N LEU D 24 -8.35 -25.07 -13.27
CA LEU D 24 -7.08 -25.66 -13.63
C LEU D 24 -7.01 -25.43 -15.13
N ILE D 25 -5.87 -24.94 -15.59
CA ILE D 25 -5.71 -24.68 -17.01
C ILE D 25 -4.63 -25.56 -17.62
N LEU D 26 -4.97 -26.18 -18.74
CA LEU D 26 -4.04 -27.01 -19.48
C LEU D 26 -4.10 -26.32 -20.84
N LYS D 27 -3.01 -25.67 -21.21
CA LYS D 27 -2.98 -24.89 -22.45
C LYS D 27 -2.04 -25.42 -23.53
N GLY D 28 -2.52 -25.42 -24.76
CA GLY D 28 -1.73 -25.86 -25.90
C GLY D 28 -1.17 -27.27 -25.89
N LEU D 29 -1.97 -28.24 -25.47
CA LEU D 29 -1.53 -29.64 -25.45
C LEU D 29 -1.41 -30.19 -26.88
N LYS D 30 -0.23 -30.66 -27.25
CA LYS D 30 -0.04 -31.21 -28.58
C LYS D 30 -0.01 -32.73 -28.56
N PHE D 31 -0.93 -33.35 -29.29
CA PHE D 31 -0.99 -34.80 -29.35
C PHE D 31 -1.13 -35.27 -30.78
N TYR D 32 -0.44 -36.35 -31.14
CA TYR D 32 -0.56 -36.89 -32.49
C TYR D 32 -1.66 -37.95 -32.52
N GLY D 33 -2.59 -37.84 -33.47
CA GLY D 33 -3.68 -38.79 -33.55
C GLY D 33 -4.10 -39.13 -34.96
N PHE D 34 -5.15 -39.93 -35.09
CA PHE D 34 -5.62 -40.33 -36.41
C PHE D 34 -7.11 -40.03 -36.69
N HIS D 35 -7.66 -39.06 -35.97
CA HIS D 35 -9.05 -38.67 -36.13
C HIS D 35 -9.24 -37.94 -37.46
N GLY D 36 -10.47 -37.99 -37.99
CA GLY D 36 -10.77 -37.32 -39.24
C GLY D 36 -11.81 -38.05 -40.06
N ALA D 37 -12.37 -37.34 -41.04
CA ALA D 37 -13.39 -37.91 -41.92
C ALA D 37 -12.77 -38.55 -43.16
N ILE D 38 -11.68 -37.98 -43.66
CA ILE D 38 -11.02 -38.51 -44.84
C ILE D 38 -10.29 -39.80 -44.50
N ALA D 39 -10.48 -40.83 -45.32
CA ALA D 39 -9.83 -42.12 -45.06
C ALA D 39 -8.32 -42.00 -44.97
N GLU D 40 -7.73 -41.08 -45.71
CA GLU D 40 -6.29 -40.90 -45.69
C GLU D 40 -5.81 -40.33 -44.36
N GLU D 41 -6.62 -39.45 -43.77
CA GLU D 41 -6.27 -38.84 -42.50
C GLU D 41 -6.13 -39.90 -41.42
N ARG D 42 -7.04 -40.86 -41.46
CA ARG D 42 -7.05 -41.95 -40.50
C ARG D 42 -5.78 -42.78 -40.59
N THR D 43 -5.27 -42.96 -41.81
CA THR D 43 -4.06 -43.73 -42.01
C THR D 43 -2.81 -42.96 -41.57
N LEU D 44 -2.65 -41.75 -42.10
CA LEU D 44 -1.47 -40.94 -41.81
C LEU D 44 -1.46 -40.27 -40.44
N GLY D 45 -2.60 -39.72 -40.03
CA GLY D 45 -2.69 -39.05 -38.76
C GLY D 45 -2.19 -37.62 -38.87
N GLN D 46 -2.19 -36.90 -37.75
CA GLN D 46 -1.72 -35.51 -37.72
C GLN D 46 -1.69 -35.04 -36.28
N MET D 47 -1.20 -33.82 -36.07
CA MET D 47 -1.15 -33.23 -34.74
C MET D 47 -2.50 -32.58 -34.43
N PHE D 48 -2.84 -32.56 -33.14
CA PHE D 48 -4.07 -31.95 -32.64
C PHE D 48 -3.66 -31.08 -31.47
N LEU D 49 -4.36 -29.98 -31.29
CA LEU D 49 -4.08 -29.03 -30.23
C LEU D 49 -5.24 -29.06 -29.26
N VAL D 50 -4.94 -29.13 -27.97
CA VAL D 50 -5.98 -29.19 -26.95
C VAL D 50 -5.83 -28.19 -25.82
N ASP D 51 -6.93 -27.52 -25.49
CA ASP D 51 -6.99 -26.60 -24.37
C ASP D 51 -8.08 -27.17 -23.47
N ILE D 52 -7.83 -27.22 -22.17
CA ILE D 52 -8.80 -27.72 -21.21
C ILE D 52 -8.90 -26.77 -20.01
N ASP D 53 -10.11 -26.30 -19.74
CA ASP D 53 -10.35 -25.44 -18.58
C ASP D 53 -11.22 -26.25 -17.66
N ALA D 54 -10.75 -26.51 -16.45
CA ALA D 54 -11.53 -27.28 -15.48
C ALA D 54 -11.87 -26.40 -14.28
N TRP D 55 -13.16 -26.11 -14.14
CA TRP D 55 -13.64 -25.28 -13.05
C TRP D 55 -13.77 -26.08 -11.77
N VAL D 56 -12.98 -25.72 -10.78
CA VAL D 56 -13.02 -26.41 -9.50
C VAL D 56 -12.39 -25.50 -8.46
N SER D 57 -12.91 -25.56 -7.23
CA SER D 57 -12.41 -24.71 -6.17
C SER D 57 -10.98 -25.07 -5.74
N LEU D 58 -10.10 -24.08 -5.78
CA LEU D 58 -8.71 -24.28 -5.43
C LEU D 58 -8.33 -23.63 -4.10
N LYS D 59 -9.30 -23.00 -3.45
CA LYS D 59 -9.05 -22.34 -2.19
C LYS D 59 -8.48 -23.30 -1.14
N LYS D 60 -9.22 -24.37 -0.83
CA LYS D 60 -8.76 -25.32 0.15
C LYS D 60 -7.32 -25.75 -0.08
N ALA D 61 -7.02 -26.26 -1.28
CA ALA D 61 -5.66 -26.70 -1.58
C ALA D 61 -4.68 -25.53 -1.48
N GLY D 62 -5.13 -24.34 -1.87
CA GLY D 62 -4.27 -23.17 -1.82
C GLY D 62 -3.87 -22.82 -0.40
N GLU D 63 -4.67 -23.25 0.57
CA GLU D 63 -4.35 -22.97 1.95
C GLU D 63 -3.66 -24.15 2.62
N SER D 64 -4.02 -25.36 2.24
CA SER D 64 -3.42 -26.55 2.85
C SER D 64 -2.07 -26.95 2.25
N ASP D 65 -1.94 -26.73 0.95
CA ASP D 65 -0.73 -27.04 0.19
C ASP D 65 -0.57 -28.56 0.05
N ASN D 66 -1.70 -29.26 0.12
CA ASN D 66 -1.73 -30.71 -0.01
C ASN D 66 -2.36 -31.05 -1.35
N LEU D 67 -1.57 -31.69 -2.20
CA LEU D 67 -2.02 -32.11 -3.52
C LEU D 67 -3.32 -32.91 -3.43
N GLU D 68 -3.64 -33.43 -2.24
CA GLU D 68 -4.86 -34.21 -2.03
C GLU D 68 -6.13 -33.37 -2.11
N ASP D 69 -6.03 -32.09 -1.77
CA ASP D 69 -7.20 -31.21 -1.80
C ASP D 69 -7.48 -30.56 -3.15
N THR D 70 -6.86 -31.07 -4.20
CA THR D 70 -7.06 -30.53 -5.53
C THR D 70 -6.99 -31.66 -6.53
N ILE D 71 -6.94 -31.31 -7.82
CA ILE D 71 -6.84 -32.31 -8.88
C ILE D 71 -5.50 -32.14 -9.58
N SER D 72 -4.72 -33.21 -9.68
CA SER D 72 -3.44 -33.10 -10.34
C SER D 72 -3.67 -32.79 -11.81
N TYR D 73 -3.03 -31.73 -12.30
CA TYR D 73 -3.21 -31.39 -13.72
C TYR D 73 -2.62 -32.47 -14.62
N VAL D 74 -1.76 -33.31 -14.06
CA VAL D 74 -1.14 -34.40 -14.79
C VAL D 74 -2.19 -35.48 -15.05
N ASP D 75 -3.14 -35.63 -14.11
CA ASP D 75 -4.22 -36.62 -14.27
C ASP D 75 -5.12 -36.21 -15.44
N ILE D 76 -5.43 -34.92 -15.54
CA ILE D 76 -6.27 -34.40 -16.63
C ILE D 76 -5.47 -34.55 -17.93
N PHE D 77 -4.19 -34.18 -17.88
CA PHE D 77 -3.32 -34.30 -19.05
C PHE D 77 -3.34 -35.71 -19.59
N SER D 78 -3.12 -36.67 -18.69
CA SER D 78 -3.10 -38.09 -19.09
C SER D 78 -4.38 -38.57 -19.72
N LEU D 79 -5.52 -38.21 -19.13
CA LEU D 79 -6.82 -38.61 -19.67
C LEU D 79 -6.99 -38.15 -21.12
N ALA D 80 -6.71 -36.86 -21.35
CA ALA D 80 -6.84 -36.29 -22.68
C ALA D 80 -5.83 -36.94 -23.63
N LYS D 81 -4.64 -37.21 -23.13
CA LYS D 81 -3.60 -37.82 -23.93
C LYS D 81 -4.04 -39.21 -24.41
N GLU D 82 -4.58 -40.02 -23.51
CA GLU D 82 -5.02 -41.36 -23.87
C GLU D 82 -6.13 -41.29 -24.91
N ILE D 83 -7.02 -40.32 -24.77
CA ILE D 83 -8.12 -40.16 -25.70
C ILE D 83 -7.67 -39.75 -27.11
N VAL D 84 -7.04 -38.58 -27.23
CA VAL D 84 -6.62 -38.09 -28.55
C VAL D 84 -5.68 -39.03 -29.33
N GLU D 85 -4.72 -39.63 -28.64
CA GLU D 85 -3.78 -40.51 -29.34
C GLU D 85 -4.43 -41.88 -29.54
N GLY D 86 -5.61 -42.08 -28.97
CA GLY D 86 -6.27 -43.37 -29.07
C GLY D 86 -7.02 -43.74 -30.34
N SER D 87 -8.05 -44.57 -30.18
CA SER D 87 -8.86 -45.03 -31.31
C SER D 87 -9.29 -43.85 -32.16
N PRO D 88 -9.17 -44.00 -33.50
CA PRO D 88 -9.56 -42.92 -34.41
C PRO D 88 -11.05 -42.67 -34.44
N ARG D 89 -11.42 -41.39 -34.35
CA ARG D 89 -12.81 -40.99 -34.44
C ARG D 89 -12.95 -40.16 -35.69
N ASN D 90 -14.18 -39.92 -36.11
CA ASN D 90 -14.45 -39.14 -37.31
C ASN D 90 -14.29 -37.65 -37.08
N LEU D 91 -14.96 -37.18 -36.02
CA LEU D 91 -15.04 -35.77 -35.68
C LEU D 91 -14.28 -35.28 -34.46
N LEU D 92 -13.97 -33.99 -34.46
CA LEU D 92 -13.28 -33.37 -33.35
C LEU D 92 -14.30 -33.26 -32.24
N GLU D 93 -15.58 -33.16 -32.64
CA GLU D 93 -16.68 -33.08 -31.69
C GLU D 93 -16.64 -34.30 -30.76
N THR D 94 -16.59 -35.49 -31.36
CA THR D 94 -16.55 -36.75 -30.62
C THR D 94 -15.39 -36.80 -29.64
N VAL D 95 -14.17 -36.59 -30.14
CA VAL D 95 -12.98 -36.62 -29.28
C VAL D 95 -13.11 -35.64 -28.09
N ALA D 96 -13.50 -34.41 -28.38
CA ALA D 96 -13.68 -33.39 -27.35
C ALA D 96 -14.74 -33.81 -26.32
N GLU D 97 -15.76 -34.48 -26.81
CA GLU D 97 -16.83 -34.95 -25.96
C GLU D 97 -16.24 -36.00 -24.99
N LEU D 98 -15.45 -36.92 -25.55
CA LEU D 98 -14.82 -37.97 -24.75
C LEU D 98 -13.98 -37.37 -23.63
N ILE D 99 -13.18 -36.36 -23.96
CA ILE D 99 -12.34 -35.71 -22.97
C ILE D 99 -13.18 -35.08 -21.84
N ALA D 100 -14.20 -34.30 -22.23
CA ALA D 100 -15.05 -33.63 -21.24
C ALA D 100 -15.78 -34.61 -20.36
N SER D 101 -16.46 -35.59 -20.96
CA SER D 101 -17.19 -36.60 -20.18
C SER D 101 -16.26 -37.35 -19.25
N LYS D 102 -15.12 -37.78 -19.80
CA LYS D 102 -14.14 -38.54 -19.02
C LYS D 102 -13.62 -37.72 -17.85
N THR D 103 -13.32 -36.44 -18.08
CA THR D 103 -12.81 -35.60 -17.01
C THR D 103 -13.83 -35.46 -15.87
N LEU D 104 -15.07 -35.12 -16.21
CA LEU D 104 -16.12 -34.94 -15.23
C LEU D 104 -16.43 -36.25 -14.52
N GLU D 105 -16.47 -37.33 -15.28
CA GLU D 105 -16.77 -38.61 -14.73
C GLU D 105 -15.73 -39.03 -13.71
N LYS D 106 -14.47 -38.70 -13.96
CA LYS D 106 -13.40 -39.06 -13.05
C LYS D 106 -13.21 -38.15 -11.83
N PHE D 107 -13.60 -36.88 -11.94
CA PHE D 107 -13.45 -35.94 -10.83
C PHE D 107 -14.72 -35.16 -10.55
N HIS D 108 -15.57 -35.72 -9.69
CA HIS D 108 -16.84 -35.09 -9.35
C HIS D 108 -16.73 -33.63 -8.84
N GLN D 109 -15.64 -33.28 -8.18
CA GLN D 109 -15.51 -31.91 -7.70
C GLN D 109 -15.44 -30.90 -8.85
N ILE D 110 -15.14 -31.37 -10.06
CA ILE D 110 -15.09 -30.48 -11.23
C ILE D 110 -16.53 -30.02 -11.48
N ASN D 111 -16.75 -28.71 -11.49
CA ASN D 111 -18.08 -28.14 -11.71
C ASN D 111 -18.43 -28.07 -13.19
N ALA D 112 -17.43 -27.84 -14.02
CA ALA D 112 -17.65 -27.75 -15.45
C ALA D 112 -16.33 -27.87 -16.15
N VAL D 113 -16.37 -28.20 -17.43
CA VAL D 113 -15.13 -28.34 -18.18
C VAL D 113 -15.31 -27.76 -19.58
N ARG D 114 -14.27 -27.09 -20.06
CA ARG D 114 -14.28 -26.50 -21.39
C ARG D 114 -13.18 -27.16 -22.20
N VAL D 115 -13.53 -27.75 -23.33
CA VAL D 115 -12.54 -28.43 -24.15
C VAL D 115 -12.41 -27.82 -25.54
N LYS D 116 -11.20 -27.39 -25.89
CA LYS D 116 -10.94 -26.84 -27.21
C LYS D 116 -10.00 -27.79 -27.92
N LEU D 117 -10.50 -28.43 -28.97
CA LEU D 117 -9.72 -29.35 -29.76
C LEU D 117 -9.64 -28.76 -31.16
N SER D 118 -8.45 -28.71 -31.74
CA SER D 118 -8.31 -28.12 -33.07
C SER D 118 -7.24 -28.78 -33.91
N LYS D 119 -7.33 -28.57 -35.21
CA LYS D 119 -6.38 -29.09 -36.18
C LYS D 119 -5.65 -27.90 -36.79
N PRO D 120 -4.34 -27.75 -36.54
CA PRO D 120 -3.57 -26.65 -37.11
C PRO D 120 -3.32 -26.84 -38.61
N ASN D 121 -3.30 -28.09 -39.04
CA ASN D 121 -3.05 -28.42 -40.44
C ASN D 121 -4.25 -29.15 -41.01
N VAL D 122 -5.11 -28.42 -41.70
CA VAL D 122 -6.31 -29.04 -42.24
C VAL D 122 -6.16 -29.46 -43.70
N ALA D 123 -6.39 -30.75 -43.93
CA ALA D 123 -6.29 -31.35 -45.25
C ALA D 123 -6.98 -30.57 -46.34
N LEU D 124 -6.27 -30.41 -47.45
CA LEU D 124 -6.78 -29.73 -48.63
C LEU D 124 -6.84 -28.21 -48.57
N ILE D 125 -6.81 -27.62 -47.37
CA ILE D 125 -6.83 -26.17 -47.28
C ILE D 125 -5.48 -25.62 -47.75
N LYS D 126 -5.52 -24.80 -48.80
CA LYS D 126 -4.32 -24.24 -49.40
C LYS D 126 -3.77 -22.98 -48.74
N SER D 127 -4.66 -22.18 -48.14
CA SER D 127 -4.22 -20.95 -47.52
C SER D 127 -3.78 -21.13 -46.07
N THR D 128 -3.19 -20.09 -45.51
CA THR D 128 -2.70 -20.11 -44.13
C THR D 128 -3.81 -19.82 -43.14
N ILE D 129 -3.75 -20.51 -42.01
CA ILE D 129 -4.73 -20.33 -40.93
C ILE D 129 -3.99 -20.70 -39.67
N ASP D 130 -4.59 -20.40 -38.53
CA ASP D 130 -3.99 -20.79 -37.25
C ASP D 130 -4.52 -22.21 -37.06
N TYR D 131 -5.84 -22.35 -37.10
CA TYR D 131 -6.47 -23.66 -36.94
C TYR D 131 -7.98 -23.61 -37.05
N LEU D 132 -8.57 -24.79 -37.25
CA LEU D 132 -10.03 -24.98 -37.29
C LEU D 132 -10.32 -26.02 -36.19
N GLY D 133 -11.39 -25.82 -35.44
CA GLY D 133 -11.69 -26.80 -34.40
C GLY D 133 -13.00 -26.57 -33.70
N VAL D 134 -13.18 -27.26 -32.58
CA VAL D 134 -14.37 -27.15 -31.78
C VAL D 134 -14.03 -26.59 -30.40
N ASP D 135 -15.06 -26.11 -29.72
CA ASP D 135 -14.92 -25.52 -28.40
C ASP D 135 -16.25 -25.76 -27.68
N ILE D 136 -16.27 -26.75 -26.79
CA ILE D 136 -17.49 -27.10 -26.05
C ILE D 136 -17.39 -26.82 -24.55
N PHE D 137 -18.55 -26.61 -23.94
CA PHE D 137 -18.62 -26.36 -22.51
C PHE D 137 -19.53 -27.45 -21.95
N ARG D 138 -19.06 -28.18 -20.95
CA ARG D 138 -19.87 -29.24 -20.37
C ARG D 138 -19.95 -29.11 -18.86
N GLN D 139 -21.14 -29.32 -18.32
CA GLN D 139 -21.37 -29.24 -16.88
C GLN D 139 -22.02 -30.54 -16.45
N ARG D 140 -22.29 -30.69 -15.16
CA ARG D 140 -22.93 -31.91 -14.67
C ARG D 140 -24.45 -31.67 -14.50
N GLY E 21 28.01 -13.71 -55.51
CA GLY E 21 28.05 -12.40 -54.85
C GLY E 21 26.65 -11.98 -54.46
N ASP E 22 26.02 -11.14 -55.26
CA ASP E 22 24.65 -10.70 -54.97
C ASP E 22 23.68 -11.84 -55.22
N LYS E 23 22.49 -11.70 -54.67
CA LYS E 23 21.46 -12.70 -54.88
C LYS E 23 20.07 -12.21 -54.54
N LEU E 24 19.09 -12.84 -55.16
CA LEU E 24 17.69 -12.53 -54.92
C LEU E 24 17.27 -13.59 -53.90
N ILE E 25 16.53 -13.17 -52.89
CA ILE E 25 16.10 -14.10 -51.85
C ILE E 25 14.60 -14.25 -51.76
N LEU E 26 14.17 -15.50 -51.77
CA LEU E 26 12.76 -15.83 -51.63
C LEU E 26 12.77 -16.71 -50.41
N LYS E 27 12.26 -16.15 -49.31
CA LYS E 27 12.28 -16.83 -48.02
C LYS E 27 10.93 -17.19 -47.47
N GLY E 28 10.80 -18.44 -47.02
CA GLY E 28 9.59 -18.92 -46.41
C GLY E 28 8.38 -19.06 -47.30
N LEU E 29 8.59 -19.49 -48.55
CA LEU E 29 7.47 -19.68 -49.45
C LEU E 29 6.67 -20.91 -48.98
N LYS E 30 5.35 -20.74 -48.87
CA LYS E 30 4.51 -21.85 -48.45
C LYS E 30 3.56 -22.24 -49.56
N PHE E 31 3.63 -23.50 -49.98
CA PHE E 31 2.78 -24.03 -51.04
C PHE E 31 2.24 -25.38 -50.61
N TYR E 32 1.02 -25.68 -51.02
CA TYR E 32 0.40 -26.94 -50.68
C TYR E 32 0.68 -27.85 -51.86
N GLY E 33 1.25 -29.03 -51.58
CA GLY E 33 1.58 -29.95 -52.64
C GLY E 33 1.14 -31.35 -52.32
N PHE E 34 1.55 -32.30 -53.15
CA PHE E 34 1.14 -33.69 -52.96
C PHE E 34 2.28 -34.69 -53.09
N HIS E 35 3.48 -34.28 -52.69
CA HIS E 35 4.65 -35.13 -52.76
C HIS E 35 4.83 -35.99 -51.51
N GLY E 36 5.45 -37.15 -51.68
CA GLY E 36 5.67 -38.04 -50.56
C GLY E 36 5.85 -39.48 -50.98
N ALA E 37 6.56 -40.24 -50.14
CA ALA E 37 6.84 -41.66 -50.40
C ALA E 37 5.65 -42.54 -50.05
N ILE E 38 4.85 -42.13 -49.07
CA ILE E 38 3.69 -42.90 -48.68
C ILE E 38 2.54 -42.54 -49.63
N ALA E 39 1.87 -43.56 -50.16
CA ALA E 39 0.77 -43.36 -51.08
C ALA E 39 -0.27 -42.33 -50.62
N GLU E 40 -0.75 -42.46 -49.39
CA GLU E 40 -1.77 -41.53 -48.88
C GLU E 40 -1.32 -40.06 -48.83
N GLU E 41 -0.02 -39.83 -48.67
CA GLU E 41 0.49 -38.47 -48.64
C GLU E 41 0.23 -37.82 -49.99
N ARG E 42 0.42 -38.63 -51.03
CA ARG E 42 0.26 -38.15 -52.39
C ARG E 42 -1.17 -37.79 -52.81
N THR E 43 -2.16 -38.36 -52.12
CA THR E 43 -3.55 -38.08 -52.45
C THR E 43 -4.16 -37.08 -51.46
N LEU E 44 -3.48 -36.87 -50.34
CA LEU E 44 -3.98 -35.95 -49.35
C LEU E 44 -3.23 -34.62 -49.46
N GLY E 45 -1.94 -34.71 -49.75
CA GLY E 45 -1.14 -33.52 -49.87
C GLY E 45 -0.82 -32.89 -48.54
N GLN E 46 -0.06 -31.80 -48.56
CA GLN E 46 0.33 -31.11 -47.35
C GLN E 46 1.08 -29.83 -47.71
N MET E 47 1.44 -29.07 -46.67
CA MET E 47 2.18 -27.82 -46.83
C MET E 47 3.67 -28.10 -46.94
N PHE E 48 4.36 -27.33 -47.79
CA PHE E 48 5.80 -27.42 -47.99
C PHE E 48 6.40 -26.02 -47.79
N LEU E 49 7.61 -25.96 -47.25
CA LEU E 49 8.29 -24.68 -47.03
C LEU E 49 9.47 -24.56 -48.01
N VAL E 50 9.53 -23.44 -48.73
CA VAL E 50 10.58 -23.23 -49.72
C VAL E 50 11.45 -21.97 -49.55
N ASP E 51 12.77 -22.16 -49.59
CA ASP E 51 13.72 -21.04 -49.51
C ASP E 51 14.55 -21.14 -50.78
N ILE E 52 14.74 -20.01 -51.45
CA ILE E 52 15.52 -19.96 -52.68
C ILE E 52 16.42 -18.74 -52.69
N ASP E 53 17.70 -18.99 -52.93
CA ASP E 53 18.69 -17.94 -53.05
C ASP E 53 19.16 -18.07 -54.50
N ALA E 54 18.86 -17.05 -55.30
CA ALA E 54 19.25 -17.06 -56.70
C ALA E 54 20.46 -16.15 -56.88
N TRP E 55 21.58 -16.75 -57.26
CA TRP E 55 22.83 -16.03 -57.47
C TRP E 55 22.88 -15.30 -58.80
N VAL E 56 22.81 -13.98 -58.75
CA VAL E 56 22.84 -13.17 -59.94
C VAL E 56 23.41 -11.80 -59.58
N SER E 57 24.26 -11.24 -60.44
CA SER E 57 24.84 -9.93 -60.18
C SER E 57 23.72 -8.89 -60.25
N LEU E 58 23.66 -8.00 -59.26
CA LEU E 58 22.62 -6.98 -59.18
C LEU E 58 23.11 -5.54 -59.29
N LYS E 59 24.42 -5.35 -59.47
CA LYS E 59 24.96 -3.99 -59.55
C LYS E 59 24.37 -3.20 -60.72
N LYS E 60 24.31 -3.79 -61.91
CA LYS E 60 23.76 -3.11 -63.07
C LYS E 60 22.39 -2.50 -62.76
N ALA E 61 21.46 -3.34 -62.31
CA ALA E 61 20.10 -2.93 -61.98
C ALA E 61 20.10 -1.92 -60.82
N GLY E 62 21.05 -2.10 -59.91
CA GLY E 62 21.16 -1.19 -58.78
C GLY E 62 21.54 0.22 -59.21
N GLU E 63 22.16 0.34 -60.39
CA GLU E 63 22.55 1.67 -60.87
C GLU E 63 21.60 2.26 -61.93
N SER E 64 20.92 1.40 -62.70
CA SER E 64 20.01 1.92 -63.73
C SER E 64 18.58 2.07 -63.22
N ASP E 65 18.19 1.18 -62.32
CA ASP E 65 16.85 1.15 -61.74
C ASP E 65 15.79 0.78 -62.77
N ASN E 66 16.21 0.02 -63.78
CA ASN E 66 15.31 -0.42 -64.82
C ASN E 66 15.15 -1.94 -64.69
N LEU E 67 13.93 -2.40 -64.91
CA LEU E 67 13.59 -3.83 -64.81
C LEU E 67 14.37 -4.77 -65.73
N GLU E 68 14.73 -4.29 -66.91
CA GLU E 68 15.46 -5.13 -67.86
C GLU E 68 16.81 -5.61 -67.33
N ASP E 69 17.35 -4.90 -66.33
CA ASP E 69 18.65 -5.25 -65.77
C ASP E 69 18.67 -6.25 -64.63
N THR E 70 17.53 -6.86 -64.33
CA THR E 70 17.45 -7.85 -63.26
C THR E 70 16.35 -8.84 -63.64
N ILE E 71 16.10 -9.83 -62.80
CA ILE E 71 15.01 -10.75 -63.09
C ILE E 71 14.01 -10.53 -61.98
N SER E 72 12.72 -10.66 -62.30
CA SER E 72 11.67 -10.45 -61.31
C SER E 72 11.62 -11.62 -60.34
N TYR E 73 11.67 -11.35 -59.03
CA TYR E 73 11.60 -12.45 -58.09
C TYR E 73 10.19 -13.04 -58.11
N VAL E 74 9.24 -12.27 -58.64
CA VAL E 74 7.88 -12.75 -58.75
C VAL E 74 7.85 -13.86 -59.82
N ASP E 75 8.75 -13.78 -60.81
CA ASP E 75 8.83 -14.81 -61.84
C ASP E 75 9.43 -16.07 -61.21
N ILE E 76 10.40 -15.89 -60.33
CA ILE E 76 11.02 -17.03 -59.66
C ILE E 76 9.99 -17.66 -58.71
N PHE E 77 9.19 -16.81 -58.06
CA PHE E 77 8.16 -17.26 -57.15
C PHE E 77 7.15 -18.15 -57.86
N SER E 78 6.67 -17.69 -59.02
CA SER E 78 5.70 -18.43 -59.81
C SER E 78 6.22 -19.76 -60.31
N LEU E 79 7.47 -19.80 -60.74
CA LEU E 79 8.05 -21.04 -61.23
C LEU E 79 8.07 -22.12 -60.12
N ALA E 80 8.52 -21.75 -58.93
CA ALA E 80 8.58 -22.69 -57.81
C ALA E 80 7.19 -23.17 -57.43
N LYS E 81 6.26 -22.22 -57.33
CA LYS E 81 4.89 -22.52 -56.96
C LYS E 81 4.30 -23.56 -57.90
N GLU E 82 4.47 -23.35 -59.20
CA GLU E 82 3.93 -24.25 -60.19
C GLU E 82 4.51 -25.65 -60.05
N ILE E 83 5.80 -25.72 -59.75
CA ILE E 83 6.44 -27.01 -59.57
C ILE E 83 5.97 -27.70 -58.29
N VAL E 84 6.05 -27.00 -57.16
CA VAL E 84 5.64 -27.58 -55.89
C VAL E 84 4.16 -28.02 -55.91
N GLU E 85 3.31 -27.26 -56.61
CA GLU E 85 1.89 -27.60 -56.69
C GLU E 85 1.67 -28.54 -57.88
N GLY E 86 2.72 -28.86 -58.60
CA GLY E 86 2.56 -29.73 -59.77
C GLY E 86 2.38 -31.20 -59.50
N SER E 87 2.73 -32.01 -60.49
CA SER E 87 2.59 -33.46 -60.36
C SER E 87 3.28 -34.00 -59.11
N PRO E 88 2.62 -34.96 -58.43
CA PRO E 88 3.21 -35.53 -57.23
C PRO E 88 4.49 -36.31 -57.47
N ARG E 89 5.48 -36.06 -56.62
CA ARG E 89 6.76 -36.74 -56.69
C ARG E 89 6.95 -37.43 -55.35
N ASN E 90 7.67 -38.53 -55.33
CA ASN E 90 7.87 -39.24 -54.07
C ASN E 90 8.82 -38.52 -53.11
N LEU E 91 9.90 -37.93 -53.63
CA LEU E 91 10.90 -37.27 -52.79
C LEU E 91 11.00 -35.75 -52.89
N LEU E 92 11.45 -35.14 -51.79
CA LEU E 92 11.67 -33.70 -51.74
C LEU E 92 12.84 -33.39 -52.66
N GLU E 93 13.83 -34.29 -52.69
CA GLU E 93 15.02 -34.16 -53.54
C GLU E 93 14.62 -33.86 -54.99
N THR E 94 13.64 -34.61 -55.49
CA THR E 94 13.14 -34.47 -56.85
C THR E 94 12.52 -33.10 -57.11
N VAL E 95 11.74 -32.63 -56.14
CA VAL E 95 11.09 -31.33 -56.23
C VAL E 95 12.12 -30.20 -56.22
N ALA E 96 13.03 -30.26 -55.27
CA ALA E 96 14.08 -29.25 -55.15
C ALA E 96 14.92 -29.22 -56.43
N GLU E 97 15.31 -30.41 -56.87
CA GLU E 97 16.11 -30.55 -58.07
C GLU E 97 15.38 -29.96 -59.26
N LEU E 98 14.07 -30.08 -59.28
CA LEU E 98 13.27 -29.54 -60.37
C LEU E 98 13.30 -28.02 -60.33
N ILE E 99 13.12 -27.48 -59.13
CA ILE E 99 13.12 -26.04 -58.93
C ILE E 99 14.48 -25.47 -59.40
N ALA E 100 15.56 -26.09 -58.94
CA ALA E 100 16.89 -25.65 -59.31
C ALA E 100 17.09 -25.68 -60.83
N SER E 101 16.96 -26.86 -61.43
CA SER E 101 17.16 -26.98 -62.87
C SER E 101 16.23 -26.05 -63.66
N LYS E 102 14.96 -25.97 -63.27
CA LYS E 102 14.00 -25.11 -63.96
C LYS E 102 14.37 -23.63 -63.87
N THR E 103 14.86 -23.23 -62.70
CA THR E 103 15.22 -21.84 -62.47
C THR E 103 16.41 -21.44 -63.34
N LEU E 104 17.45 -22.27 -63.33
CA LEU E 104 18.63 -21.98 -64.14
C LEU E 104 18.24 -21.95 -65.62
N GLU E 105 17.37 -22.87 -66.02
CA GLU E 105 16.93 -22.93 -67.41
C GLU E 105 16.10 -21.70 -67.81
N LYS E 106 15.21 -21.27 -66.91
CA LYS E 106 14.35 -20.12 -67.18
C LYS E 106 15.07 -18.78 -67.19
N PHE E 107 16.09 -18.61 -66.36
CA PHE E 107 16.77 -17.32 -66.29
C PHE E 107 18.28 -17.47 -66.48
N HIS E 108 18.76 -17.16 -67.69
CA HIS E 108 20.17 -17.28 -67.98
C HIS E 108 21.05 -16.39 -67.11
N GLN E 109 20.48 -15.30 -66.61
CA GLN E 109 21.22 -14.38 -65.75
C GLN E 109 21.62 -15.04 -64.43
N ILE E 110 20.88 -16.07 -64.04
CA ILE E 110 21.17 -16.75 -62.78
C ILE E 110 22.44 -17.58 -62.93
N ASN E 111 23.30 -17.52 -61.93
CA ASN E 111 24.55 -18.25 -61.96
C ASN E 111 24.54 -19.48 -61.05
N ALA E 112 23.71 -19.43 -60.03
CA ALA E 112 23.60 -20.55 -59.10
C ALA E 112 22.31 -20.42 -58.30
N VAL E 113 21.74 -21.56 -57.92
CA VAL E 113 20.52 -21.55 -57.14
C VAL E 113 20.67 -22.47 -55.94
N ARG E 114 20.30 -21.94 -54.78
CA ARG E 114 20.35 -22.71 -53.55
C ARG E 114 18.87 -22.93 -53.22
N VAL E 115 18.46 -24.19 -53.12
CA VAL E 115 17.08 -24.51 -52.82
C VAL E 115 16.92 -25.35 -51.56
N LYS E 116 16.12 -24.84 -50.63
CA LYS E 116 15.84 -25.56 -49.40
C LYS E 116 14.37 -25.95 -49.44
N LEU E 117 14.08 -27.24 -49.46
CA LEU E 117 12.69 -27.68 -49.50
C LEU E 117 12.42 -28.53 -48.27
N SER E 118 11.41 -28.13 -47.50
CA SER E 118 11.10 -28.83 -46.25
C SER E 118 9.64 -29.12 -46.02
N LYS E 119 9.38 -30.03 -45.09
CA LYS E 119 8.04 -30.39 -44.69
C LYS E 119 7.94 -30.03 -43.21
N PRO E 120 7.07 -29.09 -42.85
CA PRO E 120 6.90 -28.69 -41.45
C PRO E 120 6.05 -29.71 -40.68
N ASN E 121 5.26 -30.50 -41.42
CA ASN E 121 4.40 -31.51 -40.82
C ASN E 121 4.69 -32.85 -41.45
N VAL E 122 5.57 -33.64 -40.82
CA VAL E 122 5.90 -34.94 -41.37
C VAL E 122 4.98 -35.98 -40.80
N ALA E 123 4.30 -36.70 -41.70
CA ALA E 123 3.39 -37.75 -41.31
C ALA E 123 4.13 -38.83 -40.50
N LEU E 124 3.46 -39.38 -39.50
CA LEU E 124 4.03 -40.43 -38.66
C LEU E 124 5.09 -39.99 -37.65
N ILE E 125 5.47 -38.72 -37.66
CA ILE E 125 6.40 -38.25 -36.64
C ILE E 125 5.48 -37.78 -35.53
N LYS E 126 5.52 -38.46 -34.39
CA LYS E 126 4.64 -38.16 -33.29
C LYS E 126 5.16 -37.18 -32.27
N SER E 127 6.21 -36.45 -32.61
CA SER E 127 6.78 -35.47 -31.69
C SER E 127 7.04 -34.15 -32.40
N THR E 128 7.26 -33.11 -31.62
CA THR E 128 7.49 -31.77 -32.19
C THR E 128 8.81 -31.56 -32.92
N ILE E 129 8.74 -30.85 -34.05
CA ILE E 129 9.92 -30.53 -34.83
C ILE E 129 9.71 -29.23 -35.61
N ASP E 130 10.79 -28.68 -36.15
CA ASP E 130 10.70 -27.49 -36.96
C ASP E 130 10.24 -28.05 -38.31
N TYR E 131 11.12 -28.84 -38.92
CA TYR E 131 10.84 -29.44 -40.21
C TYR E 131 11.95 -30.40 -40.60
N LEU E 132 11.69 -31.22 -41.62
CA LEU E 132 12.70 -32.13 -42.14
C LEU E 132 12.69 -31.77 -43.62
N GLY E 133 13.88 -31.57 -44.19
CA GLY E 133 13.93 -31.24 -45.59
C GLY E 133 15.28 -31.47 -46.25
N VAL E 134 15.44 -30.89 -47.43
CA VAL E 134 16.68 -31.01 -48.18
C VAL E 134 17.21 -29.62 -48.45
N ASP E 135 18.50 -29.56 -48.81
CA ASP E 135 19.20 -28.31 -49.08
C ASP E 135 20.22 -28.55 -50.18
N ILE E 136 19.88 -28.16 -51.41
CA ILE E 136 20.82 -28.37 -52.50
C ILE E 136 21.33 -27.07 -53.13
N PHE E 137 22.51 -27.16 -53.72
CA PHE E 137 23.17 -26.02 -54.35
C PHE E 137 23.56 -26.48 -55.75
N ARG E 138 23.11 -25.74 -56.75
CA ARG E 138 23.38 -26.12 -58.13
C ARG E 138 23.89 -24.93 -58.94
N GLN E 139 25.08 -25.07 -59.50
CA GLN E 139 25.65 -24.00 -60.30
C GLN E 139 25.43 -24.28 -61.77
N ARG E 140 25.36 -23.22 -62.57
CA ARG E 140 25.13 -23.39 -63.99
C ARG E 140 26.32 -24.16 -64.57
N GLY F 21 28.50 -29.74 -49.89
CA GLY F 21 27.53 -30.02 -50.99
C GLY F 21 26.10 -30.08 -50.51
N ASP F 22 25.37 -31.09 -50.96
CA ASP F 22 23.97 -31.27 -50.58
C ASP F 22 23.85 -31.77 -49.16
N LYS F 23 22.65 -31.66 -48.61
CA LYS F 23 22.42 -32.14 -47.27
C LYS F 23 20.95 -32.32 -46.90
N LEU F 24 20.72 -33.32 -46.05
CA LEU F 24 19.41 -33.65 -45.52
C LEU F 24 19.39 -32.85 -44.24
N ILE F 25 18.29 -32.14 -44.01
CA ILE F 25 18.16 -31.28 -42.84
C ILE F 25 17.05 -31.72 -41.88
N LEU F 26 17.40 -31.92 -40.61
CA LEU F 26 16.43 -32.25 -39.58
C LEU F 26 16.60 -31.11 -38.56
N LYS F 27 15.59 -30.24 -38.51
CA LYS F 27 15.63 -29.05 -37.67
C LYS F 27 14.62 -29.00 -36.53
N GLY F 28 15.13 -28.61 -35.36
CA GLY F 28 14.30 -28.46 -34.18
C GLY F 28 13.63 -29.71 -33.64
N LEU F 29 14.32 -30.85 -33.65
CA LEU F 29 13.75 -32.08 -33.12
C LEU F 29 13.74 -31.98 -31.59
N LYS F 30 12.55 -32.10 -31.00
CA LYS F 30 12.41 -32.03 -29.54
C LYS F 30 12.12 -33.41 -28.99
N PHE F 31 12.91 -33.84 -28.00
CA PHE F 31 12.74 -35.16 -27.37
C PHE F 31 12.90 -35.03 -25.85
N TYR F 32 12.06 -35.69 -25.09
CA TYR F 32 12.23 -35.63 -23.64
C TYR F 32 13.32 -36.63 -23.28
N GLY F 33 14.23 -36.24 -22.39
CA GLY F 33 15.31 -37.13 -22.01
C GLY F 33 15.83 -36.95 -20.60
N PHE F 34 16.77 -37.79 -20.18
CA PHE F 34 17.29 -37.71 -18.82
C PHE F 34 18.79 -37.42 -18.67
N HIS F 35 19.39 -36.83 -19.68
CA HIS F 35 20.83 -36.53 -19.62
C HIS F 35 21.14 -35.33 -18.73
N GLY F 36 22.30 -35.38 -18.07
CA GLY F 36 22.68 -34.29 -17.19
C GLY F 36 23.73 -34.66 -16.16
N ALA F 37 24.48 -33.66 -15.72
CA ALA F 37 25.54 -33.86 -14.74
C ALA F 37 24.94 -34.04 -13.35
N ILE F 38 23.98 -33.18 -13.01
CA ILE F 38 23.33 -33.24 -11.71
C ILE F 38 22.56 -34.54 -11.57
N ALA F 39 22.52 -35.08 -10.35
CA ALA F 39 21.83 -36.32 -10.06
C ALA F 39 20.32 -36.23 -10.28
N GLU F 40 19.71 -35.18 -9.75
CA GLU F 40 18.26 -35.01 -9.89
C GLU F 40 17.85 -34.80 -11.34
N GLU F 41 18.77 -34.32 -12.17
CA GLU F 41 18.48 -34.11 -13.59
C GLU F 41 18.24 -35.46 -14.26
N ARG F 42 19.08 -36.44 -13.91
CA ARG F 42 18.98 -37.78 -14.48
C ARG F 42 17.73 -38.47 -13.98
N THR F 43 17.13 -37.93 -12.92
CA THR F 43 15.91 -38.49 -12.36
C THR F 43 14.68 -37.91 -13.07
N LEU F 44 14.54 -36.60 -12.96
CA LEU F 44 13.42 -35.86 -13.54
C LEU F 44 13.38 -35.84 -15.05
N GLY F 45 14.52 -35.56 -15.68
CA GLY F 45 14.57 -35.48 -17.14
C GLY F 45 14.23 -34.08 -17.58
N GLN F 46 14.24 -33.86 -18.90
CA GLN F 46 13.91 -32.55 -19.46
C GLN F 46 13.89 -32.65 -20.99
N MET F 47 13.49 -31.57 -21.65
CA MET F 47 13.43 -31.54 -23.12
C MET F 47 14.77 -31.16 -23.73
N PHE F 48 15.13 -31.85 -24.82
CA PHE F 48 16.36 -31.57 -25.55
C PHE F 48 16.01 -31.25 -27.00
N LEU F 49 16.73 -30.30 -27.58
CA LEU F 49 16.54 -29.86 -28.97
C LEU F 49 17.69 -30.36 -29.83
N VAL F 50 17.38 -31.01 -30.95
CA VAL F 50 18.41 -31.52 -31.83
C VAL F 50 18.33 -31.00 -33.26
N ASP F 51 19.50 -30.65 -33.82
CA ASP F 51 19.61 -30.18 -35.20
C ASP F 51 20.57 -31.14 -35.89
N ILE F 52 20.17 -31.69 -37.01
CA ILE F 52 21.03 -32.61 -37.75
C ILE F 52 21.17 -32.27 -39.21
N ASP F 53 22.41 -32.14 -39.65
CA ASP F 53 22.71 -31.86 -41.06
C ASP F 53 23.50 -33.05 -41.58
N ALA F 54 22.91 -33.80 -42.50
CA ALA F 54 23.58 -34.96 -43.05
C ALA F 54 24.09 -34.62 -44.46
N TRP F 55 25.41 -34.59 -44.60
CA TRP F 55 26.03 -34.29 -45.88
C TRP F 55 25.99 -35.52 -46.77
N VAL F 56 25.40 -35.37 -47.94
CA VAL F 56 25.29 -36.49 -48.87
C VAL F 56 24.81 -35.94 -50.22
N SER F 57 25.40 -36.43 -51.31
CA SER F 57 24.99 -35.96 -52.65
C SER F 57 23.57 -36.41 -52.90
N LEU F 58 22.71 -35.47 -53.24
CA LEU F 58 21.31 -35.79 -53.48
C LEU F 58 20.88 -35.78 -54.95
N LYS F 59 21.82 -35.46 -55.84
CA LYS F 59 21.51 -35.39 -57.26
C LYS F 59 20.91 -36.69 -57.81
N LYS F 60 21.52 -37.82 -57.46
CA LYS F 60 21.03 -39.11 -57.92
C LYS F 60 19.55 -39.25 -57.62
N ALA F 61 19.22 -39.18 -56.33
CA ALA F 61 17.83 -39.30 -55.86
C ALA F 61 16.91 -38.26 -56.48
N GLY F 62 17.39 -37.03 -56.58
CA GLY F 62 16.56 -35.97 -57.14
C GLY F 62 16.27 -36.18 -58.61
N GLU F 63 17.05 -37.04 -59.25
CA GLU F 63 16.85 -37.32 -60.66
C GLU F 63 16.23 -38.68 -60.90
N SER F 64 16.05 -39.47 -59.84
CA SER F 64 15.44 -40.81 -59.96
C SER F 64 14.12 -40.90 -59.21
N ASP F 65 13.95 -40.02 -58.22
CA ASP F 65 12.78 -39.98 -57.37
C ASP F 65 12.53 -41.32 -56.71
N ASN F 66 13.62 -42.03 -56.45
CA ASN F 66 13.57 -43.34 -55.80
C ASN F 66 14.16 -43.13 -54.41
N LEU F 67 13.40 -43.52 -53.40
CA LEU F 67 13.81 -43.36 -52.01
C LEU F 67 15.13 -44.08 -51.73
N GLU F 68 15.34 -45.21 -52.39
CA GLU F 68 16.55 -46.00 -52.19
C GLU F 68 17.83 -45.29 -52.61
N ASP F 69 17.71 -44.19 -53.34
CA ASP F 69 18.90 -43.44 -53.79
C ASP F 69 19.29 -42.36 -52.80
N THR F 70 18.65 -42.37 -51.63
CA THR F 70 18.96 -41.39 -50.61
C THR F 70 18.78 -42.03 -49.25
N ILE F 71 18.98 -41.26 -48.19
CA ILE F 71 18.77 -41.76 -46.85
C ILE F 71 17.43 -41.15 -46.44
N SER F 72 16.53 -41.97 -45.90
CA SER F 72 15.24 -41.47 -45.46
C SER F 72 15.42 -40.65 -44.20
N TYR F 73 14.86 -39.45 -44.14
CA TYR F 73 15.02 -38.64 -42.92
C TYR F 73 14.25 -39.25 -41.76
N VAL F 74 13.34 -40.15 -42.09
CA VAL F 74 12.56 -40.84 -41.08
C VAL F 74 13.51 -41.73 -40.29
N ASP F 75 14.37 -42.46 -41.01
CA ASP F 75 15.34 -43.36 -40.40
C ASP F 75 16.37 -42.58 -39.56
N ILE F 76 16.78 -41.43 -40.04
CA ILE F 76 17.72 -40.61 -39.30
C ILE F 76 16.96 -40.10 -38.08
N PHE F 77 15.70 -39.72 -38.27
CA PHE F 77 14.91 -39.25 -37.14
C PHE F 77 14.83 -40.31 -36.03
N SER F 78 14.38 -41.52 -36.38
CA SER F 78 14.26 -42.58 -35.38
C SER F 78 15.55 -42.93 -34.68
N LEU F 79 16.66 -42.94 -35.41
CA LEU F 79 17.94 -43.24 -34.78
C LEU F 79 18.24 -42.20 -33.71
N ALA F 80 18.10 -40.92 -34.07
CA ALA F 80 18.33 -39.83 -33.14
C ALA F 80 17.39 -39.88 -31.92
N LYS F 81 16.12 -40.17 -32.17
CA LYS F 81 15.12 -40.27 -31.09
C LYS F 81 15.56 -41.34 -30.09
N GLU F 82 15.85 -42.53 -30.59
CA GLU F 82 16.26 -43.64 -29.74
C GLU F 82 17.41 -43.26 -28.81
N ILE F 83 18.38 -42.52 -29.33
CA ILE F 83 19.53 -42.10 -28.54
C ILE F 83 19.12 -41.09 -27.46
N VAL F 84 18.60 -39.96 -27.90
CA VAL F 84 18.21 -38.91 -26.98
C VAL F 84 17.30 -39.40 -25.87
N GLU F 85 16.37 -40.28 -26.20
CA GLU F 85 15.45 -40.80 -25.20
C GLU F 85 16.02 -42.02 -24.50
N GLY F 86 17.27 -42.36 -24.80
CA GLY F 86 17.88 -43.54 -24.20
C GLY F 86 18.47 -43.43 -22.81
N SER F 87 19.31 -44.40 -22.49
CA SER F 87 20.01 -44.49 -21.21
C SER F 87 20.66 -43.13 -20.96
N PRO F 88 20.48 -42.59 -19.75
CA PRO F 88 21.05 -41.28 -19.44
C PRO F 88 22.56 -41.14 -19.40
N ARG F 89 23.05 -40.07 -20.02
CA ARG F 89 24.47 -39.76 -20.03
C ARG F 89 24.66 -38.46 -19.23
N ASN F 90 25.89 -38.17 -18.85
CA ASN F 90 26.17 -36.95 -18.10
C ASN F 90 26.20 -35.71 -18.99
N LEU F 91 26.87 -35.84 -20.14
CA LEU F 91 27.04 -34.73 -21.06
C LEU F 91 26.28 -34.77 -22.40
N LEU F 92 26.03 -33.58 -22.95
CA LEU F 92 25.38 -33.44 -24.24
C LEU F 92 26.37 -33.89 -25.29
N GLU F 93 27.65 -33.70 -25.00
CA GLU F 93 28.72 -34.11 -25.91
C GLU F 93 28.61 -35.61 -26.24
N THR F 94 28.44 -36.42 -25.21
CA THR F 94 28.35 -37.87 -25.35
C THR F 94 27.15 -38.28 -26.21
N VAL F 95 26.03 -37.60 -25.99
CA VAL F 95 24.80 -37.86 -26.72
C VAL F 95 24.92 -37.43 -28.18
N ALA F 96 25.54 -36.29 -28.44
CA ALA F 96 25.70 -35.80 -29.81
C ALA F 96 26.71 -36.67 -30.53
N GLU F 97 27.73 -37.10 -29.79
CA GLU F 97 28.78 -37.96 -30.35
C GLU F 97 28.15 -39.28 -30.82
N LEU F 98 27.27 -39.86 -30.01
CA LEU F 98 26.61 -41.12 -30.38
C LEU F 98 25.76 -40.97 -31.63
N ILE F 99 24.97 -39.91 -31.68
CA ILE F 99 24.12 -39.63 -32.84
C ILE F 99 24.99 -39.57 -34.11
N ALA F 100 26.10 -38.85 -34.05
CA ALA F 100 27.00 -38.73 -35.20
C ALA F 100 27.61 -40.07 -35.63
N SER F 101 28.26 -40.74 -34.68
CA SER F 101 28.90 -42.02 -34.97
C SER F 101 27.90 -43.06 -35.45
N LYS F 102 26.77 -43.18 -34.76
CA LYS F 102 25.75 -44.14 -35.14
C LYS F 102 25.13 -43.81 -36.49
N THR F 103 25.02 -42.53 -36.82
CA THR F 103 24.44 -42.15 -38.11
C THR F 103 25.41 -42.51 -39.23
N LEU F 104 26.69 -42.22 -39.04
CA LEU F 104 27.67 -42.52 -40.07
C LEU F 104 27.80 -44.03 -40.18
N GLU F 105 27.63 -44.71 -39.06
CA GLU F 105 27.76 -46.16 -39.04
C GLU F 105 26.64 -46.89 -39.79
N LYS F 106 25.42 -46.41 -39.65
CA LYS F 106 24.28 -47.04 -40.28
C LYS F 106 23.98 -46.63 -41.72
N PHE F 107 24.36 -45.41 -42.09
CA PHE F 107 24.10 -44.93 -43.44
C PHE F 107 25.41 -44.57 -44.14
N HIS F 108 25.98 -45.57 -44.80
CA HIS F 108 27.25 -45.41 -45.49
C HIS F 108 27.23 -44.28 -46.53
N GLN F 109 26.05 -44.04 -47.11
CA GLN F 109 25.90 -42.98 -48.11
C GLN F 109 26.29 -41.61 -47.55
N ILE F 110 25.98 -41.37 -46.28
CA ILE F 110 26.31 -40.08 -45.68
C ILE F 110 27.82 -39.89 -45.57
N ASN F 111 28.28 -38.71 -45.93
CA ASN F 111 29.69 -38.37 -45.91
C ASN F 111 30.15 -37.63 -44.65
N ALA F 112 29.24 -36.91 -44.02
CA ALA F 112 29.57 -36.17 -42.82
C ALA F 112 28.31 -35.67 -42.13
N VAL F 113 28.36 -35.55 -40.81
CA VAL F 113 27.21 -35.11 -40.07
C VAL F 113 27.53 -34.00 -39.08
N ARG F 114 26.59 -33.07 -38.94
CA ARG F 114 26.72 -31.96 -38.01
C ARG F 114 25.59 -32.17 -37.01
N VAL F 115 25.92 -32.21 -35.72
CA VAL F 115 24.90 -32.41 -34.71
C VAL F 115 24.92 -31.32 -33.66
N LYS F 116 23.76 -30.71 -33.44
CA LYS F 116 23.63 -29.65 -32.46
C LYS F 116 22.65 -30.17 -31.42
N LEU F 117 23.15 -30.36 -30.20
CA LEU F 117 22.34 -30.85 -29.09
C LEU F 117 22.30 -29.75 -28.06
N SER F 118 21.10 -29.32 -27.70
CA SER F 118 20.97 -28.22 -26.76
C SER F 118 19.86 -28.40 -25.74
N LYS F 119 20.01 -27.67 -24.63
CA LYS F 119 19.02 -27.69 -23.57
C LYS F 119 18.38 -26.30 -23.50
N PRO F 120 17.09 -26.21 -23.83
CA PRO F 120 16.39 -24.93 -23.81
C PRO F 120 16.11 -24.51 -22.37
N ASN F 121 16.13 -25.47 -21.45
CA ASN F 121 15.86 -25.20 -20.05
C ASN F 121 16.96 -25.75 -19.18
N VAL F 122 17.95 -24.92 -18.88
CA VAL F 122 19.07 -25.34 -18.07
C VAL F 122 18.77 -25.10 -16.61
N ALA F 123 18.76 -26.18 -15.84
CA ALA F 123 18.47 -26.11 -14.42
C ALA F 123 19.38 -25.14 -13.67
N LEU F 124 18.76 -24.34 -12.80
CA LEU F 124 19.44 -23.37 -11.98
C LEU F 124 19.74 -22.03 -12.63
N ILE F 125 19.47 -21.92 -13.93
CA ILE F 125 19.70 -20.66 -14.63
C ILE F 125 18.47 -19.82 -14.39
N LYS F 126 18.60 -18.76 -13.60
CA LYS F 126 17.45 -17.93 -13.27
C LYS F 126 17.09 -16.87 -14.30
N SER F 127 17.91 -16.73 -15.33
CA SER F 127 17.65 -15.74 -16.36
C SER F 127 17.26 -16.40 -17.67
N THR F 128 16.60 -15.63 -18.52
CA THR F 128 16.13 -16.12 -19.81
C THR F 128 17.28 -16.32 -20.79
N ILE F 129 17.17 -17.38 -21.60
CA ILE F 129 18.15 -17.68 -22.66
C ILE F 129 17.36 -18.47 -23.72
N ASP F 130 17.97 -18.73 -24.87
CA ASP F 130 17.28 -19.54 -25.87
C ASP F 130 17.65 -20.98 -25.52
N TYR F 131 18.95 -21.25 -25.45
CA TYR F 131 19.43 -22.58 -25.10
C TYR F 131 20.93 -22.57 -24.94
N LEU F 132 21.44 -23.66 -24.38
CA LEU F 132 22.87 -23.84 -24.22
C LEU F 132 23.08 -25.21 -24.86
N GLY F 133 24.17 -25.41 -25.58
CA GLY F 133 24.34 -26.72 -26.19
C GLY F 133 25.69 -26.98 -26.83
N VAL F 134 25.82 -28.12 -27.50
CA VAL F 134 27.07 -28.44 -28.17
C VAL F 134 26.81 -28.52 -29.66
N ASP F 135 27.86 -28.36 -30.44
CA ASP F 135 27.71 -28.40 -31.87
C ASP F 135 28.93 -29.11 -32.44
N ILE F 136 28.73 -30.33 -32.94
CA ILE F 136 29.86 -31.06 -33.50
C ILE F 136 29.66 -31.44 -34.97
N PHE F 137 30.79 -31.60 -35.66
CA PHE F 137 30.81 -31.97 -37.06
C PHE F 137 31.72 -33.20 -37.17
N ARG F 138 31.23 -34.27 -37.80
CA ARG F 138 32.03 -35.48 -37.92
C ARG F 138 32.06 -36.04 -39.34
N GLN F 139 33.26 -36.09 -39.92
CA GLN F 139 33.43 -36.61 -41.27
C GLN F 139 33.66 -38.11 -41.19
N ARG F 140 33.30 -38.83 -42.25
CA ARG F 140 33.46 -40.28 -42.28
C ARG F 140 34.94 -40.69 -42.30
N ASN F 141 35.26 -41.73 -41.53
CA ASN F 141 36.62 -42.23 -41.46
C ASN F 141 36.68 -43.67 -41.96
N GLY G 21 35.72 -26.95 -36.51
CA GLY G 21 35.87 -27.76 -35.28
C GLY G 21 34.60 -27.72 -34.46
N ASP G 22 34.57 -28.47 -33.37
CA ASP G 22 33.40 -28.52 -32.51
C ASP G 22 33.25 -27.20 -31.76
N LYS G 23 32.08 -26.96 -31.21
CA LYS G 23 31.88 -25.74 -30.45
C LYS G 23 30.77 -25.81 -29.42
N LEU G 24 30.93 -25.01 -28.39
CA LEU G 24 29.94 -24.92 -27.33
C LEU G 24 29.13 -23.72 -27.75
N ILE G 25 27.81 -23.83 -27.63
CA ILE G 25 26.93 -22.75 -28.03
C ILE G 25 26.08 -22.21 -26.88
N LEU G 26 26.11 -20.89 -26.72
CA LEU G 26 25.30 -20.21 -25.70
C LEU G 26 24.51 -19.20 -26.53
N LYS G 27 23.23 -19.49 -26.76
CA LYS G 27 22.41 -18.61 -27.57
C LYS G 27 21.33 -17.81 -26.88
N GLY G 28 21.21 -16.56 -27.31
CA GLY G 28 20.21 -15.66 -26.77
C GLY G 28 20.26 -15.42 -25.27
N LEU G 29 21.46 -15.22 -24.71
CA LEU G 29 21.58 -14.95 -23.27
C LEU G 29 21.05 -13.55 -23.01
N LYS G 30 20.01 -13.47 -22.18
CA LYS G 30 19.40 -12.19 -21.85
C LYS G 30 19.81 -11.71 -20.45
N PHE G 31 20.47 -10.55 -20.41
CA PHE G 31 20.96 -9.96 -19.16
C PHE G 31 20.67 -8.47 -19.09
N TYR G 32 20.38 -7.98 -17.89
CA TYR G 32 20.11 -6.57 -17.70
C TYR G 32 21.43 -5.90 -17.28
N GLY G 33 21.81 -4.84 -18.00
CA GLY G 33 23.04 -4.14 -17.69
C GLY G 33 22.89 -2.63 -17.77
N PHE G 34 23.99 -1.91 -17.58
CA PHE G 34 23.94 -0.47 -17.62
C PHE G 34 24.92 0.15 -18.59
N HIS G 35 25.11 -0.48 -19.75
CA HIS G 35 26.04 0.01 -20.76
C HIS G 35 25.36 0.95 -21.75
N GLY G 36 26.10 1.93 -22.25
CA GLY G 36 25.53 2.88 -23.19
C GLY G 36 26.38 4.13 -23.31
N ALA G 37 26.27 4.82 -24.43
CA ALA G 37 27.04 6.05 -24.68
C ALA G 37 26.34 7.27 -24.06
N ILE G 38 25.01 7.22 -23.94
CA ILE G 38 24.24 8.31 -23.34
C ILE G 38 24.31 8.16 -21.82
N ALA G 39 24.74 9.22 -21.14
CA ALA G 39 24.85 9.18 -19.69
C ALA G 39 23.66 8.51 -19.01
N GLU G 40 22.45 8.89 -19.42
CA GLU G 40 21.24 8.33 -18.83
C GLU G 40 21.12 6.80 -18.92
N GLU G 41 21.68 6.20 -19.96
CA GLU G 41 21.63 4.76 -20.16
C GLU G 41 22.42 4.02 -19.08
N ARG G 42 23.45 4.66 -18.59
CA ARG G 42 24.34 4.10 -17.59
C ARG G 42 23.79 4.09 -16.17
N THR G 43 22.68 4.81 -15.95
CA THR G 43 22.07 4.82 -14.62
C THR G 43 20.66 4.25 -14.65
N LEU G 44 20.12 4.03 -15.84
CA LEU G 44 18.77 3.47 -15.99
C LEU G 44 18.87 2.00 -16.38
N GLY G 45 19.83 1.69 -17.25
CA GLY G 45 20.02 0.31 -17.70
C GLY G 45 19.05 -0.14 -18.78
N GLN G 46 19.21 -1.38 -19.23
CA GLN G 46 18.37 -1.96 -20.28
C GLN G 46 18.80 -3.41 -20.50
N MET G 47 18.08 -4.12 -21.37
CA MET G 47 18.39 -5.51 -21.66
C MET G 47 19.41 -5.66 -22.78
N PHE G 48 20.21 -6.72 -22.68
CA PHE G 48 21.22 -7.05 -23.68
C PHE G 48 21.02 -8.49 -24.10
N LEU G 49 21.44 -8.80 -25.34
CA LEU G 49 21.37 -10.14 -25.89
C LEU G 49 22.79 -10.57 -26.19
N VAL G 50 23.13 -11.80 -25.81
CA VAL G 50 24.47 -12.31 -26.04
C VAL G 50 24.51 -13.71 -26.62
N ASP G 51 25.23 -13.86 -27.73
CA ASP G 51 25.43 -15.18 -28.35
C ASP G 51 26.91 -15.42 -28.23
N ILE G 52 27.29 -16.62 -27.80
CA ILE G 52 28.69 -16.95 -27.65
C ILE G 52 28.95 -18.30 -28.27
N ASP G 53 29.93 -18.35 -29.16
CA ASP G 53 30.32 -19.59 -29.80
C ASP G 53 31.75 -19.84 -29.37
N ALA G 54 31.98 -20.92 -28.63
CA ALA G 54 33.33 -21.24 -28.18
C ALA G 54 33.87 -22.47 -28.91
N TRP G 55 34.94 -22.27 -29.66
CA TRP G 55 35.57 -23.37 -30.40
C TRP G 55 36.46 -24.22 -29.48
N VAL G 56 36.16 -25.51 -29.41
CA VAL G 56 36.91 -26.46 -28.57
C VAL G 56 36.63 -27.87 -29.05
N SER G 57 37.62 -28.76 -28.98
CA SER G 57 37.37 -30.13 -29.41
C SER G 57 36.58 -30.81 -28.31
N LEU G 58 35.44 -31.37 -28.68
CA LEU G 58 34.59 -32.02 -27.71
C LEU G 58 34.63 -33.54 -27.85
N LYS G 59 35.39 -34.06 -28.82
CA LYS G 59 35.42 -35.51 -29.00
C LYS G 59 35.90 -36.32 -27.80
N LYS G 60 36.96 -35.86 -27.13
CA LYS G 60 37.45 -36.58 -25.97
C LYS G 60 36.33 -36.76 -24.95
N ALA G 61 35.68 -35.66 -24.57
CA ALA G 61 34.57 -35.71 -23.61
C ALA G 61 33.39 -36.54 -24.14
N GLY G 62 33.11 -36.42 -25.44
CA GLY G 62 32.02 -37.18 -26.03
C GLY G 62 32.25 -38.69 -25.99
N GLU G 63 33.51 -39.10 -25.83
CA GLU G 63 33.81 -40.53 -25.77
C GLU G 63 33.99 -41.04 -24.34
N SER G 64 34.25 -40.12 -23.41
CA SER G 64 34.46 -40.50 -22.00
C SER G 64 33.27 -40.19 -21.09
N ASP G 65 32.47 -39.20 -21.50
CA ASP G 65 31.29 -38.74 -20.79
C ASP G 65 31.69 -38.16 -19.44
N ASN G 66 32.91 -37.64 -19.37
CA ASN G 66 33.47 -37.04 -18.15
C ASN G 66 33.55 -35.51 -18.33
N LEU G 67 32.81 -34.77 -17.49
CA LEU G 67 32.77 -33.31 -17.56
C LEU G 67 34.16 -32.64 -17.53
N GLU G 68 35.12 -33.27 -16.87
CA GLU G 68 36.45 -32.69 -16.81
C GLU G 68 37.15 -32.63 -18.17
N ASP G 69 36.64 -33.41 -19.12
CA ASP G 69 37.20 -33.46 -20.46
C ASP G 69 36.69 -32.36 -21.38
N THR G 70 35.77 -31.56 -20.87
CA THR G 70 35.22 -30.46 -21.64
C THR G 70 35.17 -29.24 -20.73
N ILE G 71 34.55 -28.17 -21.20
CA ILE G 71 34.42 -26.96 -20.41
C ILE G 71 32.92 -26.73 -20.20
N SER G 72 32.52 -26.61 -18.95
CA SER G 72 31.13 -26.42 -18.61
C SER G 72 30.52 -25.15 -19.20
N TYR G 73 29.44 -25.31 -19.94
CA TYR G 73 28.79 -24.15 -20.54
C TYR G 73 28.20 -23.27 -19.45
N VAL G 74 28.13 -23.80 -18.23
CA VAL G 74 27.60 -23.02 -17.12
C VAL G 74 28.66 -22.03 -16.66
N ASP G 75 29.93 -22.43 -16.67
CA ASP G 75 31.00 -21.51 -16.27
C ASP G 75 31.16 -20.42 -17.33
N ILE G 76 30.93 -20.77 -18.60
CA ILE G 76 31.03 -19.77 -19.66
C ILE G 76 29.83 -18.80 -19.53
N PHE G 77 28.66 -19.34 -19.20
CA PHE G 77 27.45 -18.54 -19.01
C PHE G 77 27.68 -17.57 -17.84
N SER G 78 28.15 -18.13 -16.73
CA SER G 78 28.41 -17.36 -15.52
C SER G 78 29.38 -16.22 -15.79
N LEU G 79 30.43 -16.51 -16.56
CA LEU G 79 31.43 -15.49 -16.90
C LEU G 79 30.76 -14.35 -17.69
N ALA G 80 29.90 -14.71 -18.62
CA ALA G 80 29.22 -13.73 -19.46
C ALA G 80 28.31 -12.85 -18.60
N LYS G 81 27.56 -13.49 -17.71
CA LYS G 81 26.68 -12.78 -16.82
C LYS G 81 27.45 -11.74 -15.99
N GLU G 82 28.49 -12.17 -15.29
CA GLU G 82 29.30 -11.26 -14.46
C GLU G 82 29.75 -10.02 -15.23
N ILE G 83 30.23 -10.22 -16.44
CA ILE G 83 30.67 -9.10 -17.27
C ILE G 83 29.51 -8.17 -17.69
N VAL G 84 28.46 -8.72 -18.31
CA VAL G 84 27.34 -7.89 -18.78
C VAL G 84 26.66 -7.10 -17.65
N GLU G 85 26.55 -7.69 -16.47
CA GLU G 85 25.93 -7.02 -15.34
C GLU G 85 26.98 -6.25 -14.55
N GLY G 86 28.22 -6.25 -15.05
CA GLY G 86 29.30 -5.57 -14.37
C GLY G 86 29.29 -4.05 -14.46
N SER G 87 30.43 -3.45 -14.20
CA SER G 87 30.58 -2.00 -14.25
C SER G 87 30.13 -1.47 -15.60
N PRO G 88 29.41 -0.36 -15.61
CA PRO G 88 28.97 0.16 -16.91
C PRO G 88 30.08 0.68 -17.79
N ARG G 89 30.07 0.24 -19.05
CA ARG G 89 31.02 0.70 -20.04
C ARG G 89 30.18 1.49 -21.03
N ASN G 90 30.81 2.24 -21.93
CA ASN G 90 30.06 3.01 -22.90
C ASN G 90 29.60 2.19 -24.09
N LEU G 91 30.46 1.32 -24.59
CA LEU G 91 30.18 0.54 -25.81
C LEU G 91 30.04 -0.97 -25.74
N LEU G 92 29.19 -1.50 -26.62
CA LEU G 92 29.00 -2.94 -26.73
C LEU G 92 30.34 -3.55 -27.13
N GLU G 93 31.14 -2.79 -27.89
CA GLU G 93 32.46 -3.24 -28.34
C GLU G 93 33.35 -3.59 -27.14
N THR G 94 33.30 -2.73 -26.13
CA THR G 94 34.09 -2.95 -24.94
C THR G 94 33.63 -4.19 -24.18
N VAL G 95 32.32 -4.32 -24.00
CA VAL G 95 31.77 -5.44 -23.27
C VAL G 95 32.03 -6.76 -23.99
N ALA G 96 31.78 -6.80 -25.30
CA ALA G 96 32.03 -8.02 -26.07
C ALA G 96 33.49 -8.46 -25.99
N GLU G 97 34.41 -7.49 -26.11
CA GLU G 97 35.86 -7.75 -26.04
C GLU G 97 36.21 -8.34 -24.68
N LEU G 98 35.58 -7.79 -23.63
CA LEU G 98 35.78 -8.26 -22.27
C LEU G 98 35.35 -9.73 -22.19
N ILE G 99 34.15 -10.03 -22.70
CA ILE G 99 33.62 -11.38 -22.69
C ILE G 99 34.56 -12.33 -23.44
N ALA G 100 35.03 -11.88 -24.61
CA ALA G 100 35.90 -12.69 -25.43
C ALA G 100 37.27 -12.96 -24.80
N SER G 101 37.96 -11.91 -24.43
CA SER G 101 39.29 -12.03 -23.84
C SER G 101 39.22 -12.76 -22.51
N LYS G 102 38.18 -12.48 -21.72
CA LYS G 102 38.00 -13.15 -20.45
C LYS G 102 37.79 -14.66 -20.65
N THR G 103 36.98 -15.02 -21.64
CA THR G 103 36.70 -16.42 -21.91
C THR G 103 37.95 -17.17 -22.33
N LEU G 104 38.72 -16.59 -23.25
CA LEU G 104 39.92 -17.25 -23.72
C LEU G 104 40.93 -17.38 -22.60
N GLU G 105 41.06 -16.33 -21.80
CA GLU G 105 42.01 -16.35 -20.71
C GLU G 105 41.65 -17.35 -19.61
N LYS G 106 40.37 -17.42 -19.25
CA LYS G 106 39.96 -18.35 -18.20
C LYS G 106 39.96 -19.82 -18.63
N PHE G 107 39.65 -20.10 -19.89
CA PHE G 107 39.61 -21.48 -20.38
C PHE G 107 40.62 -21.77 -21.50
N HIS G 108 41.80 -22.24 -21.10
CA HIS G 108 42.88 -22.50 -22.05
C HIS G 108 42.58 -23.47 -23.21
N GLN G 109 41.65 -24.39 -23.03
CA GLN G 109 41.32 -25.37 -24.07
C GLN G 109 40.51 -24.74 -25.21
N ILE G 110 39.95 -23.55 -24.96
CA ILE G 110 39.16 -22.90 -26.00
C ILE G 110 40.12 -22.31 -27.03
N ASN G 111 39.90 -22.64 -28.30
CA ASN G 111 40.76 -22.17 -29.38
C ASN G 111 40.39 -20.78 -29.90
N ALA G 112 39.09 -20.49 -29.95
CA ALA G 112 38.62 -19.21 -30.42
C ALA G 112 37.22 -18.99 -29.90
N VAL G 113 36.78 -17.74 -29.90
CA VAL G 113 35.45 -17.40 -29.43
C VAL G 113 34.79 -16.27 -30.23
N ARG G 114 33.52 -16.46 -30.56
CA ARG G 114 32.75 -15.47 -31.28
C ARG G 114 31.69 -14.93 -30.33
N VAL G 115 31.66 -13.61 -30.18
CA VAL G 115 30.73 -12.97 -29.29
C VAL G 115 29.86 -11.99 -30.05
N LYS G 116 28.55 -12.17 -29.92
CA LYS G 116 27.58 -11.29 -30.55
C LYS G 116 26.81 -10.65 -29.40
N LEU G 117 27.01 -9.35 -29.22
CA LEU G 117 26.37 -8.60 -28.15
C LEU G 117 25.43 -7.59 -28.79
N SER G 118 24.18 -7.57 -28.33
CA SER G 118 23.23 -6.66 -28.94
C SER G 118 22.26 -6.03 -27.97
N LYS G 119 21.65 -4.95 -28.44
CA LYS G 119 20.66 -4.24 -27.68
C LYS G 119 19.37 -4.36 -28.48
N PRO G 120 18.39 -5.11 -27.96
CA PRO G 120 17.13 -5.23 -28.71
C PRO G 120 16.34 -3.92 -28.68
N ASN G 121 16.56 -3.12 -27.64
CA ASN G 121 15.85 -1.85 -27.48
C ASN G 121 16.80 -0.66 -27.40
N VAL G 122 17.01 -0.01 -28.53
CA VAL G 122 17.90 1.12 -28.59
C VAL G 122 17.18 2.44 -28.30
N ALA G 123 17.66 3.15 -27.30
CA ALA G 123 17.07 4.43 -26.93
C ALA G 123 17.05 5.43 -28.09
N LEU G 124 15.93 6.13 -28.21
CA LEU G 124 15.70 7.15 -29.24
C LEU G 124 15.41 6.62 -30.65
N ILE G 125 15.57 5.32 -30.87
CA ILE G 125 15.25 4.74 -32.18
C ILE G 125 13.72 4.59 -32.13
N LYS G 126 13.00 5.43 -32.89
CA LYS G 126 11.53 5.42 -32.91
C LYS G 126 10.83 4.21 -33.52
N SER G 127 11.37 3.65 -34.59
CA SER G 127 10.72 2.52 -35.25
C SER G 127 11.14 1.12 -34.76
N THR G 128 10.55 0.10 -35.38
CA THR G 128 10.78 -1.29 -35.02
C THR G 128 12.01 -1.93 -35.65
N ILE G 129 12.71 -2.72 -34.84
CA ILE G 129 13.91 -3.43 -35.26
C ILE G 129 14.00 -4.71 -34.45
N ASP G 130 14.98 -5.55 -34.76
CA ASP G 130 15.22 -6.76 -33.99
C ASP G 130 16.21 -6.34 -32.93
N TYR G 131 17.35 -5.84 -33.37
CA TYR G 131 18.42 -5.39 -32.48
C TYR G 131 19.58 -4.80 -33.26
N LEU G 132 20.42 -4.02 -32.57
CA LEU G 132 21.62 -3.44 -33.16
C LEU G 132 22.71 -3.97 -32.25
N GLY G 133 23.85 -4.31 -32.83
CA GLY G 133 24.92 -4.82 -31.98
C GLY G 133 26.24 -4.98 -32.70
N VAL G 134 27.12 -5.75 -32.05
CA VAL G 134 28.45 -6.03 -32.57
C VAL G 134 28.60 -7.53 -32.70
N ASP G 135 29.55 -7.95 -33.53
CA ASP G 135 29.81 -9.35 -33.78
C ASP G 135 31.32 -9.50 -33.98
N ILE G 136 32.02 -9.93 -32.94
CA ILE G 136 33.47 -10.09 -33.03
C ILE G 136 33.94 -11.53 -32.90
N PHE G 137 35.09 -11.80 -33.53
CA PHE G 137 35.68 -13.14 -33.50
C PHE G 137 37.10 -13.03 -32.94
N ARG G 138 37.42 -13.82 -31.91
CA ARG G 138 38.75 -13.74 -31.33
C ARG G 138 39.40 -15.12 -31.17
N GLN G 139 40.63 -15.25 -31.68
CA GLN G 139 41.39 -16.50 -31.60
C GLN G 139 42.47 -16.36 -30.53
N ARG G 140 42.87 -17.49 -29.95
CA ARG G 140 43.89 -17.49 -28.91
C ARG G 140 45.15 -16.79 -29.41
N ASN G 141 45.50 -15.69 -28.74
CA ASN G 141 46.66 -14.89 -29.09
C ASN G 141 47.68 -14.88 -27.95
N GLY H 21 36.07 -10.49 -40.27
CA GLY H 21 36.44 -9.34 -39.41
C GLY H 21 35.30 -8.96 -38.49
N ASP H 22 35.55 -8.05 -37.56
CA ASP H 22 34.50 -7.62 -36.66
C ASP H 22 33.49 -6.89 -37.53
N LYS H 23 32.27 -6.77 -37.03
CA LYS H 23 31.26 -6.05 -37.76
C LYS H 23 30.16 -5.52 -36.85
N LEU H 24 29.49 -4.48 -37.33
CA LEU H 24 28.38 -3.87 -36.61
C LEU H 24 27.14 -4.47 -37.24
N ILE H 25 26.19 -4.90 -36.42
CA ILE H 25 24.98 -5.51 -36.94
C ILE H 25 23.68 -4.72 -36.70
N LEU H 26 22.93 -4.54 -37.77
CA LEU H 26 21.64 -3.88 -37.73
C LEU H 26 20.69 -4.92 -38.32
N LYS H 27 19.92 -5.59 -37.45
CA LYS H 27 19.01 -6.67 -37.87
C LYS H 27 17.52 -6.34 -37.80
N GLY H 28 16.81 -6.66 -38.87
CA GLY H 28 15.38 -6.42 -38.93
C GLY H 28 14.89 -4.99 -38.79
N LEU H 29 15.56 -4.05 -39.44
CA LEU H 29 15.13 -2.65 -39.41
C LEU H 29 13.84 -2.58 -40.20
N LYS H 30 12.79 -2.02 -39.59
CA LYS H 30 11.50 -1.89 -40.27
C LYS H 30 11.21 -0.44 -40.66
N PHE H 31 11.07 -0.19 -41.95
CA PHE H 31 10.78 1.15 -42.46
C PHE H 31 9.66 1.17 -43.49
N TYR H 32 8.88 2.24 -43.48
CA TYR H 32 7.81 2.40 -44.45
C TYR H 32 8.36 3.19 -45.64
N GLY H 33 8.05 2.75 -46.86
CA GLY H 33 8.57 3.41 -48.03
C GLY H 33 7.58 3.32 -49.17
N PHE H 34 7.94 3.88 -50.32
CA PHE H 34 7.06 3.90 -51.48
C PHE H 34 7.73 3.43 -52.77
N HIS H 35 8.71 2.55 -52.66
CA HIS H 35 9.43 2.03 -53.83
C HIS H 35 8.59 1.02 -54.56
N GLY H 36 8.84 0.86 -55.86
CA GLY H 36 8.09 -0.10 -56.65
C GLY H 36 7.95 0.33 -58.09
N ALA H 37 7.56 -0.59 -58.97
CA ALA H 37 7.41 -0.28 -60.38
C ALA H 37 5.93 0.00 -60.70
N ILE H 38 5.05 -0.39 -59.78
CA ILE H 38 3.61 -0.19 -59.94
C ILE H 38 3.22 1.15 -59.31
N ALA H 39 2.49 1.97 -60.06
CA ALA H 39 2.08 3.28 -59.55
C ALA H 39 1.33 3.21 -58.23
N GLU H 40 0.51 2.18 -58.04
CA GLU H 40 -0.25 2.06 -56.81
C GLU H 40 0.69 1.83 -55.64
N GLU H 41 1.83 1.20 -55.92
CA GLU H 41 2.80 0.97 -54.87
C GLU H 41 3.41 2.28 -54.40
N ARG H 42 3.64 3.21 -55.33
CA ARG H 42 4.22 4.50 -54.98
C ARG H 42 3.22 5.40 -54.29
N THR H 43 1.94 5.14 -54.53
CA THR H 43 0.88 5.92 -53.90
C THR H 43 0.67 5.41 -52.48
N LEU H 44 0.36 4.12 -52.37
CA LEU H 44 0.12 3.46 -51.08
C LEU H 44 1.35 3.26 -50.21
N GLY H 45 2.42 2.76 -50.81
CA GLY H 45 3.64 2.51 -50.04
C GLY H 45 3.54 1.18 -49.32
N GLN H 46 4.56 0.85 -48.53
CA GLN H 46 4.57 -0.41 -47.80
C GLN H 46 5.78 -0.50 -46.88
N MET H 47 5.82 -1.55 -46.07
CA MET H 47 6.93 -1.76 -45.14
C MET H 47 8.04 -2.53 -45.84
N PHE H 48 9.27 -2.16 -45.51
CA PHE H 48 10.46 -2.80 -46.07
C PHE H 48 11.28 -3.28 -44.88
N LEU H 49 12.00 -4.38 -45.07
CA LEU H 49 12.84 -4.91 -44.01
C LEU H 49 14.27 -4.82 -44.50
N VAL H 50 15.18 -4.49 -43.60
CA VAL H 50 16.57 -4.37 -43.98
C VAL H 50 17.53 -4.84 -42.89
N ASP H 51 18.55 -5.61 -43.31
CA ASP H 51 19.60 -6.10 -42.42
C ASP H 51 20.89 -5.56 -43.02
N ILE H 52 21.72 -4.98 -42.17
CA ILE H 52 22.99 -4.42 -42.60
C ILE H 52 24.10 -4.98 -41.73
N ASP H 53 25.20 -5.39 -42.37
CA ASP H 53 26.38 -5.90 -41.68
C ASP H 53 27.51 -4.97 -42.14
N ALA H 54 28.05 -4.17 -41.24
CA ALA H 54 29.15 -3.27 -41.58
C ALA H 54 30.47 -3.87 -41.09
N TRP H 55 31.34 -4.17 -42.03
CA TRP H 55 32.65 -4.74 -41.73
C TRP H 55 33.57 -3.61 -41.27
N VAL H 56 33.99 -3.66 -40.01
CA VAL H 56 34.89 -2.66 -39.44
C VAL H 56 35.57 -3.19 -38.19
N SER H 57 36.86 -2.88 -38.03
CA SER H 57 37.62 -3.33 -36.87
C SER H 57 37.10 -2.63 -35.63
N LEU H 58 36.81 -3.41 -34.60
CA LEU H 58 36.28 -2.85 -33.36
C LEU H 58 37.25 -3.01 -32.19
N LYS H 59 38.45 -3.50 -32.48
CA LYS H 59 39.45 -3.71 -31.44
C LYS H 59 39.84 -2.40 -30.75
N LYS H 60 40.09 -1.37 -31.54
CA LYS H 60 40.48 -0.10 -30.97
C LYS H 60 39.44 0.44 -30.00
N ALA H 61 38.17 0.48 -30.44
CA ALA H 61 37.11 1.00 -29.59
C ALA H 61 36.86 0.08 -28.40
N GLY H 62 37.08 -1.21 -28.60
CA GLY H 62 36.88 -2.16 -27.52
C GLY H 62 37.88 -1.94 -26.40
N GLU H 63 39.00 -1.28 -26.73
CA GLU H 63 40.04 -0.99 -25.76
C GLU H 63 39.92 0.42 -25.17
N SER H 64 39.41 1.36 -25.96
CA SER H 64 39.29 2.73 -25.49
C SER H 64 37.95 3.03 -24.81
N ASP H 65 36.92 2.31 -25.24
CA ASP H 65 35.56 2.51 -24.75
C ASP H 65 35.12 3.95 -25.06
N ASN H 66 35.66 4.50 -26.15
CA ASN H 66 35.33 5.84 -26.61
C ASN H 66 34.58 5.69 -27.93
N LEU H 67 33.33 6.18 -27.96
CA LEU H 67 32.49 6.09 -29.14
C LEU H 67 33.13 6.61 -30.43
N GLU H 68 34.13 7.47 -30.30
CA GLU H 68 34.77 8.05 -31.46
C GLU H 68 35.68 7.07 -32.22
N ASP H 69 36.10 6.00 -31.54
CA ASP H 69 36.96 5.01 -32.14
C ASP H 69 36.19 3.99 -32.95
N THR H 70 34.88 4.23 -33.09
CA THR H 70 34.02 3.35 -33.85
C THR H 70 32.99 4.17 -34.63
N ILE H 71 32.02 3.49 -35.21
CA ILE H 71 30.96 4.15 -35.96
C ILE H 71 29.68 3.82 -35.22
N SER H 72 28.95 4.86 -34.80
CA SER H 72 27.70 4.68 -34.08
C SER H 72 26.69 3.92 -34.92
N TYR H 73 26.20 2.79 -34.42
CA TYR H 73 25.22 2.06 -35.22
C TYR H 73 23.95 2.91 -35.37
N VAL H 74 23.80 3.92 -34.53
CA VAL H 74 22.66 4.83 -34.58
C VAL H 74 22.74 5.66 -35.87
N ASP H 75 23.94 6.11 -36.21
CA ASP H 75 24.18 6.89 -37.43
C ASP H 75 23.89 6.05 -38.68
N ILE H 76 24.33 4.79 -38.68
CA ILE H 76 24.08 3.92 -39.82
C ILE H 76 22.57 3.71 -39.93
N PHE H 77 21.94 3.45 -38.79
CA PHE H 77 20.51 3.25 -38.76
C PHE H 77 19.76 4.41 -39.41
N SER H 78 20.13 5.63 -39.01
CA SER H 78 19.49 6.83 -39.53
C SER H 78 19.78 7.11 -40.99
N LEU H 79 20.92 6.65 -41.49
CA LEU H 79 21.21 6.87 -42.89
C LEU H 79 20.31 5.90 -43.65
N ALA H 80 20.22 4.67 -43.15
CA ALA H 80 19.38 3.67 -43.81
C ALA H 80 17.92 4.11 -43.82
N LYS H 81 17.44 4.60 -42.67
CA LYS H 81 16.06 5.06 -42.57
C LYS H 81 15.78 6.13 -43.61
N GLU H 82 16.70 7.09 -43.72
CA GLU H 82 16.55 8.18 -44.68
C GLU H 82 16.45 7.68 -46.12
N ILE H 83 17.24 6.68 -46.46
CA ILE H 83 17.22 6.13 -47.83
C ILE H 83 15.90 5.43 -48.12
N VAL H 84 15.56 4.45 -47.29
CA VAL H 84 14.35 3.67 -47.53
C VAL H 84 13.08 4.52 -47.49
N GLU H 85 13.06 5.54 -46.63
CA GLU H 85 11.89 6.39 -46.52
C GLU H 85 11.97 7.55 -47.53
N GLY H 86 13.03 7.56 -48.33
CA GLY H 86 13.23 8.63 -49.28
C GLY H 86 12.58 8.55 -50.65
N SER H 87 13.20 9.23 -51.62
CA SER H 87 12.71 9.28 -52.97
C SER H 87 12.42 7.87 -53.50
N PRO H 88 11.18 7.62 -53.91
CA PRO H 88 10.84 6.30 -54.41
C PRO H 88 11.59 5.90 -55.68
N ARG H 89 12.05 4.65 -55.69
CA ARG H 89 12.74 4.11 -56.85
C ARG H 89 11.96 2.87 -57.32
N ASN H 90 12.29 2.35 -58.49
CA ASN H 90 11.58 1.19 -59.01
C ASN H 90 11.93 -0.12 -58.32
N LEU H 91 13.23 -0.38 -58.16
CA LEU H 91 13.72 -1.64 -57.62
C LEU H 91 14.41 -1.64 -56.27
N LEU H 92 14.32 -2.77 -55.59
CA LEU H 92 14.96 -2.96 -54.31
C LEU H 92 16.45 -2.87 -54.56
N GLU H 93 16.88 -3.39 -55.71
CA GLU H 93 18.29 -3.40 -56.08
C GLU H 93 18.87 -1.99 -55.98
N THR H 94 18.09 -1.03 -56.45
CA THR H 94 18.52 0.36 -56.46
C THR H 94 18.59 0.92 -55.04
N VAL H 95 17.59 0.64 -54.22
CA VAL H 95 17.59 1.15 -52.85
C VAL H 95 18.70 0.48 -52.03
N ALA H 96 18.89 -0.82 -52.23
CA ALA H 96 19.93 -1.53 -51.50
C ALA H 96 21.29 -0.95 -51.92
N GLU H 97 21.42 -0.62 -53.20
CA GLU H 97 22.67 -0.04 -53.72
C GLU H 97 22.94 1.35 -53.10
N LEU H 98 21.90 2.16 -52.96
CA LEU H 98 22.05 3.50 -52.35
C LEU H 98 22.51 3.37 -50.91
N ILE H 99 21.88 2.46 -50.17
CA ILE H 99 22.22 2.22 -48.78
C ILE H 99 23.71 1.86 -48.66
N ALA H 100 24.17 0.91 -49.47
CA ALA H 100 25.57 0.48 -49.45
C ALA H 100 26.52 1.62 -49.80
N SER H 101 26.24 2.30 -50.91
CA SER H 101 27.07 3.42 -51.37
C SER H 101 27.21 4.55 -50.36
N LYS H 102 26.08 5.07 -49.92
CA LYS H 102 26.07 6.16 -48.98
C LYS H 102 26.77 5.74 -47.68
N THR H 103 26.57 4.49 -47.26
CA THR H 103 27.21 4.03 -46.04
C THR H 103 28.72 4.07 -46.22
N LEU H 104 29.21 3.48 -47.29
CA LEU H 104 30.64 3.47 -47.56
C LEU H 104 31.14 4.92 -47.70
N GLU H 105 30.38 5.72 -48.43
CA GLU H 105 30.73 7.11 -48.65
C GLU H 105 30.78 7.93 -47.34
N LYS H 106 29.84 7.70 -46.43
CA LYS H 106 29.82 8.45 -45.19
C LYS H 106 30.69 7.91 -44.07
N PHE H 107 31.03 6.62 -44.11
CA PHE H 107 31.86 6.06 -43.04
C PHE H 107 33.12 5.37 -43.55
N HIS H 108 34.18 6.14 -43.71
CA HIS H 108 35.48 5.65 -44.19
C HIS H 108 35.97 4.38 -43.48
N GLN H 109 35.92 4.37 -42.15
CA GLN H 109 36.36 3.23 -41.37
C GLN H 109 35.78 1.89 -41.84
N ILE H 110 34.51 1.89 -42.27
CA ILE H 110 33.86 0.66 -42.74
C ILE H 110 34.54 0.13 -44.01
N ASN H 111 34.94 -1.14 -43.99
CA ASN H 111 35.62 -1.76 -45.13
C ASN H 111 34.67 -2.34 -46.17
N ALA H 112 33.53 -2.82 -45.72
CA ALA H 112 32.55 -3.42 -46.60
C ALA H 112 31.20 -3.41 -45.93
N VAL H 113 30.16 -3.64 -46.73
CA VAL H 113 28.83 -3.65 -46.18
C VAL H 113 27.91 -4.59 -46.93
N ARG H 114 27.18 -5.39 -46.17
CA ARG H 114 26.22 -6.33 -46.74
C ARG H 114 24.86 -5.77 -46.43
N VAL H 115 24.04 -5.58 -47.45
CA VAL H 115 22.72 -5.03 -47.23
C VAL H 115 21.65 -5.95 -47.74
N LYS H 116 20.70 -6.31 -46.88
CA LYS H 116 19.60 -7.17 -47.30
C LYS H 116 18.32 -6.35 -47.22
N LEU H 117 17.68 -6.14 -48.36
CA LEU H 117 16.45 -5.36 -48.42
C LEU H 117 15.35 -6.27 -48.93
N SER H 118 14.21 -6.26 -48.24
CA SER H 118 13.12 -7.13 -48.64
C SER H 118 11.72 -6.56 -48.39
N LYS H 119 10.74 -7.19 -49.03
CA LYS H 119 9.34 -6.81 -48.89
C LYS H 119 8.61 -7.99 -48.22
N PRO H 120 8.08 -7.77 -47.00
CA PRO H 120 7.37 -8.86 -46.32
C PRO H 120 6.05 -9.07 -47.03
N ASN H 121 5.54 -7.99 -47.60
CA ASN H 121 4.27 -8.02 -48.30
C ASN H 121 4.44 -7.70 -49.77
N VAL H 122 4.43 -8.73 -50.60
CA VAL H 122 4.54 -8.57 -52.04
C VAL H 122 3.12 -8.55 -52.56
N ALA H 123 2.77 -7.48 -53.27
CA ALA H 123 1.42 -7.33 -53.80
C ALA H 123 0.98 -8.42 -54.77
N LEU H 124 -0.29 -8.77 -54.66
CA LEU H 124 -0.91 -9.76 -55.53
C LEU H 124 -0.64 -11.22 -55.20
N ILE H 125 0.43 -11.50 -54.45
CA ILE H 125 0.71 -12.87 -54.07
C ILE H 125 -0.37 -13.32 -53.08
N LYS H 126 -1.08 -14.38 -53.44
CA LYS H 126 -2.17 -14.89 -52.62
C LYS H 126 -1.73 -15.79 -51.46
N SER H 127 -0.53 -16.35 -51.56
CA SER H 127 -0.01 -17.24 -50.54
C SER H 127 0.89 -16.56 -49.51
N THR H 128 1.17 -17.27 -48.43
CA THR H 128 2.00 -16.78 -47.33
C THR H 128 3.49 -17.00 -47.59
N ILE H 129 4.30 -16.00 -47.28
CA ILE H 129 5.76 -16.12 -47.41
C ILE H 129 6.37 -15.29 -46.28
N ASP H 130 7.70 -15.30 -46.15
CA ASP H 130 8.32 -14.46 -45.15
C ASP H 130 8.62 -13.13 -45.84
N TYR H 131 9.37 -13.20 -46.94
CA TYR H 131 9.72 -12.00 -47.70
C TYR H 131 10.49 -12.35 -48.95
N LEU H 132 10.52 -11.43 -49.90
CA LEU H 132 11.28 -11.59 -51.12
C LEU H 132 12.18 -10.36 -51.09
N GLY H 133 13.45 -10.52 -51.44
CA GLY H 133 14.35 -9.38 -51.43
C GLY H 133 15.67 -9.58 -52.14
N VAL H 134 16.61 -8.66 -51.86
CA VAL H 134 17.93 -8.72 -52.45
C VAL H 134 18.98 -8.82 -51.34
N ASP H 135 20.18 -9.26 -51.70
CA ASP H 135 21.27 -9.40 -50.75
C ASP H 135 22.54 -9.02 -51.49
N ILE H 136 23.09 -7.84 -51.19
CA ILE H 136 24.29 -7.39 -51.87
C ILE H 136 25.47 -7.17 -50.92
N PHE H 137 26.67 -7.21 -51.46
CA PHE H 137 27.88 -7.03 -50.68
C PHE H 137 28.72 -6.01 -51.44
N ARG H 138 29.07 -4.91 -50.79
CA ARG H 138 29.84 -3.86 -51.46
C ARG H 138 31.05 -3.35 -50.69
N GLN H 139 32.10 -2.97 -51.43
CA GLN H 139 33.32 -2.43 -50.86
C GLN H 139 33.73 -1.27 -51.76
N ARG H 140 34.70 -0.47 -51.34
CA ARG H 140 35.15 0.66 -52.16
C ARG H 140 36.15 0.19 -53.20
N ASN H 141 35.67 0.11 -54.44
CA ASN H 141 36.52 -0.32 -55.55
C ASN H 141 36.99 0.92 -56.30
N THR H 142 37.76 0.73 -57.36
CA THR H 142 38.26 1.87 -58.12
C THR H 142 37.13 2.54 -58.89
N GLY I 21 -25.60 36.04 16.17
CA GLY I 21 -25.37 36.66 17.49
C GLY I 21 -25.28 35.63 18.61
N ASP I 22 -26.39 35.43 19.33
CA ASP I 22 -26.39 34.45 20.42
C ASP I 22 -26.34 33.03 19.87
N LYS I 23 -26.15 32.06 20.76
CA LYS I 23 -26.14 30.68 20.33
C LYS I 23 -26.24 29.67 21.47
N LEU I 24 -26.83 28.52 21.14
CA LEU I 24 -26.99 27.44 22.09
C LEU I 24 -25.82 26.54 21.82
N ILE I 25 -25.16 26.07 22.87
CA ILE I 25 -23.97 25.23 22.71
C ILE I 25 -24.08 23.82 23.29
N LEU I 26 -23.76 22.83 22.46
CA LEU I 26 -23.73 21.44 22.88
C LEU I 26 -22.30 21.03 22.65
N LYS I 27 -21.53 20.86 23.72
CA LYS I 27 -20.12 20.52 23.60
C LYS I 27 -19.75 19.10 23.97
N GLY I 28 -18.89 18.51 23.14
CA GLY I 28 -18.42 17.15 23.37
C GLY I 28 -19.45 16.09 23.62
N LEU I 29 -20.48 16.01 22.77
CA LEU I 29 -21.50 14.97 22.91
C LEU I 29 -20.83 13.68 22.47
N LYS I 30 -20.79 12.69 23.35
CA LYS I 30 -20.16 11.40 23.04
C LYS I 30 -21.25 10.37 22.75
N PHE I 31 -21.21 9.77 21.57
CA PHE I 31 -22.21 8.80 21.16
C PHE I 31 -21.54 7.61 20.52
N TYR I 32 -22.09 6.43 20.74
CA TYR I 32 -21.53 5.25 20.13
C TYR I 32 -22.32 5.06 18.84
N GLY I 33 -21.60 4.83 17.74
CA GLY I 33 -22.27 4.68 16.46
C GLY I 33 -21.60 3.69 15.54
N PHE I 34 -22.16 3.51 14.35
CA PHE I 34 -21.61 2.55 13.41
C PHE I 34 -21.26 3.10 12.05
N HIS I 35 -20.72 4.33 12.04
CA HIS I 35 -20.34 4.97 10.79
C HIS I 35 -18.89 4.71 10.51
N GLY I 36 -18.55 4.60 9.23
CA GLY I 36 -17.19 4.33 8.84
C GLY I 36 -17.13 3.86 7.39
N ALA I 37 -15.99 4.09 6.75
CA ALA I 37 -15.81 3.70 5.35
C ALA I 37 -15.42 2.24 5.20
N ILE I 38 -14.81 1.67 6.24
CA ILE I 38 -14.40 0.27 6.22
C ILE I 38 -15.57 -0.59 6.70
N ALA I 39 -15.88 -1.65 5.95
CA ALA I 39 -16.99 -2.54 6.27
C ALA I 39 -17.08 -2.90 7.75
N GLU I 40 -16.00 -3.45 8.31
CA GLU I 40 -15.99 -3.85 9.71
C GLU I 40 -16.39 -2.74 10.68
N GLU I 41 -16.09 -1.49 10.33
CA GLU I 41 -16.45 -0.36 11.18
C GLU I 41 -17.95 -0.26 11.39
N ARG I 42 -18.70 -0.60 10.35
CA ARG I 42 -20.16 -0.54 10.37
C ARG I 42 -20.85 -1.64 11.13
N THR I 43 -20.16 -2.74 11.40
CA THR I 43 -20.77 -3.80 12.17
C THR I 43 -20.18 -3.89 13.57
N LEU I 44 -18.99 -3.31 13.76
CA LEU I 44 -18.35 -3.32 15.08
C LEU I 44 -18.64 -2.03 15.86
N GLY I 45 -18.61 -0.89 15.16
CA GLY I 45 -18.89 0.40 15.79
C GLY I 45 -17.73 1.08 16.52
N GLN I 46 -17.97 2.31 17.01
CA GLN I 46 -16.96 3.10 17.74
C GLN I 46 -17.58 4.38 18.31
N MET I 47 -16.79 5.12 19.08
CA MET I 47 -17.27 6.36 19.69
C MET I 47 -17.07 7.56 18.78
N PHE I 48 -18.01 8.50 18.87
CA PHE I 48 -17.99 9.74 18.10
C PHE I 48 -18.15 10.92 19.05
N LEU I 49 -17.52 12.05 18.69
CA LEU I 49 -17.60 13.28 19.46
C LEU I 49 -18.37 14.27 18.63
N VAL I 50 -19.28 14.99 19.27
CA VAL I 50 -20.08 15.98 18.56
C VAL I 50 -20.19 17.32 19.28
N ASP I 51 -19.87 18.38 18.56
CA ASP I 51 -19.98 19.76 19.04
C ASP I 51 -21.01 20.42 18.12
N ILE I 52 -22.00 21.06 18.71
CA ILE I 52 -23.02 21.74 17.92
C ILE I 52 -23.22 23.17 18.44
N ASP I 53 -23.12 24.14 17.53
CA ASP I 53 -23.35 25.53 17.89
C ASP I 53 -24.55 25.96 17.07
N ALA I 54 -25.65 26.33 17.74
CA ALA I 54 -26.85 26.75 17.06
C ALA I 54 -27.09 28.25 17.26
N TRP I 55 -27.07 28.99 16.16
CA TRP I 55 -27.29 30.43 16.23
C TRP I 55 -28.77 30.73 16.24
N VAL I 56 -29.22 31.36 17.32
CA VAL I 56 -30.61 31.74 17.49
C VAL I 56 -30.59 32.86 18.50
N SER I 57 -31.56 33.77 18.44
CA SER I 57 -31.56 34.85 19.42
C SER I 57 -32.09 34.31 20.74
N LEU I 58 -31.42 34.68 21.81
CA LEU I 58 -31.81 34.21 23.12
C LEU I 58 -32.28 35.34 24.03
N LYS I 59 -32.30 36.55 23.48
CA LYS I 59 -32.70 37.74 24.23
C LYS I 59 -34.13 37.67 24.78
N LYS I 60 -35.11 37.38 23.93
CA LYS I 60 -36.51 37.29 24.35
C LYS I 60 -36.67 36.30 25.50
N ALA I 61 -36.12 35.11 25.37
CA ALA I 61 -36.21 34.10 26.42
C ALA I 61 -35.45 34.58 27.68
N GLY I 62 -34.32 35.26 27.47
CA GLY I 62 -33.56 35.75 28.61
C GLY I 62 -34.30 36.82 29.42
N GLU I 63 -35.28 37.48 28.81
CA GLU I 63 -36.05 38.50 29.52
C GLU I 63 -37.36 37.94 30.04
N SER I 64 -37.88 36.89 29.39
CA SER I 64 -39.15 36.29 29.81
C SER I 64 -39.02 35.10 30.77
N ASP I 65 -37.91 34.37 30.65
CA ASP I 65 -37.60 33.18 31.44
C ASP I 65 -38.58 32.06 31.12
N ASN I 66 -39.14 32.14 29.90
CA ASN I 66 -40.11 31.18 29.37
C ASN I 66 -39.43 30.28 28.31
N LEU I 67 -39.37 28.98 28.58
CA LEU I 67 -38.72 28.02 27.68
C LEU I 67 -39.30 28.05 26.26
N GLU I 68 -40.58 28.40 26.13
CA GLU I 68 -41.18 28.44 24.80
C GLU I 68 -40.56 29.53 23.93
N ASP I 69 -39.89 30.50 24.56
CA ASP I 69 -39.25 31.57 23.83
C ASP I 69 -37.87 31.20 23.31
N THR I 70 -37.44 29.96 23.58
CA THR I 70 -36.15 29.49 23.11
C THR I 70 -36.32 28.08 22.58
N ILE I 71 -35.20 27.41 22.28
CA ILE I 71 -35.20 26.04 21.80
C ILE I 71 -34.49 25.18 22.85
N SER I 72 -35.20 24.25 23.46
CA SER I 72 -34.61 23.40 24.47
C SER I 72 -33.36 22.72 23.90
N TYR I 73 -32.26 22.78 24.65
CA TYR I 73 -31.03 22.15 24.18
C TYR I 73 -31.14 20.64 24.33
N VAL I 74 -32.17 20.19 25.04
CA VAL I 74 -32.40 18.77 25.21
C VAL I 74 -32.94 18.23 23.89
N ASP I 75 -33.77 19.00 23.21
CA ASP I 75 -34.32 18.54 21.93
C ASP I 75 -33.23 18.50 20.86
N ILE I 76 -32.28 19.44 20.93
CA ILE I 76 -31.20 19.44 19.94
C ILE I 76 -30.29 18.24 20.23
N PHE I 77 -30.01 18.01 21.51
CA PHE I 77 -29.18 16.89 21.94
C PHE I 77 -29.81 15.58 21.44
N SER I 78 -31.10 15.45 21.69
CA SER I 78 -31.87 14.27 21.30
C SER I 78 -31.81 14.01 19.79
N LEU I 79 -31.98 15.06 18.99
CA LEU I 79 -31.89 14.95 17.55
C LEU I 79 -30.49 14.48 17.18
N ALA I 80 -29.48 15.07 17.79
CA ALA I 80 -28.09 14.67 17.48
C ALA I 80 -27.87 13.19 17.80
N LYS I 81 -28.39 12.76 18.95
CA LYS I 81 -28.28 11.38 19.39
C LYS I 81 -28.90 10.40 18.38
N GLU I 82 -30.17 10.63 18.02
CA GLU I 82 -30.86 9.75 17.09
C GLU I 82 -30.10 9.58 15.77
N ILE I 83 -29.53 10.68 15.28
CA ILE I 83 -28.76 10.64 14.04
C ILE I 83 -27.46 9.82 14.16
N VAL I 84 -26.61 10.18 15.11
CA VAL I 84 -25.34 9.48 15.29
C VAL I 84 -25.49 8.00 15.62
N GLU I 85 -26.53 7.66 16.37
CA GLU I 85 -26.77 6.26 16.71
C GLU I 85 -27.66 5.60 15.66
N GLY I 86 -28.03 6.37 14.64
CA GLY I 86 -28.88 5.85 13.58
C GLY I 86 -28.19 4.90 12.61
N SER I 87 -28.86 4.69 11.47
CA SER I 87 -28.36 3.82 10.41
C SER I 87 -26.94 4.19 10.05
N PRO I 88 -26.07 3.18 9.89
CA PRO I 88 -24.66 3.42 9.54
C PRO I 88 -24.46 4.05 8.18
N ARG I 89 -23.64 5.09 8.16
CA ARG I 89 -23.29 5.77 6.91
C ARG I 89 -21.80 5.54 6.80
N ASN I 90 -21.22 5.83 5.64
CA ASN I 90 -19.80 5.65 5.45
C ASN I 90 -18.98 6.81 6.00
N LEU I 91 -19.41 8.03 5.69
CA LEU I 91 -18.71 9.25 6.05
C LEU I 91 -19.26 10.13 7.16
N LEU I 92 -18.35 10.75 7.91
CA LEU I 92 -18.72 11.68 8.96
C LEU I 92 -19.42 12.84 8.28
N GLU I 93 -18.97 13.17 7.06
CA GLU I 93 -19.56 14.27 6.30
C GLU I 93 -21.08 14.12 6.15
N THR I 94 -21.51 12.89 5.88
CA THR I 94 -22.93 12.58 5.72
C THR I 94 -23.69 12.80 7.03
N VAL I 95 -23.17 12.23 8.11
CA VAL I 95 -23.79 12.33 9.42
C VAL I 95 -23.83 13.77 9.92
N ALA I 96 -22.74 14.52 9.70
CA ALA I 96 -22.72 15.90 10.13
C ALA I 96 -23.77 16.68 9.35
N GLU I 97 -23.80 16.45 8.04
CA GLU I 97 -24.76 17.11 7.15
C GLU I 97 -26.19 16.82 7.59
N LEU I 98 -26.45 15.58 8.00
CA LEU I 98 -27.77 15.15 8.46
C LEU I 98 -28.15 15.92 9.72
N ILE I 99 -27.21 16.01 10.64
CA ILE I 99 -27.41 16.72 11.89
C ILE I 99 -27.73 18.20 11.65
N ALA I 100 -26.98 18.81 10.73
CA ALA I 100 -27.17 20.22 10.42
C ALA I 100 -28.48 20.56 9.73
N SER I 101 -28.80 19.82 8.67
CA SER I 101 -30.01 20.08 7.90
C SER I 101 -31.24 19.70 8.69
N LYS I 102 -31.14 18.63 9.46
CA LYS I 102 -32.25 18.19 10.27
C LYS I 102 -32.51 19.20 11.39
N THR I 103 -31.44 19.83 11.88
CA THR I 103 -31.58 20.80 12.96
C THR I 103 -32.27 22.05 12.44
N LEU I 104 -31.81 22.55 11.31
CA LEU I 104 -32.36 23.75 10.70
C LEU I 104 -33.81 23.49 10.33
N GLU I 105 -34.08 22.31 9.80
CA GLU I 105 -35.42 21.93 9.38
C GLU I 105 -36.36 21.81 10.58
N LYS I 106 -35.90 21.15 11.63
CA LYS I 106 -36.74 20.94 12.79
C LYS I 106 -37.05 22.20 13.60
N PHE I 107 -36.06 23.06 13.80
CA PHE I 107 -36.25 24.28 14.59
C PHE I 107 -36.15 25.57 13.79
N HIS I 108 -37.30 26.15 13.44
CA HIS I 108 -37.35 27.38 12.64
C HIS I 108 -36.55 28.56 13.19
N GLN I 109 -36.55 28.73 14.51
CA GLN I 109 -35.84 29.83 15.17
C GLN I 109 -34.32 29.85 14.95
N ILE I 110 -33.73 28.72 14.60
CA ILE I 110 -32.28 28.64 14.38
C ILE I 110 -31.90 29.28 13.06
N ASN I 111 -31.01 30.27 13.09
CA ASN I 111 -30.58 30.96 11.88
C ASN I 111 -29.47 30.20 11.14
N ALA I 112 -28.62 29.52 11.90
CA ALA I 112 -27.53 28.77 11.31
C ALA I 112 -27.03 27.81 12.36
N VAL I 113 -26.24 26.83 11.92
CA VAL I 113 -25.71 25.81 12.82
C VAL I 113 -24.31 25.32 12.40
N ARG I 114 -23.47 25.08 13.39
CA ARG I 114 -22.14 24.58 13.13
C ARG I 114 -22.01 23.18 13.75
N VAL I 115 -21.59 22.22 12.94
CA VAL I 115 -21.45 20.85 13.42
C VAL I 115 -20.03 20.33 13.28
N LYS I 116 -19.48 19.86 14.39
CA LYS I 116 -18.15 19.26 14.41
C LYS I 116 -18.35 17.82 14.83
N LEU I 117 -18.07 16.90 13.92
CA LEU I 117 -18.23 15.48 14.17
C LEU I 117 -16.84 14.86 14.07
N SER I 118 -16.44 14.16 15.12
CA SER I 118 -15.11 13.57 15.14
C SER I 118 -15.02 12.17 15.70
N LYS I 119 -13.98 11.46 15.27
CA LYS I 119 -13.70 10.12 15.76
C LYS I 119 -12.43 10.25 16.57
N PRO I 120 -12.51 10.00 17.90
CA PRO I 120 -11.33 10.10 18.76
C PRO I 120 -10.42 8.88 18.57
N ASN I 121 -10.99 7.78 18.07
CA ASN I 121 -10.24 6.54 17.87
C ASN I 121 -10.38 6.03 16.44
N VAL I 122 -9.45 6.42 15.58
CA VAL I 122 -9.50 6.00 14.18
C VAL I 122 -8.85 4.64 13.92
N ALA I 123 -9.61 3.75 13.30
CA ALA I 123 -9.11 2.43 12.96
C ALA I 123 -7.86 2.49 12.09
N LEU I 124 -6.86 1.71 12.48
CA LEU I 124 -5.59 1.62 11.76
C LEU I 124 -4.58 2.76 11.95
N ILE I 125 -4.97 3.82 12.67
CA ILE I 125 -4.04 4.91 12.96
C ILE I 125 -3.37 4.42 14.25
N LYS I 126 -2.08 4.06 14.14
CA LYS I 126 -1.31 3.52 15.26
C LYS I 126 -0.77 4.49 16.30
N SER I 127 -0.65 5.76 15.95
CA SER I 127 -0.12 6.73 16.91
C SER I 127 -1.19 7.54 17.62
N THR I 128 -0.76 8.33 18.61
CA THR I 128 -1.64 9.14 19.41
C THR I 128 -2.13 10.41 18.73
N ILE I 129 -3.43 10.70 18.89
CA ILE I 129 -4.03 11.91 18.32
C ILE I 129 -5.18 12.30 19.24
N ASP I 130 -5.77 13.46 19.00
CA ASP I 130 -6.93 13.87 19.78
C ASP I 130 -8.13 13.30 19.03
N TYR I 131 -8.27 13.68 17.76
CA TYR I 131 -9.37 13.19 16.93
C TYR I 131 -9.20 13.67 15.48
N LEU I 132 -9.95 13.05 14.57
CA LEU I 132 -9.96 13.46 13.17
C LEU I 132 -11.44 13.58 12.89
N GLY I 133 -11.84 14.62 12.18
CA GLY I 133 -13.26 14.77 11.90
C GLY I 133 -13.56 15.89 10.93
N VAL I 134 -14.82 16.29 10.90
CA VAL I 134 -15.26 17.34 10.01
C VAL I 134 -15.81 18.54 10.79
N ASP I 135 -15.88 19.69 10.14
CA ASP I 135 -16.35 20.93 10.74
C ASP I 135 -17.13 21.68 9.66
N ILE I 136 -18.45 21.57 9.68
CA ILE I 136 -19.27 22.24 8.68
C ILE I 136 -20.14 23.35 9.27
N PHE I 137 -20.41 24.38 8.46
CA PHE I 137 -21.26 25.49 8.88
C PHE I 137 -22.44 25.63 7.92
N ARG I 138 -23.66 25.56 8.43
CA ARG I 138 -24.82 25.67 7.55
C ARG I 138 -25.80 26.76 7.98
N GLN I 139 -26.19 27.59 7.02
CA GLN I 139 -27.12 28.68 7.26
C GLN I 139 -28.47 28.32 6.68
N ARG I 140 -29.53 28.77 7.35
CA ARG I 140 -30.90 28.50 6.91
C ARG I 140 -31.05 28.98 5.47
N ASN I 141 -30.40 30.09 5.16
CA ASN I 141 -30.45 30.68 3.83
C ASN I 141 -29.90 29.69 2.79
N GLY J 21 -15.98 28.23 5.32
CA GLY J 21 -16.01 27.03 4.43
C GLY J 21 -15.86 25.77 5.26
N ASP J 22 -16.36 24.65 4.75
CA ASP J 22 -16.25 23.40 5.49
C ASP J 22 -14.76 23.09 5.64
N LYS J 23 -14.43 22.27 6.63
CA LYS J 23 -13.05 21.91 6.79
C LYS J 23 -12.85 20.52 7.39
N LEU J 24 -11.76 19.89 6.98
CA LEU J 24 -11.36 18.58 7.44
C LEU J 24 -10.44 18.91 8.61
N ILE J 25 -10.61 18.22 9.73
CA ILE J 25 -9.84 18.50 10.92
C ILE J 25 -9.01 17.36 11.49
N LEU J 26 -7.72 17.64 11.73
CA LEU J 26 -6.79 16.68 12.31
C LEU J 26 -6.22 17.40 13.54
N LYS J 27 -6.65 16.97 14.74
CA LYS J 27 -6.24 17.61 15.99
C LYS J 27 -5.25 16.84 16.86
N GLY J 28 -4.25 17.56 17.35
CA GLY J 28 -3.24 16.96 18.21
C GLY J 28 -2.58 15.67 17.73
N LEU J 29 -2.08 15.67 16.50
CA LEU J 29 -1.40 14.51 15.97
C LEU J 29 -0.03 14.45 16.65
N LYS J 30 0.34 13.27 17.16
CA LYS J 30 1.61 13.11 17.84
C LYS J 30 2.62 12.27 17.07
N PHE J 31 3.71 12.89 16.66
CA PHE J 31 4.76 12.21 15.90
C PHE J 31 6.17 12.45 16.48
N TYR J 32 7.00 11.41 16.40
CA TYR J 32 8.37 11.50 16.87
C TYR J 32 9.25 11.89 15.69
N GLY J 33 10.06 12.93 15.84
CA GLY J 33 10.89 13.37 14.74
C GLY J 33 12.26 13.80 15.24
N PHE J 34 13.11 14.28 14.34
CA PHE J 34 14.45 14.70 14.71
C PHE J 34 14.84 16.08 14.23
N HIS J 35 13.85 16.94 14.06
CA HIS J 35 14.08 18.32 13.59
C HIS J 35 14.67 19.20 14.70
N GLY J 36 15.54 20.13 14.32
CA GLY J 36 16.14 21.02 15.28
C GLY J 36 17.45 21.64 14.79
N ALA J 37 17.95 22.64 15.49
CA ALA J 37 19.20 23.30 15.12
C ALA J 37 20.36 22.70 15.91
N ILE J 38 20.05 22.14 17.08
CA ILE J 38 21.07 21.53 17.93
C ILE J 38 21.32 20.09 17.49
N ALA J 39 22.59 19.75 17.29
CA ALA J 39 22.95 18.40 16.85
C ALA J 39 22.41 17.32 17.78
N GLU J 40 22.34 17.63 19.07
CA GLU J 40 21.86 16.66 20.06
C GLU J 40 20.42 16.30 19.72
N GLU J 41 19.67 17.29 19.25
CA GLU J 41 18.28 17.12 18.87
C GLU J 41 18.13 16.20 17.66
N ARG J 42 19.02 16.38 16.69
CA ARG J 42 19.00 15.55 15.49
C ARG J 42 19.29 14.10 15.84
N THR J 43 20.08 13.92 16.90
CA THR J 43 20.47 12.60 17.35
C THR J 43 19.42 11.93 18.25
N LEU J 44 18.93 12.64 19.26
CA LEU J 44 17.94 12.09 20.18
C LEU J 44 16.53 12.10 19.62
N GLY J 45 16.14 13.24 19.04
CA GLY J 45 14.81 13.35 18.50
C GLY J 45 13.87 13.81 19.60
N GLN J 46 12.59 13.96 19.29
CA GLN J 46 11.62 14.38 20.27
C GLN J 46 10.22 14.29 19.65
N MET J 47 9.20 14.47 20.49
CA MET J 47 7.83 14.42 20.00
C MET J 47 7.41 15.79 19.46
N PHE J 48 6.60 15.77 18.41
CA PHE J 48 6.07 16.99 17.79
C PHE J 48 4.56 16.93 17.80
N LEU J 49 3.92 18.08 17.95
CA LEU J 49 2.47 18.16 17.99
C LEU J 49 1.98 18.86 16.73
N VAL J 50 1.03 18.24 16.03
CA VAL J 50 0.50 18.80 14.79
C VAL J 50 -1.02 18.90 14.69
N ASP J 51 -1.50 20.10 14.31
CA ASP J 51 -2.92 20.34 14.10
C ASP J 51 -3.01 20.79 12.65
N ILE J 52 -3.99 20.27 11.93
CA ILE J 52 -4.18 20.61 10.54
C ILE J 52 -5.64 20.86 10.23
N ASP J 53 -5.93 21.96 9.54
CA ASP J 53 -7.28 22.30 9.13
C ASP J 53 -7.24 22.38 7.60
N ALA J 54 -7.90 21.46 6.90
CA ALA J 54 -7.92 21.51 5.44
C ALA J 54 -9.26 22.08 4.97
N TRP J 55 -9.18 23.21 4.28
CA TRP J 55 -10.37 23.88 3.75
C TRP J 55 -10.86 23.16 2.49
N VAL J 56 -12.06 22.59 2.55
CA VAL J 56 -12.64 21.87 1.41
C VAL J 56 -14.14 21.66 1.51
N SER J 57 -14.84 21.76 0.37
CA SER J 57 -16.28 21.57 0.35
C SER J 57 -16.63 20.13 0.64
N LEU J 58 -17.41 19.92 1.68
CA LEU J 58 -17.82 18.58 2.08
C LEU J 58 -19.28 18.34 1.68
N LYS J 59 -19.90 19.35 1.09
CA LYS J 59 -21.29 19.25 0.68
C LYS J 59 -21.55 18.08 -0.27
N LYS J 60 -20.76 17.95 -1.32
CA LYS J 60 -21.00 16.85 -2.25
C LYS J 60 -20.78 15.46 -1.64
N ALA J 61 -19.87 15.34 -0.69
CA ALA J 61 -19.61 14.04 -0.06
C ALA J 61 -20.71 13.74 0.97
N GLY J 62 -21.24 14.80 1.58
CA GLY J 62 -22.30 14.66 2.56
C GLY J 62 -23.63 14.27 1.94
N GLU J 63 -23.72 14.38 0.62
CA GLU J 63 -24.94 14.02 -0.11
C GLU J 63 -24.80 12.66 -0.79
N SER J 64 -23.59 12.29 -1.18
CA SER J 64 -23.39 11.01 -1.85
C SER J 64 -22.92 9.90 -0.90
N ASP J 65 -22.39 10.30 0.25
CA ASP J 65 -21.84 9.37 1.24
C ASP J 65 -20.79 8.46 0.59
N ASN J 66 -20.11 9.01 -0.42
CA ASN J 66 -19.06 8.29 -1.13
C ASN J 66 -17.68 8.90 -0.83
N LEU J 67 -16.80 8.12 -0.21
CA LEU J 67 -15.45 8.58 0.13
C LEU J 67 -14.75 9.33 -1.00
N GLU J 68 -14.97 8.87 -2.23
CA GLU J 68 -14.33 9.49 -3.37
C GLU J 68 -14.72 10.94 -3.60
N ASP J 69 -15.86 11.37 -3.06
CA ASP J 69 -16.28 12.75 -3.23
C ASP J 69 -15.65 13.67 -2.22
N THR J 70 -14.73 13.12 -1.43
CA THR J 70 -14.04 13.91 -0.42
C THR J 70 -12.59 13.44 -0.37
N ILE J 71 -11.84 13.94 0.60
CA ILE J 71 -10.46 13.53 0.74
C ILE J 71 -10.36 12.83 2.09
N SER J 72 -9.82 11.63 2.09
CA SER J 72 -9.70 10.85 3.32
C SER J 72 -8.76 11.49 4.32
N TYR J 73 -9.22 11.72 5.55
CA TYR J 73 -8.33 12.32 6.52
C TYR J 73 -7.21 11.36 6.91
N VAL J 74 -7.39 10.08 6.57
CA VAL J 74 -6.37 9.07 6.85
C VAL J 74 -5.19 9.37 5.90
N ASP J 75 -5.49 9.76 4.66
CA ASP J 75 -4.45 10.10 3.68
C ASP J 75 -3.72 11.37 4.10
N ILE J 76 -4.46 12.33 4.63
CA ILE J 76 -3.84 13.57 5.08
C ILE J 76 -2.98 13.20 6.29
N PHE J 77 -3.52 12.40 7.18
CA PHE J 77 -2.77 11.97 8.35
C PHE J 77 -1.45 11.30 7.99
N SER J 78 -1.48 10.38 7.04
CA SER J 78 -0.26 9.67 6.66
C SER J 78 0.78 10.53 5.95
N LEU J 79 0.32 11.60 5.30
CA LEU J 79 1.22 12.50 4.61
C LEU J 79 2.01 13.30 5.64
N ALA J 80 1.27 13.87 6.60
CA ALA J 80 1.85 14.67 7.66
C ALA J 80 2.81 13.80 8.46
N LYS J 81 2.34 12.60 8.80
CA LYS J 81 3.18 11.67 9.55
C LYS J 81 4.50 11.43 8.83
N GLU J 82 4.41 11.13 7.53
CA GLU J 82 5.62 10.85 6.79
C GLU J 82 6.57 12.04 6.73
N ILE J 83 6.03 13.25 6.71
CA ILE J 83 6.85 14.46 6.67
C ILE J 83 7.53 14.74 8.01
N VAL J 84 6.76 14.73 9.10
CA VAL J 84 7.32 15.00 10.43
C VAL J 84 8.35 13.98 10.88
N GLU J 85 8.16 12.72 10.50
CA GLU J 85 9.11 11.69 10.90
C GLU J 85 10.21 11.55 9.86
N GLY J 86 10.11 12.36 8.79
CA GLY J 86 11.09 12.29 7.71
C GLY J 86 12.44 12.94 7.93
N SER J 87 13.06 13.36 6.83
CA SER J 87 14.36 13.97 6.89
C SER J 87 14.38 15.18 7.82
N PRO J 88 15.33 15.19 8.76
CA PRO J 88 15.46 16.29 9.72
C PRO J 88 15.77 17.65 9.09
N ARG J 89 15.02 18.64 9.54
CA ARG J 89 15.16 20.02 9.09
C ARG J 89 15.55 20.86 10.32
N ASN J 90 16.05 22.06 10.09
CA ASN J 90 16.44 22.92 11.19
C ASN J 90 15.26 23.51 11.94
N LEU J 91 14.30 24.07 11.19
CA LEU J 91 13.15 24.78 11.77
C LEU J 91 11.76 24.17 11.64
N LEU J 92 10.92 24.48 12.62
CA LEU J 92 9.54 24.02 12.60
C LEU J 92 8.89 24.71 11.41
N GLU J 93 9.32 25.93 11.12
CA GLU J 93 8.79 26.72 10.01
C GLU J 93 8.91 25.94 8.70
N THR J 94 10.03 25.25 8.56
CA THR J 94 10.31 24.46 7.38
C THR J 94 9.45 23.19 7.27
N VAL J 95 9.24 22.51 8.38
CA VAL J 95 8.43 21.30 8.34
C VAL J 95 6.96 21.68 8.13
N ALA J 96 6.52 22.76 8.75
CA ALA J 96 5.14 23.20 8.60
C ALA J 96 4.90 23.61 7.15
N GLU J 97 5.92 24.23 6.54
CA GLU J 97 5.82 24.66 5.16
C GLU J 97 5.68 23.45 4.22
N LEU J 98 6.47 22.40 4.50
CA LEU J 98 6.45 21.17 3.71
C LEU J 98 5.08 20.48 3.82
N ILE J 99 4.57 20.38 5.05
CA ILE J 99 3.27 19.76 5.27
C ILE J 99 2.20 20.49 4.47
N ALA J 100 2.19 21.82 4.57
CA ALA J 100 1.21 22.63 3.84
C ALA J 100 1.33 22.49 2.35
N SER J 101 2.53 22.70 1.83
CA SER J 101 2.73 22.61 0.38
C SER J 101 2.44 21.20 -0.16
N LYS J 102 2.97 20.18 0.48
CA LYS J 102 2.72 18.82 0.01
C LYS J 102 1.24 18.47 0.07
N THR J 103 0.53 19.00 1.07
CA THR J 103 -0.90 18.71 1.18
C THR J 103 -1.64 19.34 0.00
N LEU J 104 -1.38 20.62 -0.25
CA LEU J 104 -2.02 21.30 -1.37
C LEU J 104 -1.64 20.62 -2.68
N GLU J 105 -0.39 20.19 -2.76
CA GLU J 105 0.13 19.52 -3.95
C GLU J 105 -0.56 18.18 -4.23
N LYS J 106 -0.79 17.40 -3.19
CA LYS J 106 -1.41 16.09 -3.35
C LYS J 106 -2.93 16.10 -3.42
N PHE J 107 -3.57 17.04 -2.76
CA PHE J 107 -5.03 17.10 -2.75
C PHE J 107 -5.60 18.38 -3.35
N HIS J 108 -5.82 18.33 -4.65
CA HIS J 108 -6.32 19.45 -5.43
C HIS J 108 -7.59 20.06 -4.87
N GLN J 109 -8.52 19.22 -4.41
CA GLN J 109 -9.78 19.69 -3.86
C GLN J 109 -9.64 20.59 -2.63
N ILE J 110 -8.49 20.55 -1.97
CA ILE J 110 -8.27 21.38 -0.78
C ILE J 110 -7.92 22.80 -1.26
N ASN J 111 -8.68 23.78 -0.77
CA ASN J 111 -8.47 25.17 -1.17
C ASN J 111 -7.41 25.86 -0.34
N ALA J 112 -7.24 25.41 0.90
CA ALA J 112 -6.28 26.00 1.82
C ALA J 112 -6.03 25.07 2.99
N VAL J 113 -4.95 25.34 3.71
CA VAL J 113 -4.62 24.51 4.84
C VAL J 113 -3.90 25.28 5.91
N ARG J 114 -4.31 25.04 7.16
CA ARG J 114 -3.70 25.68 8.30
C ARG J 114 -2.92 24.60 9.02
N VAL J 115 -1.64 24.87 9.25
CA VAL J 115 -0.81 23.89 9.93
C VAL J 115 -0.20 24.45 11.20
N LYS J 116 -0.46 23.79 12.31
CA LYS J 116 0.11 24.24 13.56
C LYS J 116 1.06 23.13 13.99
N LEU J 117 2.34 23.45 14.04
CA LEU J 117 3.35 22.47 14.41
C LEU J 117 4.09 22.98 15.63
N SER J 118 4.18 22.18 16.69
CA SER J 118 4.88 22.63 17.90
C SER J 118 5.68 21.56 18.62
N LYS J 119 6.43 22.01 19.62
CA LYS J 119 7.25 21.13 20.44
C LYS J 119 6.73 21.27 21.87
N PRO J 120 6.25 20.17 22.47
CA PRO J 120 5.75 20.23 23.85
C PRO J 120 6.95 20.32 24.79
N ASN J 121 8.05 19.74 24.35
CA ASN J 121 9.26 19.71 25.14
C ASN J 121 10.38 20.46 24.43
N VAL J 122 10.69 21.65 24.92
CA VAL J 122 11.75 22.48 24.36
C VAL J 122 12.98 22.33 25.25
N ALA J 123 14.04 21.79 24.68
CA ALA J 123 15.28 21.55 25.40
C ALA J 123 15.78 22.75 26.20
N LEU J 124 16.31 22.45 27.38
CA LEU J 124 16.88 23.47 28.26
C LEU J 124 15.89 24.37 28.97
N ILE J 125 14.62 24.35 28.56
CA ILE J 125 13.62 25.16 29.26
C ILE J 125 13.42 24.50 30.61
N LYS J 126 13.77 25.19 31.69
CA LYS J 126 13.62 24.60 33.01
C LYS J 126 12.24 24.77 33.63
N SER J 127 11.37 25.47 32.92
CA SER J 127 10.02 25.71 33.42
C SER J 127 8.99 24.93 32.60
N THR J 128 7.74 24.96 33.07
CA THR J 128 6.64 24.27 32.41
C THR J 128 5.93 25.14 31.38
N ILE J 129 5.52 24.51 30.28
CA ILE J 129 4.78 25.21 29.23
C ILE J 129 3.92 24.14 28.59
N ASP J 130 3.06 24.52 27.64
CA ASP J 130 2.28 23.52 26.95
C ASP J 130 3.15 23.21 25.75
N TYR J 131 3.48 24.26 24.99
CA TYR J 131 4.32 24.07 23.82
C TYR J 131 4.62 25.38 23.17
N LEU J 132 5.66 25.37 22.33
CA LEU J 132 6.04 26.53 21.55
C LEU J 132 5.93 25.99 20.12
N GLY J 133 5.39 26.78 19.21
CA GLY J 133 5.27 26.30 17.84
C GLY J 133 5.01 27.37 16.80
N VAL J 134 4.59 26.92 15.62
CA VAL J 134 4.30 27.81 14.52
C VAL J 134 2.87 27.56 14.06
N ASP J 135 2.33 28.52 13.33
CA ASP J 135 0.99 28.44 12.81
C ASP J 135 0.98 29.17 11.47
N ILE J 136 0.77 28.44 10.39
CA ILE J 136 0.78 29.06 9.07
C ILE J 136 -0.49 28.71 8.32
N PHE J 137 -0.82 29.53 7.32
CA PHE J 137 -2.00 29.32 6.52
C PHE J 137 -1.51 29.40 5.07
N ARG J 138 -1.85 28.40 4.25
CA ARG J 138 -1.38 28.39 2.87
C ARG J 138 -2.45 28.03 1.84
N GLN J 139 -2.30 28.60 0.65
CA GLN J 139 -3.18 28.35 -0.48
C GLN J 139 -2.29 28.29 -1.73
N ARG J 140 -2.82 27.78 -2.83
CA ARG J 140 -2.05 27.70 -4.07
C ARG J 140 -2.06 29.05 -4.76
N ASN J 141 -0.93 29.75 -4.69
CA ASN J 141 -0.78 31.05 -5.33
C ASN J 141 -0.01 30.87 -6.62
N THR J 142 0.07 31.92 -7.42
CA THR J 142 0.75 31.86 -8.71
C THR J 142 2.20 31.39 -8.59
N SER J 143 2.62 30.58 -9.55
CA SER J 143 3.96 30.02 -9.60
C SER J 143 4.21 29.02 -8.48
N GLY K 21 -2.26 35.88 8.74
CA GLY K 21 -0.78 35.99 8.84
C GLY K 21 -0.18 34.88 9.67
N ASP K 22 1.06 34.48 9.35
CA ASP K 22 1.71 33.41 10.10
C ASP K 22 1.98 33.91 11.51
N LYS K 23 2.30 32.98 12.39
CA LYS K 23 2.59 33.36 13.74
C LYS K 23 3.37 32.33 14.53
N LEU K 24 4.10 32.85 15.51
CA LEU K 24 4.91 32.08 16.44
C LEU K 24 3.99 31.96 17.63
N ILE K 25 3.84 30.74 18.14
CA ILE K 25 2.96 30.47 19.27
C ILE K 25 3.69 30.00 20.52
N LEU K 26 3.42 30.68 21.63
CA LEU K 26 4.01 30.29 22.90
C LEU K 26 2.79 30.11 23.78
N LYS K 27 2.47 28.85 24.10
CA LYS K 27 1.27 28.58 24.89
C LYS K 27 1.49 27.87 26.20
N GLY K 28 0.79 28.34 27.23
CA GLY K 28 0.88 27.73 28.55
C GLY K 28 2.14 28.03 29.33
N LEU K 29 2.73 29.19 29.11
CA LEU K 29 3.94 29.57 29.83
C LEU K 29 3.60 29.78 31.31
N LYS K 30 4.33 29.09 32.18
CA LYS K 30 4.11 29.21 33.60
C LYS K 30 5.30 29.85 34.28
N PHE K 31 5.06 30.98 34.93
CA PHE K 31 6.11 31.72 35.62
C PHE K 31 5.61 32.17 36.99
N TYR K 32 6.53 32.22 37.94
CA TYR K 32 6.22 32.65 39.28
C TYR K 32 6.61 34.12 39.35
N GLY K 33 5.66 34.96 39.76
CA GLY K 33 5.91 36.37 39.84
C GLY K 33 5.33 36.95 41.10
N PHE K 34 5.42 38.27 41.26
CA PHE K 34 4.93 38.93 42.45
C PHE K 34 4.02 40.11 42.17
N HIS K 35 3.18 39.97 41.16
CA HIS K 35 2.25 41.02 40.77
C HIS K 35 0.93 40.87 41.51
N GLY K 36 0.18 41.96 41.63
CA GLY K 36 -1.10 41.90 42.33
C GLY K 36 -1.42 43.20 43.02
N ALA K 37 -2.71 43.48 43.19
CA ALA K 37 -3.16 44.71 43.84
C ALA K 37 -3.03 44.67 45.37
N ILE K 38 -3.06 43.48 45.95
CA ILE K 38 -2.94 43.36 47.40
C ILE K 38 -1.48 43.30 47.81
N ALA K 39 -1.12 44.08 48.83
CA ALA K 39 0.26 44.12 49.32
C ALA K 39 0.85 42.72 49.58
N GLU K 40 0.08 41.85 50.22
CA GLU K 40 0.55 40.50 50.53
C GLU K 40 0.84 39.66 49.28
N GLU K 41 0.10 39.89 48.20
CA GLU K 41 0.34 39.13 46.98
C GLU K 41 1.72 39.47 46.43
N ARG K 42 2.10 40.74 46.57
CA ARG K 42 3.37 41.21 46.07
C ARG K 42 4.59 40.74 46.83
N THR K 43 4.39 40.25 48.05
CA THR K 43 5.53 39.77 48.83
C THR K 43 5.60 38.25 48.84
N LEU K 44 4.48 37.61 48.55
CA LEU K 44 4.40 36.15 48.54
C LEU K 44 4.56 35.57 47.13
N GLY K 45 4.02 36.27 46.15
CA GLY K 45 4.11 35.79 44.79
C GLY K 45 3.11 34.67 44.53
N GLN K 46 3.07 34.22 43.28
CA GLN K 46 2.18 33.15 42.86
C GLN K 46 2.51 32.82 41.40
N MET K 47 1.84 31.80 40.87
CA MET K 47 2.05 31.40 39.49
C MET K 47 1.15 32.18 38.54
N PHE K 48 1.69 32.52 37.37
CA PHE K 48 0.95 33.23 36.33
C PHE K 48 1.04 32.38 35.07
N LEU K 49 0.01 32.45 34.22
CA LEU K 49 -0.02 31.68 32.98
C LEU K 49 0.02 32.66 31.81
N VAL K 50 0.91 32.42 30.85
CA VAL K 50 1.07 33.32 29.72
C VAL K 50 0.95 32.68 28.31
N ASP K 51 0.12 33.29 27.45
CA ASP K 51 -0.04 32.83 26.06
C ASP K 51 0.41 34.00 25.22
N ILE K 52 1.24 33.71 24.22
CA ILE K 52 1.76 34.76 23.36
C ILE K 52 1.65 34.33 21.92
N ASP K 53 1.03 35.18 21.12
CA ASP K 53 0.92 34.93 19.68
C ASP K 53 1.68 36.09 19.05
N ALA K 54 2.71 35.77 18.29
CA ALA K 54 3.52 36.78 17.63
C ALA K 54 3.35 36.70 16.12
N TRP K 55 2.75 37.74 15.55
CA TRP K 55 2.49 37.83 14.11
C TRP K 55 3.74 38.21 13.34
N VAL K 56 4.26 37.27 12.57
CA VAL K 56 5.48 37.49 11.79
C VAL K 56 5.45 36.52 10.62
N SER K 57 5.85 36.97 9.42
CA SER K 57 5.83 36.09 8.27
C SER K 57 6.89 35.00 8.44
N LEU K 58 6.48 33.76 8.20
CA LEU K 58 7.37 32.61 8.37
C LEU K 58 7.70 31.90 7.06
N LYS K 59 7.14 32.41 5.97
CA LYS K 59 7.36 31.79 4.66
C LYS K 59 8.83 31.79 4.25
N LYS K 60 9.50 32.92 4.42
CA LYS K 60 10.91 33.01 4.06
C LYS K 60 11.71 31.92 4.78
N ALA K 61 11.53 31.84 6.09
CA ALA K 61 12.23 30.85 6.91
C ALA K 61 11.79 29.45 6.53
N GLY K 62 10.53 29.32 6.13
CA GLY K 62 9.99 28.02 5.75
C GLY K 62 10.65 27.43 4.51
N GLU K 63 11.10 28.29 3.60
CA GLU K 63 11.73 27.80 2.40
C GLU K 63 13.27 27.78 2.49
N SER K 64 13.84 28.61 3.38
CA SER K 64 15.30 28.64 3.50
C SER K 64 15.83 27.67 4.53
N ASP K 65 15.07 27.53 5.62
CA ASP K 65 15.41 26.68 6.76
C ASP K 65 16.62 27.21 7.49
N ASN K 66 16.86 28.51 7.35
CA ASN K 66 17.97 29.17 8.06
C ASN K 66 17.39 30.04 9.17
N LEU K 67 18.06 30.02 10.30
CA LEU K 67 17.66 30.77 11.48
C LEU K 67 17.53 32.29 11.27
N GLU K 68 18.43 32.87 10.47
CA GLU K 68 18.41 34.30 10.21
C GLU K 68 17.08 34.81 9.67
N ASP K 69 16.30 33.93 9.06
CA ASP K 69 15.02 34.31 8.47
C ASP K 69 13.80 34.29 9.39
N THR K 70 14.00 33.94 10.66
CA THR K 70 12.90 33.93 11.60
C THR K 70 13.45 34.46 12.91
N ILE K 71 12.65 34.39 13.96
CA ILE K 71 13.12 34.82 15.27
C ILE K 71 12.86 33.63 16.19
N SER K 72 13.81 33.37 17.08
CA SER K 72 13.69 32.25 18.00
C SER K 72 12.60 32.44 19.04
N TYR K 73 11.67 31.50 19.13
CA TYR K 73 10.60 31.63 20.12
C TYR K 73 11.14 31.50 21.54
N VAL K 74 12.38 31.04 21.64
CA VAL K 74 13.05 30.90 22.92
C VAL K 74 13.51 32.28 23.37
N ASP K 75 13.77 33.17 22.42
CA ASP K 75 14.16 34.54 22.76
C ASP K 75 12.88 35.27 23.22
N ILE K 76 11.74 34.91 22.63
CA ILE K 76 10.46 35.50 23.02
C ILE K 76 10.14 34.99 24.42
N PHE K 77 10.40 33.71 24.63
CA PHE K 77 10.16 33.05 25.91
C PHE K 77 10.94 33.75 27.01
N SER K 78 12.23 33.98 26.77
CA SER K 78 13.11 34.62 27.74
C SER K 78 12.68 36.02 28.12
N LEU K 79 12.26 36.79 27.12
CA LEU K 79 11.80 38.15 27.35
C LEU K 79 10.56 38.16 28.27
N ALA K 80 9.59 37.29 27.99
CA ALA K 80 8.38 37.24 28.80
C ALA K 80 8.69 36.75 30.22
N LYS K 81 9.57 35.77 30.32
CA LYS K 81 9.97 35.24 31.62
C LYS K 81 10.53 36.35 32.50
N GLU K 82 11.48 37.09 31.93
CA GLU K 82 12.13 38.18 32.64
C GLU K 82 11.14 39.24 33.10
N ILE K 83 10.13 39.50 32.29
CA ILE K 83 9.13 40.49 32.68
C ILE K 83 8.26 39.94 33.80
N VAL K 84 7.68 38.76 33.59
CA VAL K 84 6.80 38.17 34.60
C VAL K 84 7.48 37.95 35.95
N GLU K 85 8.76 37.59 35.93
CA GLU K 85 9.51 37.36 37.16
C GLU K 85 10.20 38.64 37.58
N GLY K 86 9.98 39.71 36.82
CA GLY K 86 10.61 40.98 37.14
C GLY K 86 9.97 41.73 38.29
N SER K 87 10.22 43.02 38.35
CA SER K 87 9.68 43.85 39.40
C SER K 87 8.16 43.73 39.55
N PRO K 88 7.67 43.72 40.80
CA PRO K 88 6.22 43.60 41.04
C PRO K 88 5.40 44.78 40.50
N ARG K 89 4.28 44.45 39.89
CA ARG K 89 3.37 45.44 39.34
C ARG K 89 2.02 45.15 39.94
N ASN K 90 1.20 46.17 40.08
CA ASN K 90 -0.12 45.96 40.67
C ASN K 90 -1.04 45.15 39.77
N LEU K 91 -1.08 45.51 38.48
CA LEU K 91 -1.99 44.86 37.54
C LEU K 91 -1.42 43.94 36.47
N LEU K 92 -2.25 42.98 36.09
CA LEU K 92 -1.90 42.03 35.06
C LEU K 92 -1.80 42.85 33.77
N GLU K 93 -2.67 43.86 33.67
CA GLU K 93 -2.70 44.76 32.50
C GLU K 93 -1.30 45.31 32.22
N THR K 94 -0.64 45.76 33.29
CA THR K 94 0.70 46.34 33.22
C THR K 94 1.74 45.35 32.71
N VAL K 95 1.67 44.12 33.23
CA VAL K 95 2.60 43.07 32.84
C VAL K 95 2.38 42.69 31.40
N ALA K 96 1.12 42.50 31.02
CA ALA K 96 0.81 42.12 29.66
C ALA K 96 1.28 43.22 28.70
N GLU K 97 1.07 44.47 29.12
CA GLU K 97 1.44 45.62 28.31
C GLU K 97 2.95 45.69 28.12
N LEU K 98 3.69 45.35 29.16
CA LEU K 98 5.14 45.37 29.11
C LEU K 98 5.62 44.27 28.16
N ILE K 99 4.99 43.10 28.24
CA ILE K 99 5.39 42.01 27.37
C ILE K 99 5.14 42.42 25.93
N ALA K 100 3.95 42.96 25.66
CA ALA K 100 3.61 43.39 24.32
C ALA K 100 4.57 44.44 23.79
N SER K 101 4.78 45.50 24.56
CA SER K 101 5.66 46.58 24.14
C SER K 101 7.11 46.15 23.96
N LYS K 102 7.64 45.40 24.93
CA LYS K 102 9.02 44.96 24.84
C LYS K 102 9.26 43.95 23.72
N THR K 103 8.27 43.11 23.46
CA THR K 103 8.40 42.11 22.40
C THR K 103 8.53 42.83 21.05
N LEU K 104 7.62 43.75 20.78
CA LEU K 104 7.65 44.52 19.54
C LEU K 104 8.92 45.34 19.42
N GLU K 105 9.41 45.84 20.55
CA GLU K 105 10.61 46.65 20.58
C GLU K 105 11.85 45.81 20.24
N LYS K 106 11.93 44.63 20.85
CA LYS K 106 13.05 43.72 20.65
C LYS K 106 13.09 43.05 19.28
N PHE K 107 11.93 42.72 18.75
CA PHE K 107 11.88 42.03 17.46
C PHE K 107 11.13 42.80 16.38
N HIS K 108 11.90 43.49 15.55
CA HIS K 108 11.38 44.31 14.45
C HIS K 108 10.49 43.55 13.47
N GLN K 109 10.84 42.29 13.21
CA GLN K 109 10.10 41.45 12.27
C GLN K 109 8.64 41.21 12.67
N ILE K 110 8.37 41.22 13.97
CA ILE K 110 7.03 41.00 14.47
C ILE K 110 6.13 42.17 14.09
N ASN K 111 4.93 41.87 13.59
CA ASN K 111 3.97 42.90 13.17
C ASN K 111 2.93 43.21 14.23
N ALA K 112 2.64 42.22 15.07
CA ALA K 112 1.66 42.38 16.13
C ALA K 112 1.81 41.21 17.09
N VAL K 113 1.37 41.43 18.33
CA VAL K 113 1.46 40.39 19.31
C VAL K 113 0.25 40.39 20.21
N ARG K 114 -0.28 39.19 20.46
CA ARG K 114 -1.43 39.05 21.34
C ARG K 114 -0.88 38.45 22.62
N VAL K 115 -1.20 39.08 23.74
CA VAL K 115 -0.71 38.60 25.03
C VAL K 115 -1.83 38.29 26.01
N LYS K 116 -1.92 37.02 26.40
CA LYS K 116 -2.93 36.60 27.38
C LYS K 116 -2.20 36.33 28.68
N LEU K 117 -2.56 37.08 29.72
CA LEU K 117 -1.91 36.90 31.02
C LEU K 117 -2.97 36.59 32.05
N SER K 118 -2.82 35.48 32.75
CA SER K 118 -3.84 35.08 33.72
C SER K 118 -3.30 34.54 35.04
N LYS K 119 -4.17 34.55 36.05
CA LYS K 119 -3.84 34.04 37.37
C LYS K 119 -4.74 32.83 37.59
N PRO K 120 -4.15 31.62 37.60
CA PRO K 120 -4.97 30.43 37.82
C PRO K 120 -5.42 30.31 39.29
N ASN K 121 -4.64 30.91 40.19
CA ASN K 121 -4.95 30.85 41.63
C ASN K 121 -5.13 32.25 42.17
N VAL K 122 -6.35 32.78 42.10
CA VAL K 122 -6.61 34.14 42.57
C VAL K 122 -6.92 34.18 44.07
N ALA K 123 -6.12 34.97 44.78
CA ALA K 123 -6.30 35.13 46.23
C ALA K 123 -7.70 35.61 46.56
N LEU K 124 -8.28 35.09 47.64
CA LEU K 124 -9.62 35.47 48.08
C LEU K 124 -10.79 34.85 47.32
N ILE K 125 -10.52 34.19 46.19
CA ILE K 125 -11.61 33.54 45.46
C ILE K 125 -11.77 32.17 46.13
N LYS K 126 -12.90 31.96 46.80
CA LYS K 126 -13.15 30.72 47.53
C LYS K 126 -13.67 29.55 46.72
N SER K 127 -14.00 29.76 45.46
CA SER K 127 -14.53 28.68 44.64
C SER K 127 -13.63 28.33 43.47
N THR K 128 -13.92 27.19 42.84
CA THR K 128 -13.14 26.71 41.72
C THR K 128 -13.28 27.50 40.43
N ILE K 129 -12.15 27.73 39.75
CA ILE K 129 -12.15 28.43 38.47
C ILE K 129 -10.97 28.00 37.61
N ASP K 130 -10.99 28.39 36.34
CA ASP K 130 -9.88 28.10 35.45
C ASP K 130 -8.85 29.16 35.82
N TYR K 131 -9.23 30.42 35.60
CA TYR K 131 -8.38 31.56 35.87
C TYR K 131 -9.08 32.87 35.53
N LEU K 132 -8.48 33.98 35.95
CA LEU K 132 -8.98 35.29 35.65
C LEU K 132 -7.75 35.93 35.01
N GLY K 133 -7.94 36.70 33.96
CA GLY K 133 -6.79 37.33 33.34
C GLY K 133 -7.11 38.39 32.30
N VAL K 134 -6.11 38.73 31.51
CA VAL K 134 -6.28 39.73 30.47
C VAL K 134 -5.82 39.18 29.13
N ASP K 135 -6.34 39.79 28.07
CA ASP K 135 -6.07 39.42 26.69
C ASP K 135 -5.99 40.73 25.91
N ILE K 136 -4.77 41.09 25.50
CA ILE K 136 -4.58 42.31 24.75
C ILE K 136 -3.94 42.05 23.39
N PHE K 137 -4.29 42.87 22.42
CA PHE K 137 -3.75 42.76 21.07
C PHE K 137 -3.06 44.06 20.75
N ARG K 138 -1.77 43.99 20.42
CA ARG K 138 -0.99 45.19 20.12
C ARG K 138 -0.20 45.04 18.82
N GLN K 139 -0.34 45.99 17.90
CA GLN K 139 0.41 45.94 16.65
C GLN K 139 1.34 47.13 16.50
N ARG K 140 2.37 46.97 15.68
CA ARG K 140 3.35 48.03 15.47
C ARG K 140 2.59 49.32 15.18
N GLY L 21 -9.74 44.50 20.13
CA GLY L 21 -10.35 45.04 21.37
C GLY L 21 -9.90 44.27 22.59
N ASP L 22 -9.27 44.96 23.55
CA ASP L 22 -8.81 44.30 24.76
C ASP L 22 -9.99 43.70 25.49
N LYS L 23 -9.71 42.84 26.47
CA LYS L 23 -10.75 42.23 27.24
C LYS L 23 -10.27 41.52 28.49
N LEU L 24 -11.13 41.57 29.51
CA LEU L 24 -10.87 40.92 30.78
C LEU L 24 -11.46 39.53 30.60
N ILE L 25 -10.72 38.51 31.00
CA ILE L 25 -11.17 37.13 30.85
C ILE L 25 -11.41 36.44 32.20
N LEU L 26 -12.63 35.90 32.38
CA LEU L 26 -12.95 35.15 33.58
C LEU L 26 -13.37 33.78 33.03
N LYS L 27 -12.46 32.80 33.16
CA LYS L 27 -12.70 31.47 32.61
C LYS L 27 -13.02 30.35 33.59
N GLY L 28 -14.00 29.55 33.22
CA GLY L 28 -14.40 28.41 34.03
C GLY L 28 -14.86 28.66 35.44
N LEU L 29 -15.69 29.67 35.66
CA LEU L 29 -16.18 29.95 37.00
C LEU L 29 -17.21 28.85 37.35
N LYS L 30 -17.02 28.19 38.48
CA LYS L 30 -17.94 27.15 38.92
C LYS L 30 -18.68 27.61 40.16
N PHE L 31 -20.01 27.56 40.09
CA PHE L 31 -20.86 27.98 41.20
C PHE L 31 -22.01 27.00 41.36
N TYR L 32 -22.37 26.68 42.59
CA TYR L 32 -23.50 25.79 42.79
C TYR L 32 -24.78 26.65 42.69
N GLY L 33 -25.82 26.10 42.05
CA GLY L 33 -27.05 26.86 41.86
C GLY L 33 -28.32 26.03 41.73
N PHE L 34 -29.46 26.70 41.63
CA PHE L 34 -30.73 26.00 41.55
C PHE L 34 -31.58 26.26 40.30
N HIS L 35 -30.98 26.75 39.23
CA HIS L 35 -31.73 27.03 38.00
C HIS L 35 -32.12 25.75 37.26
N GLY L 36 -33.25 25.81 36.56
CA GLY L 36 -33.70 24.65 35.82
C GLY L 36 -35.19 24.63 35.56
N ALA L 37 -35.59 23.96 34.48
CA ALA L 37 -36.99 23.86 34.11
C ALA L 37 -37.71 22.85 35.00
N ILE L 38 -37.07 21.72 35.23
CA ILE L 38 -37.66 20.67 36.07
C ILE L 38 -37.80 21.14 37.51
N ALA L 39 -38.91 20.80 38.14
CA ALA L 39 -39.18 21.17 39.52
C ALA L 39 -38.08 20.67 40.47
N GLU L 40 -37.77 19.38 40.39
CA GLU L 40 -36.75 18.79 41.24
C GLU L 40 -35.38 19.48 41.07
N GLU L 41 -35.07 19.90 39.86
CA GLU L 41 -33.80 20.58 39.60
C GLU L 41 -33.68 21.79 40.50
N ARG L 42 -34.77 22.56 40.60
CA ARG L 42 -34.81 23.77 41.40
C ARG L 42 -34.71 23.49 42.89
N THR L 43 -34.91 22.23 43.26
CA THR L 43 -34.84 21.81 44.66
C THR L 43 -33.40 21.42 45.00
N LEU L 44 -32.89 20.41 44.29
CA LEU L 44 -31.55 19.90 44.54
C LEU L 44 -30.41 20.84 44.17
N GLY L 45 -30.56 21.53 43.06
CA GLY L 45 -29.50 22.41 42.61
C GLY L 45 -28.49 21.61 41.81
N GLN L 46 -27.41 22.25 41.38
CA GLN L 46 -26.35 21.61 40.60
C GLN L 46 -25.27 22.64 40.33
N MET L 47 -24.16 22.17 39.76
CA MET L 47 -23.04 23.05 39.43
C MET L 47 -23.23 23.72 38.08
N PHE L 48 -22.83 24.98 37.99
CA PHE L 48 -22.91 25.75 36.75
C PHE L 48 -21.51 26.33 36.41
N LEU L 49 -21.15 26.27 35.13
CA LEU L 49 -19.88 26.81 34.60
C LEU L 49 -20.13 28.13 33.88
N VAL L 50 -19.36 29.16 34.22
CA VAL L 50 -19.53 30.47 33.58
C VAL L 50 -18.25 31.02 32.97
N ASP L 51 -18.35 31.52 31.74
CA ASP L 51 -17.21 32.14 31.05
C ASP L 51 -17.62 33.60 30.82
N ILE L 52 -16.75 34.54 31.14
CA ILE L 52 -17.06 35.96 30.93
C ILE L 52 -15.94 36.70 30.23
N ASP L 53 -16.24 37.33 29.10
CA ASP L 53 -15.24 38.13 28.40
C ASP L 53 -15.77 39.55 28.45
N ALA L 54 -15.06 40.44 29.13
CA ALA L 54 -15.50 41.82 29.24
C ALA L 54 -14.67 42.71 28.33
N TRP L 55 -15.32 43.30 27.33
CA TRP L 55 -14.60 44.15 26.41
C TRP L 55 -14.39 45.56 26.95
N VAL L 56 -13.13 45.98 27.01
CA VAL L 56 -12.77 47.29 27.51
C VAL L 56 -11.30 47.57 27.20
N SER L 57 -10.99 48.78 26.77
CA SER L 57 -9.61 49.14 26.45
C SER L 57 -8.79 49.11 27.74
N LEU L 58 -7.75 48.27 27.75
CA LEU L 58 -6.90 48.12 28.92
C LEU L 58 -5.60 48.92 28.83
N LYS L 59 -5.43 49.61 27.71
CA LYS L 59 -4.22 50.40 27.48
C LYS L 59 -3.90 51.33 28.63
N LYS L 60 -4.86 52.17 28.96
CA LYS L 60 -4.73 53.15 30.02
C LYS L 60 -4.18 52.54 31.30
N ALA L 61 -4.87 51.53 31.81
CA ALA L 61 -4.45 50.86 33.03
C ALA L 61 -3.10 50.17 32.86
N GLY L 62 -2.86 49.64 31.67
CA GLY L 62 -1.61 48.96 31.42
C GLY L 62 -0.41 49.89 31.44
N GLU L 63 -0.67 51.18 31.36
CA GLU L 63 0.41 52.15 31.36
C GLU L 63 0.50 52.92 32.67
N SER L 64 -0.53 52.85 33.52
CA SER L 64 -0.53 53.57 34.80
C SER L 64 -0.45 52.65 36.02
N ASP L 65 -0.68 51.36 35.80
CA ASP L 65 -0.67 50.34 36.85
C ASP L 65 -1.52 50.74 38.04
N ASN L 66 -2.64 51.40 37.75
CA ASN L 66 -3.57 51.86 38.76
C ASN L 66 -4.85 51.06 38.54
N LEU L 67 -5.33 50.40 39.59
CA LEU L 67 -6.52 49.56 39.49
C LEU L 67 -7.74 50.35 39.01
N GLU L 68 -7.79 51.63 39.34
CA GLU L 68 -8.90 52.50 38.99
C GLU L 68 -9.10 52.78 37.50
N ASP L 69 -8.10 52.48 36.68
CA ASP L 69 -8.22 52.72 35.25
C ASP L 69 -8.76 51.48 34.54
N THR L 70 -9.16 50.49 35.32
CA THR L 70 -9.72 49.28 34.75
C THR L 70 -10.86 48.78 35.61
N ILE L 71 -11.34 47.59 35.33
CA ILE L 71 -12.41 47.00 36.11
C ILE L 71 -11.79 45.83 36.85
N SER L 72 -11.97 45.75 38.17
CA SER L 72 -11.40 44.63 38.91
C SER L 72 -12.13 43.35 38.53
N TYR L 73 -11.41 42.30 38.15
CA TYR L 73 -12.11 41.06 37.81
C TYR L 73 -12.75 40.45 39.05
N VAL L 74 -12.35 40.95 40.22
CA VAL L 74 -12.90 40.50 41.47
C VAL L 74 -14.34 40.98 41.55
N ASP L 75 -14.57 42.25 41.21
CA ASP L 75 -15.91 42.85 41.22
C ASP L 75 -16.85 42.15 40.25
N ILE L 76 -16.32 41.81 39.07
CA ILE L 76 -17.11 41.13 38.06
C ILE L 76 -17.40 39.73 38.57
N PHE L 77 -16.36 39.06 39.10
CA PHE L 77 -16.55 37.72 39.62
C PHE L 77 -17.63 37.70 40.70
N SER L 78 -17.51 38.59 41.69
CA SER L 78 -18.50 38.61 42.76
C SER L 78 -19.91 38.91 42.23
N LEU L 79 -20.00 39.71 41.18
CA LEU L 79 -21.30 40.03 40.59
C LEU L 79 -21.89 38.77 39.95
N ALA L 80 -21.09 38.07 39.15
CA ALA L 80 -21.54 36.84 38.50
C ALA L 80 -21.95 35.79 39.53
N LYS L 81 -21.13 35.60 40.57
CA LYS L 81 -21.40 34.64 41.65
C LYS L 81 -22.75 34.89 42.31
N GLU L 82 -22.99 36.14 42.68
CA GLU L 82 -24.26 36.50 43.31
C GLU L 82 -25.47 36.09 42.49
N ILE L 83 -25.44 36.35 41.18
CA ILE L 83 -26.57 36.00 40.33
C ILE L 83 -26.75 34.48 40.18
N VAL L 84 -25.68 33.80 39.80
CA VAL L 84 -25.73 32.36 39.58
C VAL L 84 -26.18 31.60 40.85
N GLU L 85 -25.74 32.09 42.00
CA GLU L 85 -26.10 31.49 43.28
C GLU L 85 -27.43 32.06 43.80
N GLY L 86 -28.04 32.94 43.02
CA GLY L 86 -29.28 33.57 43.46
C GLY L 86 -30.60 32.86 43.21
N SER L 87 -31.68 33.61 43.42
CA SER L 87 -33.03 33.12 43.23
C SER L 87 -33.04 32.32 41.94
N PRO L 88 -33.63 31.11 41.97
CA PRO L 88 -33.71 30.20 40.84
C PRO L 88 -34.56 30.59 39.64
N ARG L 89 -33.95 30.49 38.47
CA ARG L 89 -34.61 30.78 37.21
C ARG L 89 -34.81 29.44 36.47
N ASN L 90 -35.73 29.42 35.52
CA ASN L 90 -36.00 28.22 34.75
C ASN L 90 -34.92 28.00 33.70
N LEU L 91 -34.49 29.10 33.08
CA LEU L 91 -33.52 29.05 32.01
C LEU L 91 -32.15 29.66 32.24
N LEU L 92 -31.17 29.13 31.52
CA LEU L 92 -29.80 29.59 31.56
C LEU L 92 -29.76 30.94 30.85
N GLU L 93 -30.57 31.07 29.81
CA GLU L 93 -30.64 32.33 29.06
C GLU L 93 -30.90 33.50 30.03
N THR L 94 -31.87 33.31 30.92
CA THR L 94 -32.27 34.32 31.90
C THR L 94 -31.09 34.70 32.78
N VAL L 95 -30.38 33.69 33.29
CA VAL L 95 -29.24 33.94 34.14
C VAL L 95 -28.10 34.63 33.38
N ALA L 96 -27.82 34.19 32.16
CA ALA L 96 -26.74 34.81 31.39
C ALA L 96 -27.11 36.24 31.06
N GLU L 97 -28.36 36.44 30.65
CA GLU L 97 -28.86 37.76 30.32
C GLU L 97 -28.67 38.70 31.51
N LEU L 98 -28.95 38.19 32.71
CA LEU L 98 -28.80 39.00 33.93
C LEU L 98 -27.35 39.37 34.20
N ILE L 99 -26.44 38.40 34.03
CA ILE L 99 -25.01 38.63 34.24
C ILE L 99 -24.56 39.72 33.27
N ALA L 100 -25.00 39.64 32.01
CA ALA L 100 -24.62 40.65 31.02
C ALA L 100 -25.19 42.04 31.35
N SER L 101 -26.50 42.12 31.48
CA SER L 101 -27.16 43.39 31.77
C SER L 101 -26.60 44.03 33.04
N LYS L 102 -26.49 43.24 34.09
CA LYS L 102 -25.99 43.73 35.36
C LYS L 102 -24.55 44.22 35.23
N THR L 103 -23.74 43.47 34.51
CA THR L 103 -22.34 43.85 34.32
C THR L 103 -22.18 45.18 33.60
N LEU L 104 -22.95 45.40 32.53
CA LEU L 104 -22.86 46.66 31.78
C LEU L 104 -23.41 47.81 32.62
N GLU L 105 -24.44 47.53 33.41
CA GLU L 105 -25.05 48.55 34.25
C GLU L 105 -24.11 49.07 35.34
N LYS L 106 -23.37 48.17 35.95
CA LYS L 106 -22.47 48.53 37.05
C LYS L 106 -21.12 49.10 36.64
N PHE L 107 -20.59 48.61 35.53
CA PHE L 107 -19.28 49.08 35.06
C PHE L 107 -19.40 49.78 33.71
N HIS L 108 -19.64 51.08 33.77
CA HIS L 108 -19.76 51.90 32.57
C HIS L 108 -18.56 51.82 31.63
N GLN L 109 -17.41 51.41 32.17
CA GLN L 109 -16.19 51.30 31.36
C GLN L 109 -16.32 50.20 30.31
N ILE L 110 -16.92 49.07 30.69
CA ILE L 110 -17.06 47.96 29.76
C ILE L 110 -17.91 48.32 28.54
N ASN L 111 -17.44 47.91 27.37
CA ASN L 111 -18.11 48.22 26.13
C ASN L 111 -19.02 47.13 25.60
N ALA L 112 -18.72 45.89 25.96
CA ALA L 112 -19.52 44.74 25.52
C ALA L 112 -19.14 43.55 26.38
N VAL L 113 -20.09 42.64 26.57
CA VAL L 113 -19.81 41.48 27.41
C VAL L 113 -20.27 40.18 26.76
N ARG L 114 -19.44 39.16 26.88
CA ARG L 114 -19.75 37.86 26.34
C ARG L 114 -19.90 36.91 27.53
N VAL L 115 -21.08 36.32 27.68
CA VAL L 115 -21.36 35.41 28.79
C VAL L 115 -21.73 34.01 28.32
N LYS L 116 -21.00 33.02 28.82
CA LYS L 116 -21.25 31.63 28.48
C LYS L 116 -21.61 30.92 29.76
N LEU L 117 -22.87 30.50 29.87
CA LEU L 117 -23.37 29.80 31.04
C LEU L 117 -23.74 28.39 30.63
N SER L 118 -23.17 27.40 31.31
CA SER L 118 -23.46 26.02 30.94
C SER L 118 -23.65 25.08 32.11
N LYS L 119 -24.25 23.94 31.80
CA LYS L 119 -24.50 22.88 32.77
C LYS L 119 -23.70 21.65 32.36
N PRO L 120 -22.71 21.26 33.18
CA PRO L 120 -21.88 20.09 32.89
C PRO L 120 -22.60 18.77 33.15
N ASN L 121 -23.64 18.80 33.98
CA ASN L 121 -24.39 17.58 34.32
C ASN L 121 -25.87 17.81 34.16
N VAL L 122 -26.36 17.56 32.94
CA VAL L 122 -27.77 17.75 32.64
C VAL L 122 -28.59 16.56 33.04
N ALA L 123 -29.50 16.78 33.99
CA ALA L 123 -30.37 15.73 34.49
C ALA L 123 -31.04 14.92 33.38
N LEU L 124 -31.02 13.60 33.55
CA LEU L 124 -31.63 12.65 32.63
C LEU L 124 -30.90 12.35 31.34
N ILE L 125 -29.67 12.84 31.20
CA ILE L 125 -28.89 12.54 30.01
C ILE L 125 -27.98 11.39 30.42
N LYS L 126 -28.27 10.19 29.94
CA LYS L 126 -27.50 8.99 30.29
C LYS L 126 -26.12 8.91 29.67
N SER L 127 -25.88 9.71 28.65
CA SER L 127 -24.59 9.69 27.96
C SER L 127 -23.65 10.81 28.39
N THR L 128 -22.37 10.59 28.12
CA THR L 128 -21.34 11.54 28.47
C THR L 128 -21.33 12.74 27.54
N ILE L 129 -21.10 13.92 28.11
CA ILE L 129 -21.00 15.16 27.35
C ILE L 129 -20.02 16.06 28.10
N ASP L 130 -19.74 17.22 27.52
CA ASP L 130 -18.88 18.19 28.18
C ASP L 130 -19.85 19.05 28.97
N TYR L 131 -20.77 19.67 28.25
CA TYR L 131 -21.78 20.53 28.86
C TYR L 131 -22.71 21.01 27.79
N LEU L 132 -23.89 21.48 28.22
CA LEU L 132 -24.83 22.05 27.29
C LEU L 132 -24.98 23.47 27.82
N GLY L 133 -25.11 24.46 26.94
CA GLY L 133 -25.24 25.82 27.45
C GLY L 133 -25.63 26.93 26.48
N VAL L 134 -25.58 28.16 26.97
CA VAL L 134 -25.92 29.30 26.14
C VAL L 134 -24.69 30.17 26.00
N ASP L 135 -24.68 31.01 24.97
CA ASP L 135 -23.55 31.90 24.71
C ASP L 135 -24.13 33.20 24.16
N ILE L 136 -24.14 34.26 24.97
CA ILE L 136 -24.66 35.54 24.51
C ILE L 136 -23.62 36.65 24.49
N PHE L 137 -23.87 37.65 23.65
CA PHE L 137 -22.98 38.78 23.51
C PHE L 137 -23.85 40.04 23.57
N ARG L 138 -23.52 40.96 24.47
CA ARG L 138 -24.30 42.17 24.64
C ARG L 138 -23.42 43.40 24.62
N GLN L 139 -23.79 44.39 23.81
CA GLN L 139 -23.03 45.63 23.72
C GLN L 139 -23.81 46.78 24.34
N ARG L 140 -23.09 47.82 24.73
CA ARG L 140 -23.65 49.01 25.36
C ARG L 140 -24.92 49.53 24.70
N ASN L 141 -25.87 50.00 25.52
CA ASN L 141 -27.13 50.50 25.00
C ASN L 141 -27.10 52.02 24.78
N THR L 142 -26.76 52.78 25.81
CA THR L 142 -26.70 54.24 25.70
C THR L 142 -25.52 54.85 26.46
N GLY M 21 -3.49 -13.21 44.09
CA GLY M 21 -3.81 -13.87 42.80
C GLY M 21 -4.10 -12.89 41.68
N ASP M 22 -4.33 -13.40 40.48
CA ASP M 22 -4.63 -12.56 39.33
C ASP M 22 -6.04 -11.98 39.47
N LYS M 23 -6.37 -11.01 38.61
CA LYS M 23 -7.69 -10.42 38.65
C LYS M 23 -8.10 -9.68 37.39
N LEU M 24 -9.41 -9.52 37.25
CA LEU M 24 -9.97 -8.81 36.11
C LEU M 24 -10.27 -7.42 36.64
N ILE M 25 -9.92 -6.41 35.85
CA ILE M 25 -10.11 -5.04 36.26
C ILE M 25 -11.12 -4.28 35.40
N LEU M 26 -12.13 -3.70 36.03
CA LEU M 26 -13.11 -2.89 35.33
C LEU M 26 -12.92 -1.53 36.02
N LYS M 27 -12.33 -0.59 35.30
CA LYS M 27 -12.01 0.73 35.86
C LYS M 27 -12.85 1.91 35.36
N GLY M 28 -13.35 2.70 36.32
CA GLY M 28 -14.13 3.89 36.01
C GLY M 28 -15.39 3.79 35.17
N LEU M 29 -16.20 2.77 35.40
CA LEU M 29 -17.45 2.59 34.66
C LEU M 29 -18.45 3.68 35.05
N LYS M 30 -18.96 4.40 34.06
CA LYS M 30 -19.94 5.45 34.33
C LYS M 30 -21.32 5.00 33.89
N PHE M 31 -22.24 4.99 34.85
CA PHE M 31 -23.61 4.58 34.57
C PHE M 31 -24.55 5.62 35.15
N TYR M 32 -25.66 5.86 34.45
CA TYR M 32 -26.63 6.80 34.96
C TYR M 32 -27.69 5.97 35.69
N GLY M 33 -28.01 6.37 36.91
CA GLY M 33 -29.00 5.66 37.70
C GLY M 33 -29.78 6.60 38.59
N PHE M 34 -30.72 6.06 39.36
CA PHE M 34 -31.54 6.91 40.21
C PHE M 34 -31.45 6.58 41.71
N HIS M 35 -30.32 6.03 42.12
CA HIS M 35 -30.11 5.68 43.53
C HIS M 35 -30.02 6.92 44.40
N GLY M 36 -30.31 6.77 45.69
CA GLY M 36 -30.25 7.92 46.59
C GLY M 36 -31.35 7.95 47.66
N ALA M 37 -31.06 8.64 48.76
CA ALA M 37 -32.02 8.75 49.86
C ALA M 37 -33.00 9.90 49.62
N ILE M 38 -32.52 10.98 49.01
CA ILE M 38 -33.34 12.14 48.70
C ILE M 38 -34.34 11.75 47.60
N ALA M 39 -35.59 12.16 47.76
CA ALA M 39 -36.63 11.85 46.77
C ALA M 39 -36.36 12.51 45.40
N GLU M 40 -35.83 13.72 45.40
CA GLU M 40 -35.53 14.40 44.15
C GLU M 40 -34.45 13.67 43.36
N GLU M 41 -33.64 12.87 44.05
CA GLU M 41 -32.59 12.10 43.37
C GLU M 41 -33.16 10.88 42.66
N ARG M 42 -34.20 10.29 43.26
CA ARG M 42 -34.81 9.10 42.67
C ARG M 42 -35.51 9.47 41.37
N THR M 43 -35.99 10.70 41.26
CA THR M 43 -36.66 11.12 40.04
C THR M 43 -35.68 11.69 39.00
N LEU M 44 -34.74 12.52 39.45
CA LEU M 44 -33.77 13.14 38.53
C LEU M 44 -32.67 12.21 38.04
N GLY M 45 -32.12 11.39 38.95
CA GLY M 45 -31.04 10.50 38.59
C GLY M 45 -29.71 11.24 38.60
N GLN M 46 -28.62 10.53 38.28
CA GLN M 46 -27.28 11.10 38.25
C GLN M 46 -26.27 10.02 37.84
N MET M 47 -25.04 10.44 37.58
CA MET M 47 -24.00 9.50 37.19
C MET M 47 -23.37 8.83 38.40
N PHE M 48 -22.91 7.59 38.20
CA PHE M 48 -22.25 6.85 39.25
C PHE M 48 -20.93 6.31 38.68
N LEU M 49 -19.90 6.25 39.53
CA LEU M 49 -18.59 5.74 39.13
C LEU M 49 -18.38 4.40 39.79
N VAL M 50 -17.98 3.42 39.00
CA VAL M 50 -17.74 2.08 39.52
C VAL M 50 -16.39 1.51 39.12
N ASP M 51 -15.71 0.93 40.10
CA ASP M 51 -14.44 0.25 39.89
C ASP M 51 -14.71 -1.17 40.36
N ILE M 52 -14.33 -2.17 39.57
CA ILE M 52 -14.55 -3.55 39.98
C ILE M 52 -13.28 -4.38 39.84
N ASP M 53 -12.88 -5.04 40.91
CA ASP M 53 -11.72 -5.92 40.87
C ASP M 53 -12.28 -7.32 41.13
N ALA M 54 -11.97 -8.26 40.23
CA ALA M 54 -12.46 -9.62 40.40
C ALA M 54 -11.29 -10.57 40.48
N TRP M 55 -11.07 -11.13 41.67
CA TRP M 55 -9.98 -12.06 41.89
C TRP M 55 -10.33 -13.43 41.29
N VAL M 56 -9.53 -13.86 40.33
CA VAL M 56 -9.75 -15.14 39.67
C VAL M 56 -8.46 -15.53 38.95
N SER M 57 -8.07 -16.79 39.08
CA SER M 57 -6.86 -17.27 38.44
C SER M 57 -6.99 -17.17 36.94
N LEU M 58 -6.01 -16.52 36.31
CA LEU M 58 -6.03 -16.32 34.88
C LEU M 58 -4.96 -17.14 34.17
N LYS M 59 -4.25 -17.95 34.95
CA LYS M 59 -3.18 -18.79 34.42
C LYS M 59 -3.69 -19.71 33.30
N LYS M 60 -4.79 -20.40 33.58
CA LYS M 60 -5.38 -21.32 32.64
C LYS M 60 -5.69 -20.66 31.30
N ALA M 61 -6.60 -19.70 31.33
CA ALA M 61 -7.00 -18.98 30.12
C ALA M 61 -5.81 -18.39 29.40
N GLY M 62 -4.79 -17.99 30.18
CA GLY M 62 -3.61 -17.39 29.59
C GLY M 62 -2.75 -18.36 28.80
N GLU M 63 -2.95 -19.65 29.03
CA GLU M 63 -2.16 -20.65 28.33
C GLU M 63 -2.95 -21.28 27.18
N SER M 64 -4.27 -21.25 27.30
CA SER M 64 -5.15 -21.81 26.28
C SER M 64 -5.64 -20.78 25.27
N ASP M 65 -5.69 -19.51 25.69
CA ASP M 65 -6.16 -18.41 24.84
C ASP M 65 -7.60 -18.66 24.41
N ASN M 66 -8.38 -19.23 25.32
CA ASN M 66 -9.78 -19.54 25.06
C ASN M 66 -10.66 -18.83 26.08
N LEU M 67 -11.48 -17.91 25.57
CA LEU M 67 -12.38 -17.11 26.39
C LEU M 67 -13.14 -17.89 27.47
N GLU M 68 -13.45 -19.15 27.18
CA GLU M 68 -14.19 -20.01 28.12
C GLU M 68 -13.44 -20.34 29.40
N ASP M 69 -12.10 -20.28 29.35
CA ASP M 69 -11.28 -20.59 30.52
C ASP M 69 -11.15 -19.43 31.50
N THR M 70 -11.73 -18.29 31.16
CA THR M 70 -11.70 -17.11 32.00
C THR M 70 -13.10 -16.55 32.06
N ILE M 71 -13.27 -15.38 32.68
CA ILE M 71 -14.58 -14.76 32.76
C ILE M 71 -14.57 -13.48 31.94
N SER M 72 -15.42 -13.41 30.93
CA SER M 72 -15.44 -12.22 30.09
C SER M 72 -15.72 -10.99 30.90
N TYR M 73 -14.84 -10.00 30.81
CA TYR M 73 -15.06 -8.78 31.56
C TYR M 73 -16.34 -8.10 31.06
N VAL M 74 -16.85 -8.57 29.93
CA VAL M 74 -18.06 -8.00 29.39
C VAL M 74 -19.27 -8.51 30.18
N ASP M 75 -19.20 -9.74 30.66
CA ASP M 75 -20.30 -10.29 31.44
C ASP M 75 -20.31 -9.61 32.79
N ILE M 76 -19.12 -9.30 33.31
CA ILE M 76 -19.03 -8.61 34.59
C ILE M 76 -19.58 -7.20 34.37
N PHE M 77 -19.19 -6.57 33.27
CA PHE M 77 -19.66 -5.23 32.94
C PHE M 77 -21.19 -5.13 32.88
N SER M 78 -21.80 -6.01 32.08
CA SER M 78 -23.27 -6.03 31.93
C SER M 78 -23.94 -6.21 33.26
N LEU M 79 -23.41 -7.13 34.06
CA LEU M 79 -23.97 -7.37 35.37
C LEU M 79 -23.99 -6.04 36.14
N ALA M 80 -22.87 -5.34 36.17
CA ALA M 80 -22.77 -4.08 36.90
C ALA M 80 -23.72 -3.05 36.33
N LYS M 81 -23.70 -2.89 35.01
CA LYS M 81 -24.56 -1.93 34.33
C LYS M 81 -26.04 -2.16 34.65
N GLU M 82 -26.41 -3.43 34.71
CA GLU M 82 -27.78 -3.82 35.00
C GLU M 82 -28.20 -3.38 36.39
N ILE M 83 -27.35 -3.61 37.38
CA ILE M 83 -27.64 -3.22 38.76
C ILE M 83 -27.62 -1.69 38.95
N VAL M 84 -26.56 -1.04 38.52
CA VAL M 84 -26.43 0.40 38.69
C VAL M 84 -27.53 1.22 38.00
N GLU M 85 -27.97 0.76 36.84
CA GLU M 85 -29.02 1.47 36.12
C GLU M 85 -30.39 0.86 36.44
N GLY M 86 -30.40 -0.19 37.26
CA GLY M 86 -31.63 -0.86 37.60
C GLY M 86 -32.48 -0.28 38.73
N SER M 87 -33.24 -1.15 39.40
CA SER M 87 -34.11 -0.71 40.49
C SER M 87 -33.36 0.12 41.50
N PRO M 88 -33.87 1.33 41.77
CA PRO M 88 -33.29 2.29 42.70
C PRO M 88 -33.18 1.83 44.14
N ARG M 89 -32.08 2.22 44.79
CA ARG M 89 -31.84 1.92 46.19
C ARG M 89 -31.45 3.20 46.87
N ASN M 90 -31.61 3.25 48.19
CA ASN M 90 -31.28 4.45 48.93
C ASN M 90 -29.78 4.70 49.07
N LEU M 91 -29.00 3.63 49.23
CA LEU M 91 -27.56 3.76 49.46
C LEU M 91 -26.61 3.17 48.45
N LEU M 92 -25.43 3.77 48.36
CA LEU M 92 -24.40 3.28 47.48
C LEU M 92 -23.97 1.94 48.05
N GLU M 93 -23.97 1.86 49.38
CA GLU M 93 -23.58 0.62 50.07
C GLU M 93 -24.39 -0.55 49.56
N THR M 94 -25.69 -0.33 49.41
CA THR M 94 -26.58 -1.38 48.96
C THR M 94 -26.32 -1.78 47.52
N VAL M 95 -26.03 -0.80 46.66
CA VAL M 95 -25.76 -1.13 45.27
C VAL M 95 -24.43 -1.87 45.17
N ALA M 96 -23.45 -1.42 45.96
CA ALA M 96 -22.13 -2.05 45.95
C ALA M 96 -22.24 -3.48 46.47
N GLU M 97 -23.14 -3.68 47.42
CA GLU M 97 -23.35 -5.00 48.01
C GLU M 97 -23.96 -5.88 46.92
N LEU M 98 -24.96 -5.34 46.24
CA LEU M 98 -25.66 -6.02 45.17
C LEU M 98 -24.68 -6.49 44.09
N ILE M 99 -23.77 -5.60 43.69
CA ILE M 99 -22.77 -5.91 42.66
C ILE M 99 -21.87 -7.07 43.05
N ALA M 100 -21.30 -6.97 44.25
CA ALA M 100 -20.41 -8.00 44.78
C ALA M 100 -21.10 -9.35 44.91
N SER M 101 -22.27 -9.39 45.55
CA SER M 101 -22.95 -10.66 45.74
C SER M 101 -23.43 -11.28 44.44
N LYS M 102 -23.91 -10.44 43.51
CA LYS M 102 -24.38 -10.93 42.23
C LYS M 102 -23.21 -11.48 41.41
N THR M 103 -22.09 -10.77 41.45
CA THR M 103 -20.89 -11.18 40.71
C THR M 103 -20.37 -12.51 41.28
N LEU M 104 -20.45 -12.64 42.60
CA LEU M 104 -19.99 -13.85 43.26
C LEU M 104 -20.94 -15.03 42.97
N GLU M 105 -22.23 -14.74 42.95
CA GLU M 105 -23.25 -15.74 42.68
C GLU M 105 -23.23 -16.23 41.22
N LYS M 106 -23.04 -15.31 40.28
CA LYS M 106 -23.04 -15.66 38.85
C LYS M 106 -21.78 -16.36 38.34
N PHE M 107 -20.64 -16.11 38.96
CA PHE M 107 -19.37 -16.71 38.53
C PHE M 107 -18.68 -17.47 39.65
N HIS M 108 -18.77 -18.79 39.61
CA HIS M 108 -18.18 -19.64 40.63
C HIS M 108 -16.68 -19.48 40.75
N GLN M 109 -15.99 -19.27 39.64
CA GLN M 109 -14.53 -19.12 39.63
C GLN M 109 -13.99 -17.89 40.39
N ILE M 110 -14.76 -16.81 40.50
CA ILE M 110 -14.28 -15.60 41.19
C ILE M 110 -14.15 -15.90 42.68
N ASN M 111 -12.97 -15.67 43.25
CA ASN M 111 -12.77 -15.95 44.66
C ASN M 111 -13.16 -14.77 45.55
N ALA M 112 -12.95 -13.56 45.03
CA ALA M 112 -13.28 -12.37 45.79
C ALA M 112 -13.54 -11.24 44.82
N VAL M 113 -14.23 -10.21 45.30
CA VAL M 113 -14.52 -9.04 44.49
C VAL M 113 -14.47 -7.79 45.33
N ARG M 114 -13.87 -6.74 44.78
CA ARG M 114 -13.80 -5.46 45.46
C ARG M 114 -14.60 -4.46 44.61
N VAL M 115 -15.54 -3.77 45.23
CA VAL M 115 -16.35 -2.82 44.51
C VAL M 115 -16.20 -1.42 45.06
N LYS M 116 -15.91 -0.47 44.17
CA LYS M 116 -15.82 0.93 44.56
C LYS M 116 -16.93 1.65 43.80
N LEU M 117 -17.96 2.09 44.50
CA LEU M 117 -19.07 2.79 43.86
C LEU M 117 -19.11 4.20 44.40
N SER M 118 -18.96 5.18 43.50
CA SER M 118 -18.93 6.59 43.88
C SER M 118 -19.90 7.52 43.15
N LYS M 119 -20.22 8.64 43.79
CA LYS M 119 -21.07 9.68 43.22
C LYS M 119 -20.18 10.88 42.90
N PRO M 120 -19.95 11.17 41.61
CA PRO M 120 -19.10 12.32 41.28
C PRO M 120 -19.77 13.66 41.54
N ASN M 121 -21.11 13.65 41.55
CA ASN M 121 -21.89 14.87 41.75
C ASN M 121 -22.88 14.71 42.90
N VAL M 122 -22.47 15.17 44.08
CA VAL M 122 -23.30 15.04 45.26
C VAL M 122 -24.21 16.25 45.41
N ALA M 123 -25.51 16.02 45.41
CA ALA M 123 -26.47 17.11 45.56
C ALA M 123 -26.22 17.89 46.83
N LEU M 124 -26.37 19.22 46.70
CA LEU M 124 -26.20 20.17 47.78
C LEU M 124 -24.78 20.45 48.29
N ILE M 125 -23.77 19.73 47.80
CA ILE M 125 -22.41 20.05 48.21
C ILE M 125 -22.04 21.22 47.29
N LYS M 126 -21.83 22.39 47.89
CA LYS M 126 -21.54 23.60 47.13
C LYS M 126 -20.11 23.83 46.64
N SER M 127 -19.17 23.01 47.09
CA SER M 127 -17.78 23.17 46.67
C SER M 127 -17.36 21.96 45.82
N THR M 128 -16.25 22.10 45.10
CA THR M 128 -15.81 21.01 44.23
C THR M 128 -15.09 19.86 44.95
N ILE M 129 -15.29 18.64 44.43
CA ILE M 129 -14.66 17.43 44.96
C ILE M 129 -14.45 16.50 43.75
N ASP M 130 -13.80 15.37 43.98
CA ASP M 130 -13.63 14.38 42.91
C ASP M 130 -14.86 13.47 43.03
N TYR M 131 -15.05 12.92 44.23
CA TYR M 131 -16.19 12.05 44.48
C TYR M 131 -16.30 11.58 45.92
N LEU M 132 -17.47 11.05 46.27
CA LEU M 132 -17.73 10.49 47.59
C LEU M 132 -18.31 9.13 47.27
N GLY M 133 -17.82 8.09 47.93
CA GLY M 133 -18.32 6.76 47.66
C GLY M 133 -17.94 5.71 48.68
N VAL M 134 -18.15 4.46 48.33
CA VAL M 134 -17.85 3.35 49.21
C VAL M 134 -16.86 2.42 48.52
N ASP M 135 -16.21 1.60 49.33
CA ASP M 135 -15.21 0.67 48.88
C ASP M 135 -15.30 -0.57 49.77
N ILE M 136 -15.89 -1.65 49.27
CA ILE M 136 -16.03 -2.87 50.03
C ILE M 136 -15.31 -4.05 49.38
N PHE M 137 -14.79 -4.94 50.21
CA PHE M 137 -14.14 -6.15 49.71
C PHE M 137 -14.99 -7.31 50.19
N ARG M 138 -15.34 -8.20 49.27
CA ARG M 138 -16.17 -9.34 49.62
C ARG M 138 -15.67 -10.59 48.94
N GLN M 139 -15.40 -11.63 49.72
CA GLN M 139 -14.98 -12.86 49.06
C GLN M 139 -15.90 -14.02 49.38
N ARG M 140 -15.82 -15.04 48.54
CA ARG M 140 -16.64 -16.22 48.65
C ARG M 140 -16.81 -16.78 50.06
N ASN M 141 -18.06 -17.08 50.40
CA ASN M 141 -18.42 -17.65 51.70
C ASN M 141 -19.44 -18.76 51.50
N THR M 142 -19.82 -19.01 50.25
CA THR M 142 -20.81 -20.04 49.94
C THR M 142 -21.06 -20.26 48.45
N SER M 143 -21.64 -21.41 48.14
CA SER M 143 -21.97 -21.81 46.78
C SER M 143 -20.77 -22.14 45.92
N GLY N 21 -11.30 -3.84 56.32
CA GLY N 21 -12.58 -4.13 55.63
C GLY N 21 -13.07 -3.01 54.74
N ASP N 22 -14.37 -2.76 54.77
CA ASP N 22 -14.97 -1.72 53.95
C ASP N 22 -14.50 -0.34 54.42
N LYS N 23 -14.89 0.69 53.68
CA LYS N 23 -14.52 2.04 54.05
C LYS N 23 -15.27 3.10 53.26
N LEU N 24 -15.45 4.26 53.89
CA LEU N 24 -16.10 5.38 53.23
C LEU N 24 -15.00 6.22 52.64
N ILE N 25 -15.20 6.63 51.38
CA ILE N 25 -14.22 7.42 50.65
C ILE N 25 -14.69 8.84 50.32
N LEU N 26 -13.83 9.81 50.62
CA LEU N 26 -14.09 11.20 50.31
C LEU N 26 -12.81 11.60 49.60
N LYS N 27 -12.90 11.79 48.30
CA LYS N 27 -11.75 12.08 47.46
C LYS N 27 -11.67 13.49 46.84
N GLY N 28 -10.50 14.10 46.90
CA GLY N 28 -10.29 15.43 46.32
C GLY N 28 -11.19 16.54 46.82
N LEU N 29 -11.35 16.65 48.13
CA LEU N 29 -12.17 17.70 48.69
C LEU N 29 -11.39 19.02 48.63
N LYS N 30 -11.94 20.00 47.92
CA LYS N 30 -11.25 21.26 47.83
C LYS N 30 -11.88 22.29 48.75
N PHE N 31 -11.05 22.87 49.62
CA PHE N 31 -11.51 23.88 50.53
C PHE N 31 -10.53 25.05 50.55
N TYR N 32 -11.06 26.26 50.60
CA TYR N 32 -10.20 27.44 50.68
C TYR N 32 -10.01 27.70 52.19
N GLY N 33 -8.77 27.96 52.59
CA GLY N 33 -8.49 28.19 53.99
C GLY N 33 -7.34 29.17 54.18
N PHE N 34 -6.89 29.34 55.42
CA PHE N 34 -5.82 30.29 55.70
C PHE N 34 -4.65 29.72 56.51
N HIS N 35 -4.47 28.41 56.48
CA HIS N 35 -3.38 27.77 57.22
C HIS N 35 -2.01 28.06 56.59
N GLY N 36 -0.97 27.91 57.40
CA GLY N 36 0.39 28.16 56.93
C GLY N 36 1.27 28.79 58.00
N ALA N 37 2.59 28.66 57.81
CA ALA N 37 3.54 29.21 58.76
C ALA N 37 4.01 30.59 58.33
N ILE N 38 3.68 30.97 57.11
CA ILE N 38 4.06 32.26 56.56
C ILE N 38 2.98 33.29 56.85
N ALA N 39 3.38 34.41 57.44
CA ALA N 39 2.46 35.48 57.79
C ALA N 39 1.49 35.87 56.68
N GLU N 40 2.00 36.03 55.46
CA GLU N 40 1.15 36.40 54.33
C GLU N 40 0.18 35.31 53.92
N GLU N 41 0.51 34.06 54.24
CA GLU N 41 -0.38 32.95 53.89
C GLU N 41 -1.66 33.01 54.69
N ARG N 42 -1.56 33.36 55.97
CA ARG N 42 -2.75 33.45 56.81
C ARG N 42 -3.66 34.60 56.37
N THR N 43 -3.07 35.65 55.83
CA THR N 43 -3.82 36.81 55.36
C THR N 43 -4.55 36.53 54.04
N LEU N 44 -3.81 36.03 53.06
CA LEU N 44 -4.37 35.75 51.73
C LEU N 44 -5.13 34.45 51.61
N GLY N 45 -4.60 33.40 52.22
CA GLY N 45 -5.25 32.10 52.17
C GLY N 45 -4.93 31.40 50.87
N GLN N 46 -5.46 30.18 50.70
CA GLN N 46 -5.25 29.39 49.49
C GLN N 46 -6.16 28.18 49.48
N MET N 47 -6.05 27.37 48.43
CA MET N 47 -6.86 26.16 48.31
C MET N 47 -6.11 25.00 48.92
N PHE N 48 -6.86 24.07 49.52
CA PHE N 48 -6.32 22.86 50.13
C PHE N 48 -7.08 21.67 49.56
N LEU N 49 -6.41 20.53 49.47
CA LEU N 49 -7.03 19.33 48.93
C LEU N 49 -7.08 18.29 50.03
N VAL N 50 -8.25 17.68 50.22
CA VAL N 50 -8.39 16.70 51.28
C VAL N 50 -8.99 15.36 50.83
N ASP N 51 -8.33 14.27 51.25
CA ASP N 51 -8.79 12.92 50.98
C ASP N 51 -9.07 12.30 52.36
N ILE N 52 -10.22 11.64 52.53
CA ILE N 52 -10.54 11.02 53.81
C ILE N 52 -10.95 9.56 53.59
N ASP N 53 -10.26 8.64 54.26
CA ASP N 53 -10.61 7.22 54.17
C ASP N 53 -11.04 6.77 55.56
N ALA N 54 -12.29 6.36 55.70
CA ALA N 54 -12.77 5.92 57.01
C ALA N 54 -13.16 4.46 56.95
N TRP N 55 -12.47 3.65 57.75
CA TRP N 55 -12.72 2.21 57.80
C TRP N 55 -13.87 1.93 58.75
N VAL N 56 -14.94 1.38 58.21
CA VAL N 56 -16.12 1.06 59.00
C VAL N 56 -16.86 -0.02 58.25
N SER N 57 -17.45 -0.96 58.96
CA SER N 57 -18.18 -2.04 58.31
C SER N 57 -19.41 -1.50 57.59
N LEU N 58 -19.54 -1.85 56.32
CA LEU N 58 -20.65 -1.39 55.50
C LEU N 58 -21.60 -2.51 55.09
N LYS N 59 -21.30 -3.72 55.54
CA LYS N 59 -22.13 -4.86 55.18
C LYS N 59 -23.58 -4.71 55.64
N LYS N 60 -23.76 -4.36 56.92
CA LYS N 60 -25.10 -4.20 57.47
C LYS N 60 -25.93 -3.22 56.65
N ALA N 61 -25.39 -2.01 56.44
CA ALA N 61 -26.14 -1.01 55.67
C ALA N 61 -26.33 -1.51 54.24
N GLY N 62 -25.33 -2.21 53.70
CA GLY N 62 -25.43 -2.72 52.34
C GLY N 62 -26.55 -3.73 52.18
N GLU N 63 -27.01 -4.30 53.28
CA GLU N 63 -28.07 -5.28 53.20
C GLU N 63 -29.42 -4.73 53.66
N SER N 64 -29.40 -3.73 54.53
CA SER N 64 -30.65 -3.16 55.03
C SER N 64 -31.11 -1.98 54.18
N ASP N 65 -30.13 -1.27 53.62
CA ASP N 65 -30.37 -0.10 52.77
C ASP N 65 -30.94 1.07 53.58
N ASN N 66 -30.56 1.11 54.86
CA ASN N 66 -30.98 2.15 55.79
C ASN N 66 -29.78 3.04 56.11
N LEU N 67 -29.90 4.32 55.81
CA LEU N 67 -28.84 5.29 56.07
C LEU N 67 -28.45 5.24 57.55
N GLU N 68 -29.37 4.76 58.39
CA GLU N 68 -29.10 4.66 59.83
C GLU N 68 -28.03 3.61 60.13
N ASP N 69 -27.90 2.62 59.26
CA ASP N 69 -26.91 1.58 59.50
C ASP N 69 -25.49 1.92 59.04
N THR N 70 -25.29 3.14 58.54
CA THR N 70 -23.96 3.53 58.09
C THR N 70 -23.69 4.96 58.56
N ILE N 71 -22.66 5.58 58.01
CA ILE N 71 -22.34 6.96 58.35
C ILE N 71 -22.47 7.76 57.07
N SER N 72 -23.28 8.82 57.10
CA SER N 72 -23.42 9.64 55.91
C SER N 72 -22.09 10.29 55.54
N TYR N 73 -21.67 10.13 54.29
CA TYR N 73 -20.42 10.75 53.89
C TYR N 73 -20.54 12.27 53.89
N VAL N 74 -21.77 12.76 54.01
CA VAL N 74 -22.02 14.21 54.04
C VAL N 74 -21.64 14.77 55.42
N ASP N 75 -21.83 13.97 56.46
CA ASP N 75 -21.47 14.41 57.82
C ASP N 75 -19.94 14.51 57.90
N ILE N 76 -19.25 13.53 57.33
CA ILE N 76 -17.79 13.56 57.34
C ILE N 76 -17.32 14.74 56.49
N PHE N 77 -17.93 14.94 55.33
CA PHE N 77 -17.55 16.06 54.48
C PHE N 77 -17.68 17.36 55.27
N SER N 78 -18.84 17.54 55.91
CA SER N 78 -19.11 18.75 56.67
C SER N 78 -18.12 18.98 57.79
N LEU N 79 -17.71 17.91 58.47
CA LEU N 79 -16.73 18.02 59.56
C LEU N 79 -15.44 18.63 59.05
N ALA N 80 -14.91 18.06 57.97
CA ALA N 80 -13.68 18.51 57.36
C ALA N 80 -13.82 19.94 56.82
N LYS N 81 -14.92 20.20 56.12
CA LYS N 81 -15.17 21.53 55.58
C LYS N 81 -15.05 22.56 56.71
N GLU N 82 -15.72 22.30 57.82
CA GLU N 82 -15.67 23.19 58.97
C GLU N 82 -14.26 23.44 59.49
N ILE N 83 -13.44 22.40 59.49
CA ILE N 83 -12.07 22.51 59.98
C ILE N 83 -11.16 23.31 59.05
N VAL N 84 -11.00 22.85 57.82
CA VAL N 84 -10.10 23.52 56.89
C VAL N 84 -10.44 24.97 56.60
N GLU N 85 -11.74 25.30 56.61
CA GLU N 85 -12.15 26.69 56.35
C GLU N 85 -12.18 27.54 57.61
N GLY N 86 -11.92 26.91 58.77
CA GLY N 86 -11.95 27.64 60.02
C GLY N 86 -10.69 28.36 60.46
N SER N 87 -10.49 28.39 61.78
CA SER N 87 -9.34 29.07 62.37
C SER N 87 -8.03 28.70 61.69
N PRO N 88 -7.25 29.70 61.30
CA PRO N 88 -5.96 29.48 60.64
C PRO N 88 -5.00 28.73 61.54
N ARG N 89 -4.46 27.62 61.02
CA ARG N 89 -3.49 26.81 61.74
C ARG N 89 -2.14 26.99 61.05
N ASN N 90 -1.07 26.70 61.77
CA ASN N 90 0.26 26.86 61.19
C ASN N 90 0.62 25.74 60.22
N LEU N 91 0.39 24.51 60.68
CA LEU N 91 0.75 23.31 59.94
C LEU N 91 -0.41 22.50 59.37
N LEU N 92 -0.12 21.77 58.31
CA LEU N 92 -1.12 20.93 57.70
C LEU N 92 -1.32 19.78 58.67
N GLU N 93 -0.26 19.43 59.40
CA GLU N 93 -0.31 18.35 60.38
C GLU N 93 -1.44 18.54 61.37
N THR N 94 -1.54 19.76 61.89
CA THR N 94 -2.56 20.13 62.86
C THR N 94 -3.95 20.00 62.28
N VAL N 95 -4.15 20.63 61.13
CA VAL N 95 -5.45 20.57 60.46
C VAL N 95 -5.89 19.13 60.23
N ALA N 96 -4.98 18.32 59.71
CA ALA N 96 -5.28 16.92 59.43
C ALA N 96 -5.56 16.15 60.72
N GLU N 97 -4.85 16.51 61.77
CA GLU N 97 -5.02 15.84 63.06
C GLU N 97 -6.43 16.14 63.60
N LEU N 98 -6.87 17.39 63.48
CA LEU N 98 -8.19 17.79 63.96
C LEU N 98 -9.29 17.01 63.23
N ILE N 99 -9.16 16.93 61.91
CA ILE N 99 -10.13 16.21 61.09
C ILE N 99 -10.23 14.75 61.55
N ALA N 100 -9.07 14.12 61.74
CA ALA N 100 -9.05 12.71 62.16
C ALA N 100 -9.67 12.54 63.54
N SER N 101 -9.19 13.26 64.53
CA SER N 101 -9.74 13.14 65.88
C SER N 101 -11.22 13.54 65.92
N LYS N 102 -11.59 14.57 65.16
CA LYS N 102 -12.97 15.00 65.12
C LYS N 102 -13.82 13.86 64.52
N THR N 103 -13.33 13.28 63.44
CA THR N 103 -14.07 12.20 62.79
C THR N 103 -14.28 11.01 63.73
N LEU N 104 -13.18 10.54 64.33
CA LEU N 104 -13.20 9.43 65.28
C LEU N 104 -14.08 9.72 66.50
N GLU N 105 -14.02 10.95 67.00
CA GLU N 105 -14.81 11.32 68.16
C GLU N 105 -16.30 11.30 67.89
N LYS N 106 -16.69 11.66 66.69
CA LYS N 106 -18.10 11.71 66.33
C LYS N 106 -18.75 10.37 65.97
N PHE N 107 -17.95 9.43 65.47
CA PHE N 107 -18.49 8.12 65.05
C PHE N 107 -17.64 6.97 65.58
N HIS N 108 -17.95 6.51 66.79
CA HIS N 108 -17.19 5.43 67.42
C HIS N 108 -17.12 4.16 66.58
N GLN N 109 -18.08 3.95 65.68
CA GLN N 109 -18.07 2.76 64.84
C GLN N 109 -16.92 2.79 63.82
N ILE N 110 -16.33 3.96 63.59
CA ILE N 110 -15.22 4.05 62.65
C ILE N 110 -14.00 3.49 63.36
N ASN N 111 -13.39 2.46 62.77
CA ASN N 111 -12.22 1.81 63.35
C ASN N 111 -10.92 2.57 63.08
N ALA N 112 -10.92 3.39 62.05
CA ALA N 112 -9.73 4.15 61.73
C ALA N 112 -9.98 5.10 60.57
N VAL N 113 -9.16 6.14 60.49
CA VAL N 113 -9.28 7.10 59.41
C VAL N 113 -7.92 7.54 58.91
N ARG N 114 -7.83 7.66 57.59
CA ARG N 114 -6.62 8.12 56.96
C ARG N 114 -6.95 9.49 56.39
N VAL N 115 -6.19 10.50 56.79
CA VAL N 115 -6.44 11.85 56.30
C VAL N 115 -5.26 12.39 55.48
N LYS N 116 -5.53 12.76 54.23
CA LYS N 116 -4.49 13.33 53.38
C LYS N 116 -4.88 14.76 53.10
N LEU N 117 -4.05 15.68 53.56
CA LEU N 117 -4.30 17.10 53.40
C LEU N 117 -3.12 17.69 52.66
N SER N 118 -3.37 18.42 51.58
CA SER N 118 -2.25 18.96 50.81
C SER N 118 -2.44 20.37 50.26
N LYS N 119 -1.33 20.93 49.80
CA LYS N 119 -1.30 22.26 49.20
C LYS N 119 -0.84 22.11 47.76
N PRO N 120 -1.72 22.39 46.78
CA PRO N 120 -1.39 22.29 45.36
C PRO N 120 -0.51 23.45 44.91
N ASN N 121 -0.57 24.55 45.66
CA ASN N 121 0.21 25.74 45.35
C ASN N 121 1.01 26.11 46.57
N VAL N 122 2.30 25.81 46.53
CA VAL N 122 3.16 26.09 47.66
C VAL N 122 3.93 27.36 47.40
N ALA N 123 3.74 28.34 48.29
CA ALA N 123 4.38 29.64 48.18
C ALA N 123 5.88 29.52 47.99
N LEU N 124 6.40 30.31 47.05
CA LEU N 124 7.81 30.36 46.73
C LEU N 124 8.32 29.29 45.75
N ILE N 125 7.74 28.10 45.79
CA ILE N 125 8.17 27.05 44.86
C ILE N 125 7.99 27.54 43.41
N LYS N 126 9.08 27.68 42.69
CA LYS N 126 8.99 28.16 41.32
C LYS N 126 8.76 27.09 40.25
N SER N 127 8.90 25.82 40.60
CA SER N 127 8.68 24.75 39.63
C SER N 127 7.30 24.12 39.80
N THR N 128 6.92 23.29 38.82
CA THR N 128 5.62 22.63 38.83
C THR N 128 5.66 21.39 39.73
N ILE N 129 4.55 21.16 40.41
CA ILE N 129 4.40 20.00 41.30
C ILE N 129 2.92 19.72 41.30
N ASP N 130 2.52 18.57 41.84
CA ASP N 130 1.10 18.27 41.95
C ASP N 130 0.74 18.89 43.31
N TYR N 131 1.49 18.52 44.33
CA TYR N 131 1.26 19.06 45.67
C TYR N 131 2.24 18.53 46.72
N LEU N 132 2.27 19.24 47.83
CA LEU N 132 3.08 18.90 49.00
C LEU N 132 2.04 18.79 50.13
N GLY N 133 2.18 17.79 50.99
CA GLY N 133 1.23 17.68 52.07
C GLY N 133 1.56 16.62 53.09
N VAL N 134 0.55 16.25 53.87
CA VAL N 134 0.72 15.24 54.90
C VAL N 134 -0.32 14.13 54.70
N ASP N 135 -0.03 12.98 55.30
CA ASP N 135 -0.88 11.80 55.21
C ASP N 135 -0.74 11.05 56.53
N ILE N 136 -1.74 11.18 57.39
CA ILE N 136 -1.73 10.52 58.69
C ILE N 136 -2.78 9.41 58.80
N PHE N 137 -2.49 8.43 59.64
CA PHE N 137 -3.41 7.31 59.85
C PHE N 137 -3.73 7.31 61.34
N ARG N 138 -5.01 7.33 61.68
CA ARG N 138 -5.39 7.34 63.10
C ARG N 138 -6.41 6.27 63.44
N GLN N 139 -6.23 5.63 64.59
CA GLN N 139 -7.15 4.60 65.08
C GLN N 139 -7.62 5.11 66.43
N ARG N 140 -8.84 4.78 66.83
CA ARG N 140 -9.34 5.25 68.12
C ARG N 140 -8.40 4.86 69.26
N ASN N 141 -8.02 3.59 69.30
CA ASN N 141 -7.14 3.09 70.34
C ASN N 141 -5.80 2.68 69.74
N GLY O 21 3.82 4.97 59.78
CA GLY O 21 2.36 5.24 59.73
C GLY O 21 2.13 6.56 59.01
N ASP O 22 2.40 7.65 59.70
CA ASP O 22 2.24 8.99 59.11
C ASP O 22 3.39 9.25 58.15
N LYS O 23 3.19 10.19 57.24
CA LYS O 23 4.25 10.54 56.33
C LYS O 23 4.07 11.87 55.62
N LEU O 24 5.20 12.44 55.23
CA LEU O 24 5.19 13.69 54.50
C LEU O 24 5.15 13.30 53.02
N ILE O 25 4.33 13.98 52.23
CA ILE O 25 4.21 13.64 50.83
C ILE O 25 4.56 14.77 49.87
N LEU O 26 5.47 14.47 48.95
CA LEU O 26 5.85 15.41 47.90
C LEU O 26 5.48 14.66 46.63
N LYS O 27 4.47 15.17 45.94
CA LYS O 27 3.95 14.51 44.77
C LYS O 27 4.16 15.22 43.43
N GLY O 28 4.57 14.44 42.44
CA GLY O 28 4.80 14.96 41.10
C GLY O 28 5.72 16.16 40.97
N LEU O 29 6.89 16.08 41.60
CA LEU O 29 7.82 17.20 41.48
C LEU O 29 8.50 17.10 40.12
N LYS O 30 8.54 18.22 39.40
CA LYS O 30 9.18 18.30 38.08
C LYS O 30 10.46 19.12 38.19
N PHE O 31 11.59 18.47 37.90
CA PHE O 31 12.88 19.11 37.94
C PHE O 31 13.54 18.84 36.61
N TYR O 32 14.32 19.79 36.13
CA TYR O 32 15.02 19.62 34.87
C TYR O 32 16.44 19.18 35.24
N GLY O 33 16.90 18.08 34.66
CA GLY O 33 18.23 17.58 34.98
C GLY O 33 18.97 17.02 33.79
N PHE O 34 20.15 16.44 34.03
CA PHE O 34 20.95 15.91 32.93
C PHE O 34 21.43 14.47 33.07
N HIS O 35 20.62 13.62 33.70
CA HIS O 35 21.00 12.22 33.88
C HIS O 35 20.71 11.36 32.65
N GLY O 36 21.50 10.31 32.48
CA GLY O 36 21.32 9.43 31.35
C GLY O 36 22.62 8.72 31.02
N ALA O 37 22.53 7.62 30.27
CA ALA O 37 23.71 6.86 29.90
C ALA O 37 24.24 7.37 28.57
N ILE O 38 23.36 7.96 27.78
CA ILE O 38 23.78 8.49 26.49
C ILE O 38 24.44 9.86 26.68
N ALA O 39 25.39 10.19 25.81
CA ALA O 39 26.10 11.47 25.90
C ALA O 39 25.18 12.64 25.57
N GLU O 40 24.41 12.51 24.50
CA GLU O 40 23.51 13.59 24.11
C GLU O 40 22.57 13.95 25.24
N GLU O 41 22.24 12.97 26.07
CA GLU O 41 21.35 13.22 27.20
C GLU O 41 22.01 14.08 28.25
N ARG O 42 23.30 13.88 28.48
CA ARG O 42 24.01 14.68 29.46
C ARG O 42 24.09 16.13 29.01
N THR O 43 24.12 16.32 27.69
CA THR O 43 24.23 17.65 27.10
C THR O 43 22.93 18.45 27.05
N LEU O 44 21.85 17.84 26.56
CA LEU O 44 20.56 18.51 26.46
C LEU O 44 19.76 18.58 27.74
N GLY O 45 19.75 17.48 28.47
CA GLY O 45 18.99 17.43 29.71
C GLY O 45 17.56 17.06 29.36
N GLN O 46 16.72 16.93 30.39
CA GLN O 46 15.33 16.57 30.20
C GLN O 46 14.63 16.77 31.53
N MET O 47 13.31 16.60 31.50
CA MET O 47 12.50 16.78 32.70
C MET O 47 12.44 15.46 33.47
N PHE O 48 12.40 15.57 34.80
CA PHE O 48 12.31 14.41 35.67
C PHE O 48 11.16 14.56 36.64
N LEU O 49 10.46 13.45 36.88
CA LEU O 49 9.30 13.38 37.76
C LEU O 49 9.74 12.68 39.04
N VAL O 50 9.47 13.30 40.19
CA VAL O 50 9.87 12.72 41.46
C VAL O 50 8.76 12.68 42.52
N ASP O 51 8.49 11.50 43.07
CA ASP O 51 7.51 11.37 44.16
C ASP O 51 8.36 10.99 45.37
N ILE O 52 8.01 11.54 46.52
CA ILE O 52 8.71 11.26 47.74
C ILE O 52 7.71 11.13 48.89
N ASP O 53 7.80 10.02 49.61
CA ASP O 53 6.95 9.78 50.78
C ASP O 53 7.96 9.66 51.93
N ALA O 54 7.90 10.56 52.90
CA ALA O 54 8.82 10.49 54.03
C ALA O 54 8.10 10.07 55.31
N TRP O 55 8.40 8.85 55.76
CA TRP O 55 7.83 8.28 56.97
C TRP O 55 8.37 8.95 58.23
N VAL O 56 7.48 9.55 59.01
CA VAL O 56 7.85 10.25 60.24
C VAL O 56 6.60 10.54 61.08
N SER O 57 6.63 10.19 62.36
CA SER O 57 5.46 10.43 63.23
C SER O 57 5.15 11.92 63.28
N LEU O 58 3.95 12.30 62.83
CA LEU O 58 3.53 13.70 62.82
C LEU O 58 2.54 14.01 63.95
N LYS O 59 2.26 13.03 64.79
CA LYS O 59 1.31 13.20 65.89
C LYS O 59 1.68 14.35 66.81
N LYS O 60 2.96 14.42 67.18
CA LYS O 60 3.40 15.48 68.06
C LYS O 60 3.12 16.84 67.41
N ALA O 61 3.70 17.06 66.23
CA ALA O 61 3.50 18.34 65.52
C ALA O 61 2.01 18.63 65.33
N GLY O 62 1.23 17.60 65.11
CA GLY O 62 -0.21 17.77 64.92
C GLY O 62 -0.91 18.35 66.16
N GLU O 63 -0.34 18.08 67.34
CA GLU O 63 -0.92 18.57 68.58
C GLU O 63 -0.31 19.88 69.06
N SER O 64 0.93 20.15 68.67
CA SER O 64 1.61 21.38 69.07
C SER O 64 1.46 22.50 68.04
N ASP O 65 1.27 22.11 66.78
CA ASP O 65 1.14 23.03 65.65
C ASP O 65 2.40 23.89 65.59
N ASN O 66 3.52 23.28 65.96
CA ASN O 66 4.80 23.96 65.93
C ASN O 66 5.73 23.28 64.92
N LEU O 67 6.14 24.06 63.92
CA LEU O 67 7.02 23.58 62.84
C LEU O 67 8.22 22.79 63.35
N GLU O 68 8.76 23.21 64.48
CA GLU O 68 9.92 22.57 65.07
C GLU O 68 9.69 21.07 65.33
N ASP O 69 8.44 20.71 65.66
CA ASP O 69 8.07 19.33 65.92
C ASP O 69 7.96 18.43 64.67
N THR O 70 8.31 18.98 63.51
CA THR O 70 8.23 18.22 62.27
C THR O 70 9.40 18.60 61.36
N ILE O 71 9.37 18.11 60.12
CA ILE O 71 10.37 18.44 59.12
C ILE O 71 9.63 19.22 58.05
N SER O 72 10.16 20.36 57.64
CA SER O 72 9.49 21.14 56.60
C SER O 72 9.58 20.46 55.25
N TYR O 73 8.44 20.27 54.58
CA TYR O 73 8.50 19.62 53.28
C TYR O 73 9.22 20.50 52.25
N VAL O 74 9.32 21.79 52.54
CA VAL O 74 10.01 22.70 51.63
C VAL O 74 11.50 22.35 51.65
N ASP O 75 12.01 21.94 52.80
CA ASP O 75 13.41 21.56 52.92
C ASP O 75 13.64 20.25 52.20
N ILE O 76 12.70 19.32 52.33
CA ILE O 76 12.79 18.03 51.65
C ILE O 76 12.81 18.33 50.14
N PHE O 77 11.93 19.24 49.74
CA PHE O 77 11.82 19.66 48.35
C PHE O 77 13.13 20.23 47.84
N SER O 78 13.72 21.14 48.63
CA SER O 78 14.97 21.79 48.24
C SER O 78 16.11 20.81 48.05
N LEU O 79 16.18 19.81 48.93
CA LEU O 79 17.19 18.76 48.87
C LEU O 79 17.03 18.00 47.56
N ALA O 80 15.84 17.45 47.35
CA ALA O 80 15.55 16.70 46.13
C ALA O 80 15.92 17.52 44.92
N LYS O 81 15.50 18.77 44.90
CA LYS O 81 15.81 19.65 43.78
C LYS O 81 17.32 19.72 43.55
N GLU O 82 18.06 20.01 44.62
CA GLU O 82 19.51 20.08 44.52
C GLU O 82 20.09 18.81 43.91
N ILE O 83 19.62 17.65 44.39
CA ILE O 83 20.10 16.37 43.91
C ILE O 83 19.78 16.09 42.43
N VAL O 84 18.53 16.31 42.02
CA VAL O 84 18.14 16.05 40.62
C VAL O 84 18.75 17.02 39.59
N GLU O 85 19.02 18.25 40.02
CA GLU O 85 19.59 19.26 39.13
C GLU O 85 21.11 19.32 39.26
N GLY O 86 21.68 18.46 40.11
CA GLY O 86 23.13 18.47 40.29
C GLY O 86 23.90 17.62 39.30
N SER O 87 25.13 17.28 39.67
CA SER O 87 25.99 16.48 38.81
C SER O 87 25.26 15.27 38.22
N PRO O 88 25.33 15.11 36.90
CA PRO O 88 24.66 13.98 36.24
C PRO O 88 25.20 12.61 36.59
N ARG O 89 24.30 11.65 36.64
CA ARG O 89 24.63 10.28 36.92
C ARG O 89 24.07 9.50 35.74
N ASN O 90 24.51 8.26 35.59
CA ASN O 90 24.03 7.43 34.51
C ASN O 90 22.62 6.93 34.73
N LEU O 91 22.34 6.51 35.96
CA LEU O 91 21.05 5.91 36.27
C LEU O 91 20.10 6.65 37.20
N LEU O 92 18.81 6.39 37.00
CA LEU O 92 17.77 6.97 37.85
C LEU O 92 17.93 6.34 39.24
N GLU O 93 18.39 5.09 39.27
CA GLU O 93 18.60 4.38 40.54
C GLU O 93 19.54 5.17 41.46
N THR O 94 20.65 5.64 40.89
CA THR O 94 21.66 6.39 41.63
C THR O 94 21.09 7.70 42.17
N VAL O 95 20.35 8.42 41.33
CA VAL O 95 19.76 9.67 41.79
C VAL O 95 18.74 9.43 42.91
N ALA O 96 17.90 8.41 42.75
CA ALA O 96 16.89 8.09 43.75
C ALA O 96 17.55 7.62 45.04
N GLU O 97 18.70 6.96 44.90
CA GLU O 97 19.41 6.44 46.06
C GLU O 97 19.98 7.63 46.83
N LEU O 98 20.54 8.60 46.12
CA LEU O 98 21.09 9.79 46.77
C LEU O 98 20.01 10.57 47.48
N ILE O 99 18.89 10.78 46.81
CA ILE O 99 17.77 11.50 47.40
C ILE O 99 17.41 10.83 48.73
N ALA O 100 17.34 9.51 48.73
CA ALA O 100 16.99 8.77 49.92
C ALA O 100 18.02 8.86 51.03
N SER O 101 19.27 8.50 50.72
CA SER O 101 20.30 8.54 51.74
C SER O 101 20.55 9.96 52.23
N LYS O 102 20.49 10.92 51.31
CA LYS O 102 20.68 12.32 51.69
C LYS O 102 19.55 12.81 52.61
N THR O 103 18.33 12.36 52.35
CA THR O 103 17.20 12.78 53.18
C THR O 103 17.29 12.14 54.56
N LEU O 104 17.65 10.86 54.58
CA LEU O 104 17.78 10.15 55.85
C LEU O 104 18.92 10.73 56.67
N GLU O 105 19.97 11.20 56.00
CA GLU O 105 21.10 11.78 56.69
C GLU O 105 20.85 13.21 57.21
N LYS O 106 20.20 14.05 56.40
CA LYS O 106 19.95 15.42 56.84
C LYS O 106 18.76 15.60 57.79
N PHE O 107 17.81 14.67 57.78
CA PHE O 107 16.64 14.78 58.66
C PHE O 107 16.53 13.53 59.52
N HIS O 108 17.16 13.56 60.69
CA HIS O 108 17.16 12.39 61.58
C HIS O 108 15.75 11.90 61.96
N GLN O 109 14.77 12.81 61.96
CA GLN O 109 13.40 12.46 62.31
C GLN O 109 12.76 11.48 61.33
N ILE O 110 13.12 11.59 60.05
CA ILE O 110 12.56 10.69 59.05
C ILE O 110 13.04 9.27 59.36
N ASN O 111 12.12 8.30 59.35
CA ASN O 111 12.46 6.91 59.61
C ASN O 111 12.61 6.10 58.33
N ALA O 112 11.88 6.50 57.30
CA ALA O 112 11.94 5.79 56.02
C ALA O 112 11.55 6.71 54.89
N VAL O 113 12.03 6.40 53.69
CA VAL O 113 11.70 7.21 52.52
C VAL O 113 11.47 6.30 51.34
N ARG O 114 10.48 6.65 50.54
CA ARG O 114 10.15 5.92 49.34
C ARG O 114 10.32 6.92 48.22
N VAL O 115 11.19 6.60 47.27
CA VAL O 115 11.47 7.52 46.18
C VAL O 115 11.07 6.94 44.83
N LYS O 116 10.30 7.72 44.07
CA LYS O 116 9.89 7.30 42.73
C LYS O 116 10.45 8.38 41.81
N LEU O 117 11.44 8.01 41.00
CA LEU O 117 12.08 8.92 40.08
C LEU O 117 11.81 8.42 38.68
N SER O 118 11.16 9.25 37.87
CA SER O 118 10.82 8.82 36.52
C SER O 118 11.10 9.83 35.42
N LYS O 119 11.20 9.30 34.20
CA LYS O 119 11.43 10.10 33.00
C LYS O 119 10.15 10.10 32.17
N PRO O 120 9.48 11.25 32.06
CA PRO O 120 8.24 11.33 31.29
C PRO O 120 8.51 11.20 29.77
N ASN O 121 9.69 11.62 29.36
CA ASN O 121 10.09 11.59 27.96
C ASN O 121 11.38 10.80 27.84
N VAL O 122 11.31 9.62 27.25
CA VAL O 122 12.49 8.77 27.09
C VAL O 122 12.94 8.88 25.65
N ALA O 123 14.20 9.26 25.46
CA ALA O 123 14.77 9.42 24.11
C ALA O 123 14.61 8.16 23.28
N LEU O 124 14.22 8.35 22.02
CA LEU O 124 14.03 7.29 21.04
C LEU O 124 12.80 6.40 21.20
N ILE O 125 11.99 6.61 22.24
CA ILE O 125 10.78 5.81 22.36
C ILE O 125 9.71 6.57 21.57
N LYS O 126 9.40 6.04 20.40
CA LYS O 126 8.44 6.64 19.46
C LYS O 126 6.99 6.66 19.88
N SER O 127 6.58 5.68 20.69
CA SER O 127 5.20 5.58 21.13
C SER O 127 4.90 6.33 22.43
N THR O 128 3.62 6.43 22.76
CA THR O 128 3.19 7.14 23.96
C THR O 128 3.28 6.29 25.22
N ILE O 129 3.73 6.91 26.31
CA ILE O 129 3.83 6.24 27.60
C ILE O 129 3.56 7.34 28.63
N ASP O 130 3.35 6.96 29.88
CA ASP O 130 3.18 7.96 30.93
C ASP O 130 4.63 8.25 31.36
N TYR O 131 5.35 7.21 31.74
CA TYR O 131 6.74 7.36 32.15
C TYR O 131 7.41 6.02 32.44
N LEU O 132 8.75 6.02 32.48
CA LEU O 132 9.52 4.84 32.83
C LEU O 132 10.36 5.35 33.98
N GLY O 133 10.59 4.51 34.99
CA GLY O 133 11.40 4.95 36.11
C GLY O 133 11.68 3.89 37.16
N VAL O 134 12.12 4.34 38.33
CA VAL O 134 12.45 3.46 39.45
C VAL O 134 11.65 3.84 40.67
N ASP O 135 11.50 2.89 41.59
CA ASP O 135 10.72 3.07 42.80
C ASP O 135 11.44 2.29 43.91
N ILE O 136 12.09 2.99 44.85
CA ILE O 136 12.80 2.32 45.94
C ILE O 136 12.32 2.75 47.32
N PHE O 137 12.57 1.90 48.33
CA PHE O 137 12.18 2.18 49.71
C PHE O 137 13.42 2.01 50.60
N ARG O 138 13.74 3.05 51.37
CA ARG O 138 14.89 3.01 52.25
C ARG O 138 14.55 3.39 53.69
N GLN O 139 14.87 2.50 54.63
CA GLN O 139 14.63 2.79 56.04
C GLN O 139 15.96 3.15 56.66
N ARG O 140 15.92 3.95 57.72
CA ARG O 140 17.13 4.34 58.42
C ARG O 140 17.74 3.11 59.07
N LEU P 20 6.44 -4.82 46.51
CA LEU P 20 7.55 -5.11 47.47
C LEU P 20 8.81 -4.30 47.16
N GLY P 21 9.23 -3.49 48.11
CA GLY P 21 10.43 -2.69 47.93
C GLY P 21 10.73 -2.19 46.53
N ASP P 22 12.01 -2.34 46.14
CA ASP P 22 12.55 -1.87 44.86
C ASP P 22 11.97 -2.44 43.57
N LYS P 23 11.68 -1.56 42.62
CA LYS P 23 11.20 -2.03 41.34
C LYS P 23 11.32 -1.02 40.21
N LEU P 24 11.33 -1.53 38.99
CA LEU P 24 11.41 -0.70 37.80
C LEU P 24 9.94 -0.49 37.45
N ILE P 25 9.59 0.69 36.97
CA ILE P 25 8.20 1.00 36.63
C ILE P 25 7.99 1.49 35.20
N LEU P 26 7.17 0.76 34.44
CA LEU P 26 6.85 1.14 33.08
C LEU P 26 5.33 1.40 33.17
N LYS P 27 4.96 2.67 33.12
CA LYS P 27 3.54 3.04 33.25
C LYS P 27 2.86 3.69 32.03
N GLY P 28 1.66 3.21 31.73
CA GLY P 28 0.90 3.76 30.62
C GLY P 28 1.40 3.53 29.22
N LEU P 29 2.06 2.40 29.00
CA LEU P 29 2.56 2.06 27.68
C LEU P 29 1.38 1.86 26.74
N LYS P 30 1.30 2.69 25.69
CA LYS P 30 0.23 2.60 24.69
C LYS P 30 0.79 1.99 23.42
N PHE P 31 0.19 0.89 22.96
CA PHE P 31 0.62 0.17 21.76
C PHE P 31 -0.61 -0.20 20.91
N TYR P 32 -0.45 -0.22 19.60
CA TYR P 32 -1.57 -0.61 18.75
C TYR P 32 -1.39 -2.10 18.46
N GLY P 33 -2.47 -2.87 18.52
CA GLY P 33 -2.36 -4.31 18.30
C GLY P 33 -3.66 -4.91 17.77
N PHE P 34 -3.69 -6.23 17.54
CA PHE P 34 -4.90 -6.83 16.97
C PHE P 34 -5.50 -8.01 17.75
N HIS P 35 -5.32 -8.00 19.06
CA HIS P 35 -5.85 -9.06 19.91
C HIS P 35 -7.35 -8.91 20.11
N GLY P 36 -8.01 -10.03 20.42
CA GLY P 36 -9.44 -10.00 20.64
C GLY P 36 -10.18 -11.18 20.03
N ALA P 37 -11.39 -11.45 20.53
CA ALA P 37 -12.20 -12.57 20.04
C ALA P 37 -13.08 -12.18 18.86
N ILE P 38 -13.56 -10.95 18.83
CA ILE P 38 -14.42 -10.51 17.74
C ILE P 38 -13.63 -10.35 16.43
N ALA P 39 -14.18 -10.90 15.35
CA ALA P 39 -13.56 -10.83 14.03
C ALA P 39 -13.14 -9.42 13.64
N GLU P 40 -14.09 -8.47 13.71
CA GLU P 40 -13.78 -7.09 13.36
C GLU P 40 -12.59 -6.53 14.16
N GLU P 41 -12.43 -7.02 15.39
CA GLU P 41 -11.33 -6.58 16.26
C GLU P 41 -9.99 -7.04 15.69
N ARG P 42 -9.96 -8.28 15.22
CA ARG P 42 -8.74 -8.84 14.65
C ARG P 42 -8.34 -8.08 13.40
N THR P 43 -9.34 -7.68 12.63
CA THR P 43 -9.13 -6.98 11.39
C THR P 43 -8.78 -5.51 11.59
N LEU P 44 -9.54 -4.82 12.44
CA LEU P 44 -9.32 -3.41 12.67
C LEU P 44 -8.21 -3.07 13.64
N GLY P 45 -8.10 -3.86 14.71
CA GLY P 45 -7.09 -3.60 15.71
C GLY P 45 -7.57 -2.51 16.65
N GLN P 46 -6.75 -2.15 17.63
CA GLN P 46 -7.11 -1.11 18.58
C GLN P 46 -5.93 -0.79 19.47
N MET P 47 -6.10 0.24 20.32
CA MET P 47 -5.05 0.64 21.26
C MET P 47 -5.07 -0.23 22.52
N PHE P 48 -3.89 -0.61 22.99
CA PHE P 48 -3.76 -1.40 24.19
C PHE P 48 -2.95 -0.59 25.18
N LEU P 49 -3.30 -0.71 26.46
CA LEU P 49 -2.63 -0.01 27.55
C LEU P 49 -1.90 -1.02 28.46
N VAL P 50 -0.63 -0.76 28.73
CA VAL P 50 0.15 -1.69 29.56
C VAL P 50 0.90 -1.03 30.73
N ASP P 51 0.85 -1.67 31.89
CA ASP P 51 1.59 -1.23 33.07
C ASP P 51 2.42 -2.45 33.47
N ILE P 52 3.70 -2.24 33.77
CA ILE P 52 4.59 -3.33 34.17
C ILE P 52 5.45 -2.90 35.35
N ASP P 53 5.45 -3.70 36.42
CA ASP P 53 6.26 -3.44 37.60
C ASP P 53 7.24 -4.60 37.69
N ALA P 54 8.54 -4.30 37.67
CA ALA P 54 9.55 -5.36 37.73
C ALA P 54 10.35 -5.28 39.02
N TRP P 55 10.05 -6.20 39.92
CA TRP P 55 10.71 -6.29 41.22
C TRP P 55 12.13 -6.81 41.10
N VAL P 56 13.09 -6.02 41.60
CA VAL P 56 14.50 -6.38 41.58
C VAL P 56 15.25 -5.44 42.53
N SER P 57 16.28 -5.95 43.20
CA SER P 57 17.03 -5.09 44.14
C SER P 57 17.85 -4.06 43.37
N LEU P 58 17.64 -2.79 43.69
CA LEU P 58 18.34 -1.70 43.00
C LEU P 58 19.41 -0.99 43.85
N LYS P 59 19.64 -1.48 45.06
CA LYS P 59 20.62 -0.87 45.95
C LYS P 59 22.01 -0.86 45.33
N LYS P 60 22.40 -1.98 44.74
CA LYS P 60 23.71 -2.14 44.11
C LYS P 60 23.90 -1.12 43.01
N ALA P 61 22.95 -1.08 42.10
CA ALA P 61 22.99 -0.15 40.98
C ALA P 61 22.95 1.29 41.50
N GLY P 62 22.12 1.54 42.51
CA GLY P 62 22.00 2.88 43.08
C GLY P 62 23.33 3.35 43.63
N GLU P 63 24.17 2.42 44.06
CA GLU P 63 25.48 2.80 44.62
C GLU P 63 26.62 2.74 43.63
N SER P 64 26.45 1.95 42.57
CA SER P 64 27.50 1.81 41.57
C SER P 64 27.28 2.71 40.36
N ASP P 65 26.02 2.98 40.04
CA ASP P 65 25.66 3.81 38.89
C ASP P 65 26.09 3.09 37.62
N ASN P 66 26.08 1.76 37.67
CA ASN P 66 26.46 0.93 36.55
C ASN P 66 25.24 0.18 35.99
N LEU P 67 24.90 0.45 34.74
CA LEU P 67 23.76 -0.17 34.09
C LEU P 67 23.79 -1.69 34.23
N GLU P 68 24.99 -2.27 34.27
CA GLU P 68 25.09 -3.72 34.40
C GLU P 68 24.54 -4.24 35.72
N ASP P 69 24.40 -3.36 36.71
CA ASP P 69 23.88 -3.79 38.00
C ASP P 69 22.36 -3.77 38.10
N THR P 70 21.70 -3.32 37.04
CA THR P 70 20.24 -3.26 37.01
C THR P 70 19.77 -3.84 35.69
N ILE P 71 18.51 -3.59 35.35
CA ILE P 71 17.94 -4.04 34.07
C ILE P 71 17.46 -2.75 33.42
N SER P 72 17.79 -2.58 32.16
CA SER P 72 17.37 -1.37 31.46
C SER P 72 15.87 -1.40 31.19
N TYR P 73 15.16 -0.34 31.57
CA TYR P 73 13.73 -0.32 31.34
C TYR P 73 13.39 -0.20 29.87
N VAL P 74 14.38 0.18 29.06
CA VAL P 74 14.18 0.30 27.61
C VAL P 74 14.13 -1.11 27.01
N ASP P 75 14.96 -2.01 27.52
CA ASP P 75 14.94 -3.40 27.05
C ASP P 75 13.64 -4.08 27.49
N ILE P 76 13.12 -3.71 28.66
CA ILE P 76 11.87 -4.31 29.13
C ILE P 76 10.72 -3.75 28.29
N PHE P 77 10.83 -2.48 27.93
CA PHE P 77 9.82 -1.81 27.11
C PHE P 77 9.78 -2.47 25.71
N SER P 78 10.95 -2.61 25.09
CA SER P 78 11.04 -3.20 23.75
C SER P 78 10.40 -4.60 23.71
N LEU P 79 10.71 -5.39 24.72
CA LEU P 79 10.16 -6.74 24.82
C LEU P 79 8.63 -6.69 24.82
N ALA P 80 8.05 -5.80 25.64
CA ALA P 80 6.60 -5.67 25.72
C ALA P 80 5.98 -5.16 24.42
N LYS P 81 6.60 -4.14 23.84
CA LYS P 81 6.10 -3.55 22.60
C LYS P 81 5.97 -4.63 21.54
N GLU P 82 7.02 -5.43 21.44
CA GLU P 82 7.10 -6.51 20.46
C GLU P 82 5.97 -7.53 20.61
N ILE P 83 5.64 -7.88 21.86
CA ILE P 83 4.58 -8.84 22.09
C ILE P 83 3.18 -8.24 21.86
N VAL P 84 2.96 -7.00 22.32
CA VAL P 84 1.65 -6.40 22.13
C VAL P 84 1.38 -6.08 20.65
N GLU P 85 2.39 -5.61 19.92
CA GLU P 85 2.19 -5.28 18.52
C GLU P 85 2.34 -6.51 17.65
N GLY P 86 2.76 -7.61 18.26
CA GLY P 86 2.99 -8.84 17.51
C GLY P 86 1.81 -9.75 17.22
N SER P 87 2.12 -11.04 17.13
CA SER P 87 1.13 -12.08 16.83
C SER P 87 -0.14 -11.87 17.63
N PRO P 88 -1.29 -11.80 16.95
CA PRO P 88 -2.56 -11.59 17.65
C PRO P 88 -3.04 -12.80 18.44
N ARG P 89 -3.63 -12.52 19.61
CA ARG P 89 -4.17 -13.54 20.47
C ARG P 89 -5.62 -13.16 20.74
N ASN P 90 -6.40 -14.09 21.25
CA ASN P 90 -7.79 -13.83 21.55
C ASN P 90 -7.95 -13.06 22.86
N LEU P 91 -7.15 -13.46 23.84
CA LEU P 91 -7.23 -12.88 25.17
C LEU P 91 -6.09 -12.01 25.67
N LEU P 92 -6.47 -11.04 26.50
CA LEU P 92 -5.50 -10.15 27.12
C LEU P 92 -4.73 -11.02 28.13
N GLU P 93 -5.41 -12.03 28.66
CA GLU P 93 -4.80 -12.96 29.62
C GLU P 93 -3.55 -13.54 28.99
N THR P 94 -3.66 -13.91 27.72
CA THR P 94 -2.56 -14.52 26.97
C THR P 94 -1.41 -13.55 26.72
N VAL P 95 -1.74 -12.35 26.23
CA VAL P 95 -0.72 -11.36 25.95
C VAL P 95 0.05 -11.00 27.23
N ALA P 96 -0.68 -10.80 28.32
CA ALA P 96 -0.07 -10.47 29.59
C ALA P 96 0.82 -11.62 30.08
N GLU P 97 0.33 -12.85 29.90
CA GLU P 97 1.07 -14.01 30.33
C GLU P 97 2.37 -14.08 29.54
N LEU P 98 2.33 -13.71 28.26
CA LEU P 98 3.53 -13.73 27.43
C LEU P 98 4.54 -12.69 27.89
N ILE P 99 4.05 -11.48 28.18
CA ILE P 99 4.94 -10.42 28.63
C ILE P 99 5.64 -10.85 29.93
N ALA P 100 4.84 -11.34 30.88
CA ALA P 100 5.36 -11.77 32.17
C ALA P 100 6.39 -12.88 32.09
N SER P 101 6.06 -13.95 31.36
CA SER P 101 6.98 -15.08 31.26
C SER P 101 8.21 -14.74 30.44
N LYS P 102 8.02 -13.94 29.39
CA LYS P 102 9.14 -13.54 28.54
C LYS P 102 10.09 -12.60 29.26
N THR P 103 9.54 -11.73 30.09
CA THR P 103 10.36 -10.79 30.85
C THR P 103 11.22 -11.52 31.87
N LEU P 104 10.59 -12.40 32.64
CA LEU P 104 11.29 -13.18 33.66
C LEU P 104 12.30 -14.10 33.01
N GLU P 105 11.95 -14.62 31.84
CA GLU P 105 12.83 -15.52 31.11
C GLU P 105 14.10 -14.82 30.64
N LYS P 106 13.94 -13.63 30.08
CA LYS P 106 15.09 -12.88 29.56
C LYS P 106 15.91 -12.09 30.57
N PHE P 107 15.29 -11.70 31.68
CA PHE P 107 16.00 -10.92 32.69
C PHE P 107 15.99 -11.61 34.04
N HIS P 108 17.03 -12.41 34.25
CA HIS P 108 17.22 -13.19 35.46
C HIS P 108 17.24 -12.40 36.77
N GLN P 109 17.81 -11.20 36.75
CA GLN P 109 17.84 -10.41 37.98
C GLN P 109 16.42 -10.08 38.46
N ILE P 110 15.43 -10.14 37.56
CA ILE P 110 14.03 -9.84 37.94
C ILE P 110 13.47 -10.94 38.83
N ASN P 111 12.99 -10.55 40.00
CA ASN P 111 12.45 -11.49 40.97
C ASN P 111 10.96 -11.76 40.81
N ALA P 112 10.24 -10.82 40.22
CA ALA P 112 8.80 -10.97 40.00
C ALA P 112 8.27 -9.83 39.14
N VAL P 113 7.21 -10.09 38.40
CA VAL P 113 6.66 -9.05 37.55
C VAL P 113 5.14 -8.96 37.65
N ARG P 114 4.64 -7.74 37.54
CA ARG P 114 3.21 -7.50 37.56
C ARG P 114 2.84 -6.83 36.24
N VAL P 115 1.97 -7.47 35.48
CA VAL P 115 1.55 -6.95 34.20
C VAL P 115 0.06 -6.58 34.24
N LYS P 116 -0.22 -5.33 33.92
CA LYS P 116 -1.60 -4.84 33.85
C LYS P 116 -1.80 -4.47 32.37
N LEU P 117 -2.53 -5.34 31.65
CA LEU P 117 -2.81 -5.13 30.22
C LEU P 117 -4.29 -4.82 30.09
N SER P 118 -4.63 -3.70 29.46
CA SER P 118 -6.05 -3.35 29.32
C SER P 118 -6.43 -2.69 27.99
N LYS P 119 -7.72 -2.78 27.68
CA LYS P 119 -8.30 -2.19 26.49
C LYS P 119 -9.01 -0.91 26.90
N PRO P 120 -8.56 0.24 26.38
CA PRO P 120 -9.20 1.51 26.74
C PRO P 120 -10.52 1.71 25.98
N ASN P 121 -10.64 1.09 24.82
CA ASN P 121 -11.83 1.25 23.99
C ASN P 121 -12.41 -0.13 23.66
N VAL P 122 -13.30 -0.63 24.51
CA VAL P 122 -13.92 -1.92 24.29
C VAL P 122 -15.07 -1.82 23.30
N ALA P 123 -15.05 -2.68 22.30
CA ALA P 123 -16.07 -2.70 21.25
C ALA P 123 -17.49 -3.03 21.72
N LEU P 124 -18.47 -2.36 21.13
CA LEU P 124 -19.87 -2.60 21.45
C LEU P 124 -20.31 -2.25 22.86
N ILE P 125 -19.51 -1.46 23.56
CA ILE P 125 -19.88 -0.98 24.91
C ILE P 125 -20.23 0.50 24.69
N LYS P 126 -21.50 0.84 24.87
CA LYS P 126 -21.97 2.19 24.65
C LYS P 126 -21.63 3.22 25.71
N SER P 127 -21.52 2.79 26.96
CA SER P 127 -21.23 3.74 28.04
C SER P 127 -19.74 4.04 28.14
N THR P 128 -19.41 5.10 28.87
CA THR P 128 -18.01 5.52 29.05
C THR P 128 -17.31 4.74 30.16
N ILE P 129 -16.00 4.51 29.98
CA ILE P 129 -15.21 3.79 30.98
C ILE P 129 -13.74 4.18 30.83
N ASP P 130 -12.91 3.81 31.80
CA ASP P 130 -11.48 4.10 31.67
C ASP P 130 -10.93 2.95 30.83
N TYR P 131 -11.11 1.73 31.33
CA TYR P 131 -10.64 0.56 30.60
C TYR P 131 -11.05 -0.72 31.31
N LEU P 132 -10.99 -1.82 30.60
CA LEU P 132 -11.26 -3.13 31.17
C LEU P 132 -9.97 -3.91 30.87
N GLY P 133 -9.50 -4.69 31.82
CA GLY P 133 -8.29 -5.44 31.55
C GLY P 133 -7.99 -6.50 32.58
N VAL P 134 -6.75 -6.97 32.56
CA VAL P 134 -6.28 -7.98 33.48
C VAL P 134 -5.12 -7.43 34.30
N ASP P 135 -4.77 -8.15 35.36
CA ASP P 135 -3.69 -7.76 36.23
C ASP P 135 -3.15 -9.05 36.82
N ILE P 136 -2.00 -9.53 36.30
CA ILE P 136 -1.41 -10.76 36.82
C ILE P 136 -0.03 -10.49 37.42
N PHE P 137 0.33 -11.29 38.42
CA PHE P 137 1.61 -11.20 39.12
C PHE P 137 2.36 -12.51 38.94
N ARG P 138 3.61 -12.43 38.52
CA ARG P 138 4.40 -13.63 38.30
C ARG P 138 5.80 -13.53 38.91
N GLN P 139 6.08 -14.47 39.81
CA GLN P 139 7.37 -14.55 40.50
C GLN P 139 8.16 -15.64 39.80
N ARG P 140 9.48 -15.54 39.82
CA ARG P 140 10.29 -16.55 39.16
C ARG P 140 10.35 -17.86 39.93
N ASN P 141 10.60 -18.93 39.19
CA ASN P 141 10.70 -20.28 39.74
C ASN P 141 12.16 -20.74 39.79
N9 GUN Q . -14.92 -31.39 -41.41
C8 GUN Q . -13.97 -32.37 -41.48
N7 GUN Q . -13.78 -32.85 -40.31
C5 GUN Q . -14.61 -32.23 -39.33
C6 GUN Q . -14.88 -32.29 -37.87
O6 GUN Q . -14.30 -33.08 -37.15
N1 GUN Q . -15.81 -31.41 -37.37
C2 GUN Q . -16.48 -30.52 -38.19
N2 GUN Q . -17.39 -29.66 -37.71
N3 GUN Q . -16.24 -30.45 -39.46
C4 GUN Q . -15.26 -31.33 -40.11
N9 GUN R . -11.15 3.46 -42.34
C8 GUN R . -10.68 3.14 -43.58
N7 GUN R . -11.26 2.07 -43.98
C5 GUN R . -12.18 1.57 -42.99
C6 GUN R . -13.12 0.43 -42.78
O6 GUN R . -13.28 -0.43 -43.63
N1 GUN R . -13.80 0.41 -41.60
C2 GUN R . -13.64 1.35 -40.63
N2 GUN R . -14.29 1.32 -39.48
N3 GUN R . -12.82 2.34 -40.80
C4 GUN R . -12.02 2.50 -42.03
N9 GUN S . 4.89 2.73 -11.57
C8 GUN S . 5.76 3.47 -12.28
N7 GUN S . 5.13 4.07 -13.23
C5 GUN S . 3.74 3.75 -13.21
C6 GUN S . 2.48 4.06 -13.96
O6 GUN S . 2.48 4.81 -14.93
N1 GUN S . 1.33 3.45 -13.50
C2 GUN S . 1.33 2.61 -12.40
N2 GUN S . 0.21 2.02 -11.95
N3 GUN S . 2.41 2.34 -11.76
C4 GUN S . 3.70 2.91 -12.14
N9 GUN T . 0.38 -31.90 -10.03
C8 GUN T . 1.68 -31.79 -9.69
N7 GUN T . 1.88 -30.65 -9.16
C5 GUN T . 0.67 -29.87 -9.10
C6 GUN T . 0.20 -28.54 -8.64
O6 GUN T . 0.96 -27.73 -8.13
N1 GUN T . -1.14 -28.25 -8.82
C2 GUN T . -1.99 -29.15 -9.39
N2 GUN T . -3.28 -28.89 -9.57
N3 GUN T . -1.59 -30.32 -9.80
C4 GUN T . -0.20 -30.73 -9.66
N9 GUN U . 11.55 -40.20 -46.22
C8 GUN U . 10.26 -40.08 -46.59
N7 GUN U . 10.17 -39.22 -47.53
C5 GUN U . 11.45 -38.68 -47.87
C6 GUN U . 12.07 -37.70 -48.81
O6 GUN U . 11.39 -37.06 -49.62
N1 GUN U . 13.43 -37.53 -48.73
C2 GUN U . 14.19 -38.23 -47.82
N2 GUN U . 15.51 -38.08 -47.74
N3 GUN U . 13.66 -39.07 -47.01
C4 GUN U . 12.23 -39.34 -46.99
N9 GUN V . 27.71 -28.40 -17.90
C8 GUN V . 26.73 -29.16 -17.37
N7 GUN V . 26.42 -30.07 -18.19
C5 GUN V . 27.20 -29.97 -19.38
C6 GUN V . 27.35 -30.67 -20.67
O6 GUN V . 26.66 -31.65 -20.96
N1 GUN V . 28.30 -30.18 -21.53
C2 GUN V . 29.07 -29.08 -21.22
N2 GUN V . 29.99 -28.58 -22.06
N3 GUN V . 28.94 -28.47 -20.09
C4 GUN V . 27.96 -28.92 -19.09
N9 GUN W . 26.04 4.02 -30.62
C8 GUN W . 25.55 4.10 -29.35
N7 GUN W . 26.07 3.18 -28.64
C5 GUN W . 26.98 2.38 -29.39
C6 GUN W . 27.89 1.21 -29.21
O6 GUN W . 28.00 0.66 -28.12
N1 GUN W . 28.60 0.79 -30.32
C2 GUN W . 28.47 1.42 -31.53
N2 GUN W . 29.14 1.02 -32.59
N3 GUN W . 27.69 2.44 -31.69
C4 GUN W . 26.89 2.97 -30.60
N9 GUN X . 9.76 -7.58 -59.07
C8 GUN X . 8.92 -6.62 -58.65
N7 GUN X . 9.58 -5.76 -58.00
C5 GUN X . 10.97 -6.09 -57.93
C6 GUN X . 12.23 -5.57 -57.36
O6 GUN X . 12.26 -4.52 -56.72
N1 GUN X . 13.38 -6.32 -57.58
C2 GUN X . 13.35 -7.49 -58.30
N2 GUN X . 14.45 -8.22 -58.53
N3 GUN X . 12.25 -7.94 -58.80
C4 GUN X . 10.97 -7.23 -58.63
N9 GUN Y . -33.96 22.98 28.23
C8 GUN Y . -34.05 22.76 29.57
N7 GUN Y . -33.56 23.76 30.19
C5 GUN Y . -33.08 24.76 29.27
C6 GUN Y . -32.42 26.09 29.30
O6 GUN Y . -32.14 26.66 30.35
N1 GUN Y . -32.14 26.66 28.08
C2 GUN Y . -32.45 26.03 26.89
N2 GUN Y . -32.19 26.57 25.70
N3 GUN Y . -33.03 24.87 26.88
C4 GUN Y . -33.37 24.17 28.10
N9 GUN Z . -11.57 8.43 5.96
C8 GUN Z . -12.20 7.39 6.54
N7 GUN Z . -13.37 7.76 6.90
C5 GUN Z . -13.62 9.11 6.54
C6 GUN Z . -14.72 10.12 6.63
O6 GUN Z . -15.79 9.84 7.15
N1 GUN Z . -14.45 11.36 6.13
C2 GUN Z . -13.24 11.67 5.55
N2 GUN Z . -12.98 12.87 5.06
N3 GUN Z . -12.30 10.80 5.46
C4 GUN Z . -12.46 9.43 5.97
N9 GUN AA . 14.33 28.15 18.30
C8 GUN AA . 14.88 26.92 18.39
N7 GUN AA . 14.38 26.18 17.48
C5 GUN AA . 13.42 26.89 16.69
C6 GUN AA . 12.51 26.68 15.52
O6 GUN AA . 12.45 25.59 14.96
N1 GUN AA . 11.75 27.74 15.13
C2 GUN AA . 11.81 28.96 15.76
N2 GUN AA . 11.08 30.00 15.39
N3 GUN AA . 12.60 29.15 16.77
C4 GUN AA . 13.46 28.09 17.29
N9 GUN BA . -8.27 42.94 40.51
C8 GUN BA . -7.24 42.59 41.30
N7 GUN BA . -6.18 42.56 40.60
C5 GUN BA . -6.43 42.89 39.23
C6 GUN BA . -5.70 43.04 37.95
O6 GUN BA . -4.48 42.85 37.86
N1 GUN BA . -6.46 43.42 36.86
C2 GUN BA . -7.83 43.64 36.95
N2 GUN BA . -8.58 44.00 35.91
N3 GUN BA . -8.45 43.50 38.07
C4 GUN BA . -7.76 43.11 39.29
N9 GUN CA . -25.43 10.11 52.29
C8 GUN CA . -26.34 10.26 51.30
N7 GUN CA . -26.38 9.18 50.61
C5 GUN CA . -25.46 8.18 51.12
C6 GUN CA . -25.02 6.80 50.83
O6 GUN CA . -25.48 6.16 49.91
N1 GUN CA . -24.06 6.27 51.66
C2 GUN CA . -23.53 6.97 52.70
N2 GUN CA . -22.59 6.46 53.50
N3 GUN CA . -23.91 8.18 52.96
C4 GUN CA . -24.93 8.87 52.16
N9 GUN DA . 6.56 23.74 55.67
C8 GUN DA . 5.74 24.81 55.54
N7 GUN DA . 4.59 24.50 56.00
C5 GUN DA . 4.54 23.15 56.48
C6 GUN DA . 3.58 22.21 57.09
O6 GUN DA . 2.43 22.54 57.33
N1 GUN DA . 4.07 20.95 57.39
C2 GUN DA . 5.38 20.58 57.12
N2 GUN DA . 5.86 19.36 57.40
N3 GUN DA . 6.22 21.40 56.58
C4 GUN DA . 5.82 22.77 56.23
N9 GUN EA . -13.97 -10.63 26.86
C8 GUN EA . -13.65 -10.31 25.59
N7 GUN EA . -12.37 -10.37 25.45
C5 GUN EA . -11.73 -10.75 26.67
C6 GUN EA . -10.37 -10.99 27.20
O6 GUN EA . -9.37 -10.88 26.50
N1 GUN EA . -10.28 -11.36 28.52
C2 GUN EA . -11.38 -11.48 29.32
N2 GUN EA . -11.30 -11.83 30.60
N3 GUN EA . -12.57 -11.27 28.87
C4 GUN EA . -12.81 -10.89 27.48
N9 GUN FA . 17.96 2.33 30.67
C8 GUN FA . 18.44 3.51 30.23
N7 GUN FA . 18.64 4.27 31.24
C5 GUN FA . 18.31 3.63 32.48
C6 GUN FA . 18.30 3.91 33.94
O6 GUN FA . 18.66 4.98 34.40
N1 GUN FA . 17.86 2.90 34.75
C2 GUN FA . 17.45 1.68 34.26
N2 GUN FA . 17.02 0.70 35.05
N3 GUN FA . 17.45 1.44 33.00
C4 GUN FA . 17.90 2.43 32.01
#